data_4UIS
#
_entry.id   4UIS
#
_cell.length_a   1.000
_cell.length_b   1.000
_cell.length_c   1.000
_cell.angle_alpha   90.00
_cell.angle_beta   90.00
_cell.angle_gamma   90.00
#
_symmetry.space_group_name_H-M   'P 1'
#
loop_
_entity.id
_entity.type
_entity.pdbx_description
1 polymer GAMMA-SECRETASE
2 polymer GAMMA-SECRETASE
3 polymer GAMMA-SECRETASE
4 polymer GAMMA-SECRETASE
5 polymer LYSOZYME
#
loop_
_entity_poly.entity_id
_entity_poly.type
_entity_poly.pdbx_seq_one_letter_code
_entity_poly.pdbx_strand_id
1 'polypeptide(L)'
;IPLNKTAPCVRLLNATHQIGCQSSISGDTGVIHVVEKEEDLQWVLTDGPNPPYMVLLESKHFTRDLMEKLKGRTSRIAGL
AVSLTKPSPASGFSPSVQCPNDGFGVYHCREIQWNSLGNGLAYEDFSFPIFLLEDENETKVIKQCYQDHNLSQNGSAPTF
PLCAMQLFSHMHAVISTATCMRRSSIAAVCDPLSDYNVWSMLKPIADDVVVAATRLDSRSFAWNVAPGAESAVASFVTQL
AAAEALQKAPDVTTLPRNVMFVFFQGETFDYIGSSRMVYDMEKGKFPVQLENVDSFVELGQVALRTSLELWMHTDPVQKN
ESVRNQVEDLGAGVPAVILRSGVPLPPSSLQRFLRARNISGVVLADHSGAFHNKYYQSIYDTAENINVSYPEWLAPEEDL
NFVTDTAKALADVATVLGRALYELAGGDTVQADPQTVTRLLYGFLIKLRQDLRSYLGDGPLQHYIAVSSPTNTTYVVQYA
LANLTGTVV(UNK)(UNK)(UNK)(UNK)(UNK)(UNK)(UNK)(UNK)(UNK)(UNK)(UNK)(UNK)(UNK)(UNK)
(UNK)(UNK)(UNK)(UNK)(UNK)(UNK)(UNK)(UNK)(UNK)(UNK)(UNK)(UNK)(UNK)(UNK)(UNK)(UNK)
(UNK)(UNK)(UNK)(UNK)(UNK)(UNK)(UNK)(UNK)TARLARALSPAQWSSTEYSTWTESRWKAIRARIFLIAS
(UNK)(UNK)(UNK)(UNK)(UNK)(UNK)(UNK)(UNK)(UNK)(UNK)(UNK)(UNK)(UNK)(UNK)(UNK)(UNK)
(UNK)(UNK)(UNK)(UNK)(UNK)(UNK)(UNK)
;
A
2 'polypeptide(L)'
;(UNK)(UNK)(UNK)(UNK)(UNK)(UNK)(UNK)(UNK)(UNK)(UNK)(UNK)(UNK)HVIMLFVPVTLCMVVVVATI
(UNK)(UNK)(UNK)(UNK)(UNK)(UNK)(UNK)(UNK)(UNK)(UNK)(UNK)(UNK)(UNK)(UNK)(UNK)(UNK)
(UNK)(UNK)(UNK)(UNK)(UNK)(UNK)(UNK)(UNK)(UNK)(UNK)(UNK)LLLFFFSFIYLGEVFKTY(UNK)
(UNK)(UNK)(UNK)(UNK)(UNK)(UNK)(UNK)(UNK)(UNK)LIWNFG(UNK)(UNK)(UNK)(UNK)(UNK)
(UNK)(UNK)(UNK)(UNK)(UNK)(UNK)(UNK)(UNK)RLQQAYLIMISALM(UNK)(UNK)(UNK)(UNK)(UNK)
(UNK)(UNK)(UNK)(UNK)(UNK)(UNK)(UNK)(UNK)(UNK)(UNK)(UNK)(UNK)(UNK)(UNK)(UNK)D
(UNK)(UNK)(UNK)(UNK)(UNK)(UNK)(UNK)(UNK)(UNK)(UNK)(UNK)(UNK)(UNK)(UNK)(UNK)(UNK)
(UNK)(UNK)(UNK)(UNK)D(UNK)(UNK)(UNK)(UNK)(UNK)(UNK)(UNK)(UNK)(UNK)(UNK)(UNK)
(UNK)(UNK)(UNK)(UNK)(UNK)(UNK)(UNK)WNTTIACFVAILIGLCLTLL(UNK)(UNK)(UNK)(UNK)(UNK)
(UNK)(UNK)(UNK)(UNK)(UNK)(UNK)(UNK)(UNK)(UNK)(UNK)(UNK)(UNK)GLVFYFATDYLVQPFADQLA
FH(UNK)(UNK)
;
B
3 'polypeptide(L)'
;(UNK)(UNK)(UNK)(UNK)(UNK)(UNK)(UNK)(UNK)(UNK)(UNK)(UNK)(UNK)(UNK)(UNK)(UNK)(UNK)
(UNK)(UNK)(UNK)(UNK)(UNK)(UNK)(UNK)(UNK)(UNK)(UNK)(UNK)(UNK)(UNK)(UNK)(UNK)(UNK)
(UNK)(UNK)(UNK)(UNK)(UNK)(UNK)(UNK)(UNK)(UNK)(UNK)(UNK)(UNK)(UNK)(UNK)(UNK)(UNK)
(UNK)(UNK)(UNK)(UNK)(UNK)(UNK)(UNK)(UNK)(UNK)(UNK)(UNK)(UNK)(UNK)(UNK)(UNK)(UNK)
(UNK)(UNK)(UNK)(UNK)(UNK)(UNK)(UNK)(UNK)(UNK)(UNK)(UNK)(UNK)(UNK)(UNK)(UNK)(UNK)
(UNK)(UNK)(UNK)(UNK)(UNK)(UNK)(UNK)(UNK)(UNK)(UNK)(UNK)(UNK)(UNK)(UNK)(UNK)(UNK)
(UNK)(UNK)(UNK)(UNK)(UNK)(UNK)(UNK)(UNK)(UNK)(UNK)(UNK)(UNK)(UNK)(UNK)(UNK)(UNK)
(UNK)(UNK)(UNK)(UNK)(UNK)(UNK)(UNK)(UNK)(UNK)(UNK)(UNK)(UNK)(UNK)(UNK)(UNK)(UNK)
(UNK)(UNK)(UNK)(UNK)(UNK)(UNK)(UNK)(UNK)(UNK)(UNK)(UNK)(UNK)(UNK)(UNK)(UNK)(UNK)
(UNK)(UNK)(UNK)(UNK)(UNK)(UNK)(UNK)(UNK)(UNK)(UNK)(UNK)(UNK)(UNK)(UNK)(UNK)(UNK)
(UNK)(UNK)(UNK)(UNK)(UNK)(UNK)(UNK)(UNK)(UNK)(UNK)(UNK)(UNK)(UNK)(UNK)(UNK)(UNK)
(UNK)(UNK)(UNK)(UNK)(UNK)(UNK)(UNK)(UNK)(UNK)(UNK)(UNK)(UNK)(UNK)(UNK)(UNK)(UNK)
(UNK)(UNK)(UNK)(UNK)
;
C
4 'polypeptide(L)'
;(UNK)(UNK)(UNK)(UNK)(UNK)(UNK)(UNK)(UNK)(UNK)(UNK)(UNK)(UNK)(UNK)(UNK)(UNK)(UNK)
(UNK)(UNK)(UNK)(UNK)(UNK)(UNK)(UNK)(UNK)(UNK)(UNK)(UNK)(UNK)(UNK)(UNK)(UNK)(UNK)
(UNK)(UNK)(UNK)(UNK)(UNK)(UNK)(UNK)(UNK)(UNK)(UNK)(UNK)(UNK)(UNK)(UNK)(UNK)(UNK)
(UNK)(UNK)(UNK)(UNK)(UNK)(UNK)(UNK)(UNK)(UNK)(UNK)(UNK)(UNK)(UNK)(UNK)
;
D
5 'polypeptide(L)'
;MNIFEMLRIDEGLRLKIYKDTEGYYTIGIGHLLTKSPSLNAAKSELDKAIGRNCNGVITKDEAEKLFNQDVDAAVRGILR
NAKLKPVYDSLDAVRRCALINMVFQMGETGVAGFTNSLRMLQQKRWDEAAVNLAKSRWYNQTPNRAKRVITTFRTGTWDA
YK
;
G
#
# COMPACT_ATOMS: atom_id res chain seq x y z
N ILE A 1 -19.69 2.89 11.13
CA ILE A 1 -19.75 4.34 11.09
C ILE A 1 -18.65 4.99 11.91
N PRO A 2 -17.67 5.59 11.24
CA PRO A 2 -16.78 6.42 12.03
C PRO A 2 -17.54 7.58 12.64
N LEU A 3 -17.19 7.93 13.87
CA LEU A 3 -17.65 9.15 14.48
C LEU A 3 -16.54 10.16 14.35
N ASN A 4 -16.89 11.43 14.26
CA ASN A 4 -15.94 12.40 13.75
C ASN A 4 -14.96 12.87 14.80
N LYS A 5 -15.23 14.04 15.37
CA LYS A 5 -14.28 14.72 16.25
C LYS A 5 -13.97 13.90 17.50
N THR A 6 -12.69 13.82 17.84
CA THR A 6 -12.25 12.89 18.89
C THR A 6 -10.87 13.24 19.43
N ALA A 7 -10.65 13.01 20.73
CA ALA A 7 -9.35 13.27 21.32
C ALA A 7 -8.69 12.00 21.85
N PRO A 8 -7.63 11.56 21.18
CA PRO A 8 -6.78 10.41 21.53
C PRO A 8 -6.00 10.57 22.83
N CYS A 9 -5.80 9.45 23.51
CA CYS A 9 -4.71 9.32 24.47
C CYS A 9 -3.44 9.19 23.65
N VAL A 10 -2.29 9.54 24.21
CA VAL A 10 -1.05 9.42 23.43
C VAL A 10 0.19 9.16 24.27
N ARG A 11 1.07 8.34 23.73
CA ARG A 11 2.30 7.93 24.40
C ARG A 11 3.32 9.05 24.61
N LEU A 12 3.91 9.11 25.79
CA LEU A 12 5.06 9.98 26.04
C LEU A 12 6.10 9.24 26.88
N LEU A 13 7.30 9.80 26.98
CA LEU A 13 8.39 9.06 27.59
C LEU A 13 9.27 9.80 28.61
N ASN A 14 9.11 9.45 29.88
CA ASN A 14 10.16 9.66 30.87
C ASN A 14 11.26 8.66 30.56
N ALA A 15 12.51 9.07 30.74
CA ALA A 15 13.62 8.21 30.37
C ALA A 15 13.60 6.89 31.13
N THR A 16 13.09 6.93 32.35
CA THR A 16 12.98 5.73 33.15
C THR A 16 11.77 4.90 32.75
N HIS A 17 10.72 5.56 32.28
CA HIS A 17 9.44 4.90 32.25
C HIS A 17 8.47 5.56 31.26
N GLN A 18 7.65 4.74 30.59
CA GLN A 18 6.71 5.22 29.59
C GLN A 18 5.35 5.60 30.17
N ILE A 19 4.60 6.45 29.47
CA ILE A 19 3.27 6.87 29.93
C ILE A 19 2.22 6.98 28.83
N GLY A 20 0.99 6.64 29.18
CA GLY A 20 -0.13 6.79 28.27
C GLY A 20 -0.72 5.52 27.70
N CYS A 21 -1.68 5.71 26.80
CA CYS A 21 -2.37 4.63 26.11
C CYS A 21 -1.43 3.97 25.12
N GLN A 22 -1.65 2.71 24.78
CA GLN A 22 -0.99 2.17 23.58
C GLN A 22 -1.77 1.05 22.93
N SER A 23 -2.50 1.41 21.89
CA SER A 23 -3.33 0.46 21.16
C SER A 23 -2.53 -0.58 20.40
N SER A 24 -3.08 -1.79 20.34
CA SER A 24 -2.54 -2.83 19.47
C SER A 24 -2.93 -2.56 18.02
N ILE A 25 -2.13 -3.07 17.11
CA ILE A 25 -2.22 -2.76 15.69
C ILE A 25 -3.56 -3.14 15.10
N SER A 26 -3.84 -2.63 13.90
CA SER A 26 -5.02 -2.98 13.11
C SER A 26 -6.28 -2.53 13.79
N GLY A 27 -6.62 -3.22 14.87
CA GLY A 27 -7.82 -2.88 15.60
C GLY A 27 -7.85 -3.43 17.00
N ASP A 28 -8.34 -2.63 17.93
CA ASP A 28 -8.59 -3.11 19.27
C ASP A 28 -10.07 -2.94 19.54
N THR A 29 -10.80 -4.01 19.23
CA THR A 29 -12.24 -4.02 19.33
C THR A 29 -12.74 -4.20 20.74
N GLY A 30 -13.95 -3.72 20.98
CA GLY A 30 -14.61 -3.96 22.25
C GLY A 30 -16.08 -3.66 22.18
N VAL A 31 -16.91 -4.62 22.51
CA VAL A 31 -18.35 -4.39 22.57
C VAL A 31 -18.70 -3.35 23.61
N ILE A 32 -19.65 -2.48 23.30
CA ILE A 32 -20.01 -1.44 24.26
C ILE A 32 -20.67 -2.04 25.49
N HIS A 33 -20.36 -1.50 26.67
CA HIS A 33 -21.20 -1.75 27.83
C HIS A 33 -21.14 -0.55 28.78
N VAL A 34 -22.13 0.32 28.64
CA VAL A 34 -22.15 1.59 29.33
C VAL A 34 -22.16 1.46 30.84
N VAL A 35 -21.56 2.42 31.51
CA VAL A 35 -21.73 2.55 32.94
C VAL A 35 -22.54 3.78 33.28
N GLU A 36 -23.73 3.55 33.81
CA GLU A 36 -24.55 4.66 34.28
C GLU A 36 -24.31 4.83 35.77
N LYS A 37 -23.89 3.75 36.42
CA LYS A 37 -23.77 3.74 37.87
C LYS A 37 -22.86 2.65 38.37
N GLU A 38 -22.73 2.55 39.68
CA GLU A 38 -21.87 1.54 40.29
C GLU A 38 -22.26 0.14 39.89
N GLU A 39 -23.55 -0.06 39.68
CA GLU A 39 -24.05 -1.39 39.38
C GLU A 39 -23.37 -1.92 38.12
N ASP A 40 -23.22 -1.04 37.14
CA ASP A 40 -22.51 -1.39 35.93
C ASP A 40 -21.07 -1.69 36.29
N LEU A 41 -20.57 -0.94 37.26
CA LEU A 41 -19.17 -1.04 37.61
C LEU A 41 -18.83 -2.41 38.19
N GLN A 42 -19.75 -3.01 38.92
CA GLN A 42 -19.54 -4.42 39.23
C GLN A 42 -19.79 -5.26 38.00
N TRP A 43 -20.78 -4.85 37.21
CA TRP A 43 -21.34 -5.74 36.20
C TRP A 43 -20.79 -5.58 34.79
N VAL A 44 -19.58 -5.08 34.68
CA VAL A 44 -18.82 -5.20 33.45
C VAL A 44 -17.81 -6.28 33.74
N LEU A 45 -17.17 -6.09 34.88
CA LEU A 45 -16.17 -6.99 35.37
C LEU A 45 -16.83 -8.33 35.63
N THR A 46 -18.08 -8.27 36.06
CA THR A 46 -18.83 -9.46 36.42
C THR A 46 -19.97 -9.70 35.48
N ASP A 47 -19.99 -8.97 34.37
CA ASP A 47 -20.94 -9.27 33.31
C ASP A 47 -20.55 -10.64 32.81
N GLY A 48 -19.51 -10.68 32.00
CA GLY A 48 -18.85 -11.94 31.68
C GLY A 48 -19.32 -12.86 30.57
N PRO A 49 -20.41 -12.54 29.85
CA PRO A 49 -20.55 -13.46 28.73
C PRO A 49 -19.57 -13.20 27.60
N ASN A 50 -19.31 -11.93 27.30
CA ASN A 50 -18.45 -11.59 26.17
C ASN A 50 -17.38 -10.58 26.54
N PRO A 51 -16.33 -11.04 27.22
CA PRO A 51 -15.41 -10.19 27.98
C PRO A 51 -14.67 -9.05 27.25
N PRO A 52 -14.37 -9.17 25.94
CA PRO A 52 -13.71 -7.98 25.37
C PRO A 52 -14.63 -6.76 25.36
N TYR A 53 -14.93 -6.26 26.55
CA TYR A 53 -15.80 -5.13 26.77
C TYR A 53 -15.05 -3.82 26.53
N MET A 54 -15.79 -2.74 26.32
CA MET A 54 -15.21 -1.41 26.46
C MET A 54 -16.24 -0.38 26.90
N VAL A 55 -15.97 0.22 28.05
CA VAL A 55 -16.91 1.12 28.70
C VAL A 55 -16.94 2.54 28.13
N LEU A 56 -18.09 3.19 28.25
CA LEU A 56 -18.21 4.62 27.94
C LEU A 56 -18.45 5.42 29.20
N LEU A 57 -17.39 5.80 29.89
CA LEU A 57 -17.58 6.51 31.15
C LEU A 57 -18.05 7.94 31.02
N GLU A 58 -18.89 8.32 31.97
CA GLU A 58 -19.21 9.71 32.20
C GLU A 58 -18.03 10.42 32.82
N SER A 59 -17.98 11.71 32.58
CA SER A 59 -16.91 12.53 33.09
C SER A 59 -16.86 12.47 34.60
N LYS A 60 -18.04 12.38 35.21
CA LYS A 60 -18.16 12.38 36.66
C LYS A 60 -17.49 11.18 37.29
N HIS A 61 -17.82 10.02 36.76
CA HIS A 61 -17.54 8.76 37.41
C HIS A 61 -16.06 8.46 37.38
N PHE A 62 -15.37 9.08 36.45
CA PHE A 62 -13.96 8.78 36.25
C PHE A 62 -13.14 9.14 37.48
N THR A 63 -12.29 8.21 37.88
CA THR A 63 -11.47 8.38 39.07
C THR A 63 -10.41 7.31 39.14
N ARG A 64 -9.39 7.55 39.96
CA ARG A 64 -8.33 6.58 40.10
C ARG A 64 -8.83 5.30 40.72
N ASP A 65 -9.84 5.40 41.57
CA ASP A 65 -10.32 4.22 42.27
C ASP A 65 -10.87 3.22 41.29
N LEU A 66 -11.77 3.70 40.45
CA LEU A 66 -12.38 2.85 39.45
C LEU A 66 -11.38 2.49 38.37
N MET A 67 -10.47 3.40 38.09
CA MET A 67 -9.49 3.19 37.06
C MET A 67 -8.58 2.04 37.42
N GLU A 68 -8.27 1.94 38.71
CA GLU A 68 -7.30 0.97 39.18
C GLU A 68 -7.99 -0.30 39.60
N LYS A 69 -9.26 -0.18 39.94
CA LYS A 69 -10.09 -1.35 40.05
C LYS A 69 -10.15 -1.99 38.69
N LEU A 70 -10.07 -1.15 37.66
CA LEU A 70 -10.23 -1.61 36.30
C LEU A 70 -8.99 -2.30 35.74
N LYS A 71 -7.81 -1.78 36.05
CA LYS A 71 -6.60 -2.25 35.40
C LYS A 71 -6.34 -3.73 35.65
N GLY A 72 -6.76 -4.21 36.82
CA GLY A 72 -6.48 -5.58 37.21
C GLY A 72 -7.41 -6.61 36.60
N ARG A 73 -8.45 -6.16 35.92
CA ARG A 73 -9.43 -7.10 35.40
C ARG A 73 -8.76 -7.98 34.34
N THR A 74 -9.00 -9.28 34.42
CA THR A 74 -8.42 -10.20 33.46
C THR A 74 -9.31 -10.36 32.24
N SER A 75 -10.61 -10.03 32.38
CA SER A 75 -11.50 -9.95 31.24
C SER A 75 -10.98 -8.83 30.37
N ARG A 76 -10.24 -7.94 31.02
CA ARG A 76 -9.59 -6.82 30.37
C ARG A 76 -10.65 -5.94 29.75
N ILE A 77 -10.21 -5.04 28.88
CA ILE A 77 -11.14 -4.11 28.31
C ILE A 77 -10.52 -3.48 27.07
N ALA A 78 -11.36 -3.01 26.17
CA ALA A 78 -10.88 -2.36 24.96
C ALA A 78 -10.81 -0.87 25.19
N GLY A 79 -10.87 -0.46 26.45
CA GLY A 79 -10.56 0.91 26.77
C GLY A 79 -11.70 1.83 27.09
N LEU A 80 -11.34 2.94 27.72
CA LEU A 80 -12.29 3.91 28.20
C LEU A 80 -12.85 4.76 27.09
N ALA A 81 -14.07 5.22 27.29
CA ALA A 81 -14.65 6.23 26.43
C ALA A 81 -15.26 7.30 27.31
N VAL A 82 -14.42 8.18 27.83
CA VAL A 82 -14.90 9.23 28.71
C VAL A 82 -15.62 10.29 27.88
N SER A 83 -16.62 10.94 28.47
CA SER A 83 -17.22 12.08 27.81
C SER A 83 -17.80 13.07 28.80
N LEU A 84 -17.70 14.36 28.47
CA LEU A 84 -18.10 15.41 29.40
C LEU A 84 -19.52 15.90 29.20
N THR A 85 -20.23 16.07 30.32
CA THR A 85 -21.47 16.81 30.34
C THR A 85 -21.11 18.26 30.69
N LYS A 86 -21.98 19.19 30.33
CA LYS A 86 -21.68 20.61 30.45
C LYS A 86 -21.23 21.03 31.85
N PRO A 87 -21.99 20.66 32.90
CA PRO A 87 -21.51 21.04 34.23
C PRO A 87 -20.18 20.41 34.61
N SER A 88 -19.39 21.17 35.34
CA SER A 88 -18.18 20.66 35.95
C SER A 88 -18.54 19.81 37.16
N PRO A 89 -17.65 18.87 37.53
CA PRO A 89 -17.86 18.08 38.75
C PRO A 89 -17.89 19.00 39.95
N ALA A 90 -18.74 18.69 40.94
CA ALA A 90 -18.89 19.57 42.08
C ALA A 90 -17.54 19.71 42.77
N SER A 91 -16.97 18.59 43.17
CA SER A 91 -15.59 18.57 43.62
C SER A 91 -14.73 18.79 42.40
N GLY A 92 -13.57 19.38 42.60
CA GLY A 92 -12.69 19.66 41.47
C GLY A 92 -12.01 18.38 41.03
N PHE A 93 -11.22 18.46 39.97
CA PHE A 93 -10.39 17.34 39.59
C PHE A 93 -9.14 17.71 38.82
N SER A 94 -7.98 17.39 39.39
CA SER A 94 -6.73 17.56 38.68
C SER A 94 -6.01 16.23 38.52
N PRO A 95 -6.03 15.69 37.29
CA PRO A 95 -5.42 14.42 36.91
C PRO A 95 -3.92 14.39 37.19
N SER A 96 -3.31 15.55 37.10
CA SER A 96 -1.88 15.69 37.23
C SER A 96 -1.39 15.30 38.62
N VAL A 97 -0.13 14.92 38.69
CA VAL A 97 0.47 14.33 39.89
C VAL A 97 0.39 15.23 41.12
N GLN A 98 0.26 14.58 42.27
CA GLN A 98 -0.03 15.20 43.55
C GLN A 98 1.03 16.23 43.98
N CYS A 99 2.28 16.02 43.55
CA CYS A 99 3.33 17.01 43.77
C CYS A 99 4.17 17.24 42.51
N PRO A 100 3.62 17.99 41.54
CA PRO A 100 4.15 18.11 40.18
C PRO A 100 5.56 18.70 40.11
N ASN A 101 6.35 18.19 39.18
CA ASN A 101 7.70 18.68 38.93
C ASN A 101 8.54 18.81 40.17
N ASP A 102 8.32 17.95 41.15
CA ASP A 102 9.01 18.06 42.43
C ASP A 102 10.51 17.85 42.27
N GLY A 103 10.90 17.12 41.23
CA GLY A 103 12.30 16.96 40.91
C GLY A 103 12.76 18.21 40.21
N PHE A 104 14.06 18.25 39.90
CA PHE A 104 14.63 19.35 39.13
C PHE A 104 14.53 20.69 39.84
N GLY A 105 14.82 20.70 41.14
CA GLY A 105 14.93 21.92 41.90
C GLY A 105 15.92 21.71 43.04
N VAL A 106 16.53 22.79 43.52
CA VAL A 106 17.60 22.68 44.52
C VAL A 106 17.12 21.97 45.77
N TYR A 107 15.86 22.20 46.08
CA TYR A 107 15.19 21.64 47.23
C TYR A 107 14.87 20.17 47.00
N HIS A 108 9.95 16.33 48.32
CA HIS A 108 11.30 15.87 48.58
C HIS A 108 12.42 16.80 48.06
N CYS A 109 12.54 18.08 48.46
CA CYS A 109 11.64 18.96 49.23
C CYS A 109 10.85 18.43 50.41
N ARG A 110 9.54 18.61 50.32
CA ARG A 110 8.65 18.49 51.44
C ARG A 110 7.23 18.25 50.91
N GLU A 111 6.31 17.90 51.79
CA GLU A 111 5.00 17.42 51.40
C GLU A 111 3.92 18.47 51.14
N ILE A 112 4.23 19.77 51.25
CA ILE A 112 3.19 20.78 51.15
C ILE A 112 2.47 20.61 49.83
N GLN A 113 1.19 20.28 49.94
CA GLN A 113 0.50 19.64 48.85
C GLN A 113 -0.06 20.70 47.92
N TRP A 114 0.81 21.26 47.09
CA TRP A 114 0.40 22.29 46.15
C TRP A 114 -0.59 21.80 45.14
N ASN A 115 -0.46 20.56 44.74
CA ASN A 115 -1.47 19.96 43.90
C ASN A 115 -2.37 19.13 44.78
N SER A 116 -3.01 19.77 45.76
CA SER A 116 -3.66 19.06 46.84
C SER A 116 -4.73 18.08 46.38
N LEU A 117 -5.35 18.40 45.25
CA LEU A 117 -6.38 17.55 44.68
C LEU A 117 -5.76 16.58 43.69
N GLY A 118 -4.43 16.63 43.57
CA GLY A 118 -3.72 15.85 42.59
C GLY A 118 -3.99 14.37 42.66
N ASN A 119 -4.74 13.88 41.69
CA ASN A 119 -5.06 12.47 41.61
C ASN A 119 -3.78 11.67 41.42
N GLY A 120 -2.84 12.25 40.70
CA GLY A 120 -1.59 11.57 40.41
C GLY A 120 -1.79 10.57 39.30
N LEU A 121 -2.97 10.64 38.67
CA LEU A 121 -3.37 9.63 37.70
C LEU A 121 -2.67 9.75 36.36
N ALA A 122 -2.34 10.97 35.97
CA ALA A 122 -1.95 11.23 34.60
C ALA A 122 -0.72 10.46 34.18
N TYR A 123 0.17 10.22 35.13
CA TYR A 123 1.40 9.53 34.80
C TYR A 123 1.31 8.01 34.86
N GLU A 124 0.21 7.48 35.35
CA GLU A 124 0.09 6.04 35.44
C GLU A 124 0.05 5.45 34.03
N ASP A 125 0.80 4.39 33.77
CA ASP A 125 0.82 3.82 32.44
C ASP A 125 -0.36 2.89 32.19
N PHE A 126 -0.85 2.90 30.95
CA PHE A 126 -2.06 2.18 30.60
C PHE A 126 -1.83 1.26 29.41
N SER A 127 -2.16 -0.01 29.60
CA SER A 127 -2.04 -0.99 28.54
C SER A 127 -3.03 -0.76 27.41
N PHE A 128 -4.13 -0.10 27.74
CA PHE A 128 -5.26 -0.05 26.83
C PHE A 128 -5.62 1.40 26.52
N PRO A 129 -6.17 1.63 25.33
CA PRO A 129 -6.47 2.97 24.80
C PRO A 129 -7.53 3.71 25.59
N ILE A 130 -7.44 5.04 25.64
CA ILE A 130 -8.49 5.86 26.21
C ILE A 130 -8.84 7.05 25.34
N PHE A 131 -10.09 7.17 24.89
CA PHE A 131 -10.53 8.38 24.22
C PHE A 131 -11.54 9.14 25.04
N LEU A 132 -11.50 10.46 24.91
CA LEU A 132 -12.61 11.26 25.38
C LEU A 132 -13.34 11.77 24.16
N LEU A 133 -14.61 11.43 24.05
CA LEU A 133 -15.39 11.92 22.94
C LEU A 133 -15.71 13.39 23.08
N GLU A 134 -15.70 14.08 21.96
CA GLU A 134 -16.06 15.48 21.93
C GLU A 134 -17.52 15.57 21.49
N ASP A 135 -18.22 16.60 21.96
CA ASP A 135 -19.64 16.81 21.67
C ASP A 135 -20.52 15.69 22.23
N GLU A 136 -21.53 16.11 22.97
CA GLU A 136 -22.52 15.19 23.52
C GLU A 136 -23.35 14.49 22.46
N ASN A 137 -23.57 15.17 21.34
CA ASN A 137 -24.63 14.77 20.41
C ASN A 137 -24.42 13.37 19.85
N GLU A 138 -23.17 12.99 19.64
CA GLU A 138 -22.85 11.67 19.10
C GLU A 138 -22.87 10.65 20.21
N THR A 139 -22.49 11.12 21.39
CA THR A 139 -22.47 10.26 22.55
C THR A 139 -23.88 9.78 22.81
N LYS A 140 -24.85 10.64 22.55
CA LYS A 140 -26.23 10.27 22.73
C LYS A 140 -26.57 9.16 21.75
N VAL A 141 -25.96 9.24 20.58
CA VAL A 141 -26.24 8.28 19.52
C VAL A 141 -25.75 6.91 19.89
N ILE A 142 -24.52 6.84 20.35
CA ILE A 142 -24.01 5.56 20.81
C ILE A 142 -24.78 5.09 22.03
N LYS A 143 -25.26 6.02 22.83
CA LYS A 143 -26.08 5.64 23.97
C LYS A 143 -27.35 4.95 23.52
N GLN A 144 -27.89 5.40 22.39
CA GLN A 144 -29.01 4.68 21.79
C GLN A 144 -28.56 3.33 21.28
N CYS A 145 -27.35 3.28 20.73
CA CYS A 145 -26.87 2.05 20.14
C CYS A 145 -26.76 0.94 21.15
N TYR A 146 -26.36 1.28 22.36
CA TYR A 146 -26.28 0.27 23.39
C TYR A 146 -27.66 -0.18 23.80
N GLN A 147 -28.50 0.81 24.07
CA GLN A 147 -29.82 0.59 24.64
C GLN A 147 -30.59 -0.47 23.88
N ASP A 148 -30.98 -0.13 22.66
CA ASP A 148 -31.85 -0.95 21.87
C ASP A 148 -31.30 -2.35 21.59
N HIS A 149 -29.99 -2.47 21.45
CA HIS A 149 -29.43 -3.73 20.97
C HIS A 149 -28.73 -4.56 22.02
N ASN A 150 -28.71 -4.12 23.28
CA ASN A 150 -27.78 -4.76 24.20
C ASN A 150 -28.30 -5.07 25.59
N LEU A 151 -29.08 -4.17 26.17
CA LEU A 151 -29.43 -4.27 27.58
C LEU A 151 -30.13 -5.58 27.93
N SER A 152 -30.89 -6.10 26.98
CA SER A 152 -31.31 -7.50 26.94
C SER A 152 -32.09 -8.05 28.14
N GLN A 153 -32.31 -7.26 29.19
CA GLN A 153 -32.91 -7.81 30.41
C GLN A 153 -34.31 -8.38 30.15
N ASN A 154 -34.52 -9.59 30.67
CA ASN A 154 -35.66 -10.43 30.35
C ASN A 154 -35.67 -11.78 31.13
N GLY A 155 -34.58 -12.55 31.14
CA GLY A 155 -33.25 -12.17 30.65
C GLY A 155 -32.42 -11.50 31.74
N SER A 156 -31.26 -10.96 31.40
CA SER A 156 -30.73 -10.89 30.04
C SER A 156 -30.24 -12.22 29.50
N ALA A 157 -30.25 -12.36 28.17
CA ALA A 157 -29.61 -13.51 27.55
C ALA A 157 -28.08 -13.38 27.60
N PRO A 158 -27.52 -12.23 27.16
CA PRO A 158 -27.91 -11.15 26.24
C PRO A 158 -27.95 -11.62 24.79
N THR A 159 -28.76 -10.98 23.95
CA THR A 159 -28.86 -11.40 22.56
C THR A 159 -27.52 -11.26 21.83
N PHE A 160 -27.15 -12.29 21.08
CA PHE A 160 -25.84 -12.35 20.43
C PHE A 160 -25.57 -11.24 19.42
N PRO A 161 -26.51 -10.95 18.51
CA PRO A 161 -26.26 -9.73 17.74
C PRO A 161 -26.26 -8.53 18.67
N LEU A 162 -25.40 -7.56 18.41
CA LEU A 162 -25.19 -6.46 19.34
C LEU A 162 -24.17 -5.42 18.84
N CYS A 163 -23.90 -4.43 19.67
CA CYS A 163 -23.15 -3.26 19.21
C CYS A 163 -21.70 -3.24 19.69
N ALA A 164 -20.79 -3.28 18.72
CA ALA A 164 -19.38 -3.36 19.03
C ALA A 164 -18.64 -2.13 18.56
N MET A 165 -17.68 -1.72 19.37
CA MET A 165 -16.93 -0.51 19.14
C MET A 165 -15.48 -0.84 18.89
N GLN A 166 -15.06 -0.78 17.63
CA GLN A 166 -13.65 -0.95 17.34
C GLN A 166 -12.94 0.33 17.74
N LEU A 167 -11.70 0.19 18.21
CA LEU A 167 -10.93 1.36 18.53
C LEU A 167 -9.48 1.05 18.23
N PHE A 168 -8.83 1.82 17.36
CA PHE A 168 -7.42 1.58 17.14
C PHE A 168 -6.61 2.80 16.83
N SER A 169 -5.36 2.73 17.28
CA SER A 169 -4.39 3.80 17.17
C SER A 169 -3.03 3.29 17.63
N HIS A 170 -2.45 2.38 16.85
CA HIS A 170 -1.18 1.78 17.24
C HIS A 170 -0.07 2.82 17.32
N MET A 171 0.71 2.75 18.41
CA MET A 171 1.83 3.66 18.59
C MET A 171 3.15 3.02 18.25
N HIS A 172 4.08 3.82 17.76
CA HIS A 172 5.33 3.30 17.26
C HIS A 172 6.50 3.76 18.10
N ALA A 173 6.41 3.51 19.40
CA ALA A 173 7.52 3.74 20.30
C ALA A 173 7.29 2.93 21.57
N VAL A 174 8.35 2.56 22.25
CA VAL A 174 8.21 1.68 23.40
C VAL A 174 9.16 1.97 24.54
N ILE A 175 8.75 1.58 25.73
CA ILE A 175 9.61 1.48 26.91
C ILE A 175 10.15 2.82 27.42
N SER A 176 11.23 3.31 26.82
CA SER A 176 11.93 4.45 27.38
C SER A 176 12.58 5.32 26.31
N THR A 177 12.97 6.52 26.70
CA THR A 177 13.51 7.49 25.76
C THR A 177 14.77 6.97 25.09
N ALA A 178 15.56 6.27 25.88
CA ALA A 178 16.81 5.73 25.39
C ALA A 178 16.56 4.74 24.28
N THR A 179 15.43 4.06 24.34
CA THR A 179 15.10 3.06 23.36
C THR A 179 14.86 3.71 22.00
N CYS A 180 13.82 4.52 21.93
CA CYS A 180 13.44 5.07 20.65
C CYS A 180 14.58 5.92 20.15
N MET A 181 15.35 6.50 21.06
CA MET A 181 16.53 7.21 20.60
C MET A 181 17.62 6.31 20.04
N ARG A 182 17.79 5.11 20.59
CA ARG A 182 18.80 4.24 20.01
C ARG A 182 18.34 3.74 18.65
N ARG A 183 17.03 3.61 18.46
CA ARG A 183 16.54 3.03 17.21
C ARG A 183 16.00 4.08 16.26
N SER A 184 16.17 5.34 16.61
CA SER A 184 15.88 6.40 15.67
C SER A 184 17.19 6.79 15.04
N SER A 185 18.24 6.12 15.46
CA SER A 185 19.59 6.40 14.99
C SER A 185 19.74 6.10 13.51
N ILE A 186 18.91 5.18 13.02
CA ILE A 186 19.09 4.64 11.68
C ILE A 186 18.14 5.27 10.67
N ALA A 187 13.98 4.73 8.79
CA ALA A 187 13.05 5.84 8.99
C ALA A 187 12.21 5.62 10.24
N ALA A 188 12.75 4.87 11.20
CA ALA A 188 12.07 4.68 12.47
C ALA A 188 11.98 6.01 13.22
N VAL A 189 10.91 6.21 13.98
CA VAL A 189 10.66 7.51 14.57
C VAL A 189 10.09 7.50 15.99
N CYS A 190 10.61 8.39 16.84
CA CYS A 190 9.93 8.85 18.04
C CYS A 190 10.50 10.22 18.43
N ASP A 191 9.72 11.26 18.19
CA ASP A 191 10.23 12.62 18.15
C ASP A 191 10.59 13.25 19.49
N PRO A 192 11.65 14.08 19.50
CA PRO A 192 11.99 15.01 20.58
C PRO A 192 10.91 16.05 20.73
N LEU A 193 10.64 16.48 21.96
CA LEU A 193 9.54 17.40 22.20
C LEU A 193 10.04 18.83 22.32
N SER A 194 9.63 19.69 21.42
CA SER A 194 10.21 21.04 21.40
C SER A 194 9.49 22.09 20.57
N ASP A 195 9.91 23.34 20.76
CA ASP A 195 9.62 24.45 19.86
C ASP A 195 10.35 25.75 20.24
N TYR A 196 9.60 26.81 20.52
CA TYR A 196 10.24 28.11 20.74
C TYR A 196 9.75 28.91 21.93
N ASN A 197 10.66 29.70 22.48
CA ASN A 197 10.33 30.75 23.42
C ASN A 197 10.14 32.06 22.67
N VAL A 198 9.58 33.05 23.34
CA VAL A 198 9.61 34.39 22.78
C VAL A 198 10.64 35.22 23.48
N TRP A 199 10.47 36.52 23.40
CA TRP A 199 11.54 37.42 23.74
C TRP A 199 10.97 38.81 23.83
N SER A 200 11.60 39.70 24.59
CA SER A 200 11.22 41.11 24.56
C SER A 200 12.15 42.04 25.31
N MET A 201 12.43 43.18 24.70
CA MET A 201 13.15 44.24 25.38
C MET A 201 12.48 45.55 25.09
N LEU A 202 12.44 46.43 26.09
CA LEU A 202 11.78 47.71 25.93
C LEU A 202 12.70 48.70 25.22
N LYS A 203 13.97 48.33 25.08
CA LYS A 203 14.89 49.11 24.27
C LYS A 203 15.61 48.21 23.29
N PRO A 204 15.86 48.75 22.09
CA PRO A 204 16.58 48.06 21.01
C PRO A 204 17.99 47.72 21.41
N ILE A 205 18.51 46.59 20.92
CA ILE A 205 19.84 46.14 21.30
C ILE A 205 20.65 45.69 20.09
N ALA A 206 25.02 47.02 31.38
CA ALA A 206 25.61 46.02 32.25
C ALA A 206 24.53 45.30 33.06
N ASP A 207 24.59 45.47 34.37
CA ASP A 207 23.62 44.86 35.28
C ASP A 207 22.40 45.74 35.42
N ASP A 208 21.47 45.63 34.48
CA ASP A 208 20.36 46.56 34.44
C ASP A 208 19.17 46.03 33.64
N VAL A 209 18.78 44.80 33.90
CA VAL A 209 17.63 44.21 33.24
C VAL A 209 16.87 43.32 34.20
N VAL A 210 15.61 43.08 33.88
CA VAL A 210 14.76 42.26 34.74
C VAL A 210 13.91 41.33 33.90
N VAL A 211 13.79 40.08 34.32
CA VAL A 211 12.97 39.12 33.61
C VAL A 211 11.51 39.42 33.93
N ALA A 212 10.61 38.99 33.06
CA ALA A 212 9.19 39.03 33.35
C ALA A 212 8.55 37.70 33.02
N ALA A 213 9.32 36.63 33.22
CA ALA A 213 9.01 35.34 32.66
C ALA A 213 7.71 34.76 33.17
N THR A 214 7.09 33.90 32.35
CA THR A 214 5.82 33.29 32.70
C THR A 214 5.52 31.98 31.98
N ARG A 215 4.69 31.17 32.61
CA ARG A 215 4.29 29.87 32.07
C ARG A 215 3.45 30.03 30.83
N LEU A 216 3.47 29.00 29.97
CA LEU A 216 2.81 29.10 28.68
C LEU A 216 2.32 27.73 28.24
N ASP A 217 2.42 26.76 29.12
CA ASP A 217 2.20 25.37 28.74
C ASP A 217 0.84 24.85 29.15
N SER A 218 0.81 24.22 30.32
CA SER A 218 -0.33 23.44 30.80
C SER A 218 -0.67 22.36 29.80
N ARG A 219 -0.21 21.14 30.06
CA ARG A 219 -0.48 20.02 29.18
C ARG A 219 -1.92 19.58 29.30
N SER A 220 -2.15 18.28 29.13
CA SER A 220 -3.47 17.72 29.35
C SER A 220 -3.40 16.24 29.59
N PHE A 221 -4.53 15.66 29.97
CA PHE A 221 -4.60 14.22 30.03
C PHE A 221 -4.84 13.62 28.65
N ALA A 222 -5.23 14.45 27.69
CA ALA A 222 -5.51 13.92 26.37
C ALA A 222 -5.18 14.86 25.23
N TRP A 223 -3.93 14.80 24.78
CA TRP A 223 -3.45 15.29 23.49
C TRP A 223 -4.31 16.33 22.79
N ASN A 224 -3.88 17.58 22.81
CA ASN A 224 -4.58 18.63 22.06
C ASN A 224 -6.06 18.77 22.32
N VAL A 225 -6.44 18.82 23.59
CA VAL A 225 -7.82 19.13 23.93
C VAL A 225 -7.95 20.66 23.93
N ALA A 226 -8.52 21.28 24.96
CA ALA A 226 -8.48 22.73 25.09
C ALA A 226 -8.08 23.15 26.49
N PRO A 227 -6.83 22.87 26.86
CA PRO A 227 -6.32 23.28 28.16
C PRO A 227 -6.20 24.79 28.27
N GLY A 228 -6.29 25.30 29.50
CA GLY A 228 -5.73 26.59 29.79
C GLY A 228 -6.66 27.71 30.19
N ALA A 229 -6.71 27.98 31.49
CA ALA A 229 -7.29 29.23 31.95
C ALA A 229 -6.26 29.94 32.80
N GLU A 230 -6.49 29.94 34.10
CA GLU A 230 -5.54 30.54 35.01
C GLU A 230 -4.27 29.72 34.97
N SER A 231 -4.40 28.49 34.49
CA SER A 231 -3.28 27.58 34.38
C SER A 231 -2.24 28.16 33.45
N ALA A 232 -2.68 29.00 32.53
CA ALA A 232 -1.75 29.68 31.66
C ALA A 232 -2.33 30.98 31.11
N VAL A 233 -3.51 30.91 30.49
CA VAL A 233 -3.91 31.94 29.54
C VAL A 233 -3.97 33.31 30.22
N ALA A 234 -4.30 33.33 31.50
CA ALA A 234 -4.41 34.59 32.22
C ALA A 234 -3.07 35.29 32.32
N SER A 235 -2.02 34.50 32.53
CA SER A 235 -0.73 35.09 32.81
C SER A 235 -0.19 35.89 31.64
N PHE A 236 -0.43 35.41 30.43
CA PHE A 236 0.11 36.08 29.25
C PHE A 236 -0.53 37.41 29.21
N VAL A 237 -1.83 37.35 29.41
CA VAL A 237 -2.67 38.51 29.39
C VAL A 237 -2.07 39.56 30.29
N THR A 238 -2.02 39.26 31.59
CA THR A 238 -1.61 40.28 32.54
C THR A 238 -0.21 40.78 32.20
N GLN A 239 0.62 39.84 31.79
CA GLN A 239 2.00 40.12 31.45
C GLN A 239 2.10 41.22 30.42
N LEU A 240 1.78 40.85 29.19
CA LEU A 240 1.99 41.76 28.08
C LEU A 240 1.11 42.98 28.20
N ALA A 241 -0.02 42.85 28.89
CA ALA A 241 -0.87 44.00 29.09
C ALA A 241 -0.10 45.03 29.89
N ALA A 242 0.62 44.54 30.89
CA ALA A 242 1.47 45.42 31.66
C ALA A 242 2.53 45.98 30.72
N ALA A 243 2.99 45.14 29.80
CA ALA A 243 4.07 45.55 28.91
C ALA A 243 3.64 46.72 28.07
N GLU A 244 2.37 46.74 27.71
CA GLU A 244 1.89 47.85 26.91
C GLU A 244 1.62 49.05 27.74
N ALA A 245 1.12 48.84 28.95
CA ALA A 245 0.79 49.97 29.78
C ALA A 245 2.07 50.75 30.02
N LEU A 246 3.17 50.03 30.20
CA LEU A 246 4.44 50.69 30.37
C LEU A 246 5.01 51.11 29.03
N GLN A 247 4.49 50.52 27.96
CA GLN A 247 4.98 50.88 26.64
C GLN A 247 4.65 52.32 26.34
N LYS A 248 3.58 52.80 26.95
CA LYS A 248 3.08 54.13 26.69
C LYS A 248 3.83 55.19 27.49
N ALA A 249 4.73 54.75 28.35
CA ALA A 249 5.45 55.68 29.21
C ALA A 249 6.28 56.64 28.39
N PRO A 250 6.33 57.91 28.82
CA PRO A 250 7.15 58.95 28.16
C PRO A 250 8.64 58.62 28.12
N ASP A 251 9.13 57.93 29.15
CA ASP A 251 10.56 57.85 29.39
C ASP A 251 11.16 56.55 28.84
N VAL A 252 10.47 55.94 27.89
CA VAL A 252 10.92 54.66 27.35
C VAL A 252 12.30 54.75 26.71
N THR A 253 12.60 55.88 26.09
CA THR A 253 13.88 56.05 25.42
C THR A 253 15.06 56.08 26.38
N THR A 254 14.82 56.49 27.62
CA THR A 254 15.92 56.82 28.53
C THR A 254 15.80 56.26 29.94
N LEU A 255 16.28 55.03 30.14
CA LEU A 255 16.35 54.47 31.48
C LEU A 255 17.67 53.79 31.78
N PRO A 256 18.06 53.78 33.06
CA PRO A 256 19.24 53.02 33.51
C PRO A 256 19.07 51.55 33.20
N ARG A 257 17.82 51.09 33.23
CA ARG A 257 17.54 49.70 33.06
C ARG A 257 16.64 49.46 31.86
N ASN A 258 16.69 48.24 31.33
CA ASN A 258 15.81 47.86 30.24
C ASN A 258 15.16 46.52 30.58
N VAL A 259 13.90 46.37 30.20
CA VAL A 259 13.09 45.26 30.69
C VAL A 259 13.10 44.08 29.74
N MET A 260 13.12 42.88 30.31
CA MET A 260 13.07 41.68 29.50
C MET A 260 11.83 40.85 29.75
N PHE A 261 10.78 41.14 28.98
CA PHE A 261 9.67 40.23 28.94
C PHE A 261 10.12 39.02 28.19
N VAL A 262 9.69 37.85 28.62
CA VAL A 262 9.98 36.63 27.91
C VAL A 262 9.06 35.55 28.42
N PHE A 263 8.65 34.65 27.55
CA PHE A 263 7.69 33.64 27.95
C PHE A 263 8.33 32.29 27.70
N PHE A 264 8.05 31.31 28.54
CA PHE A 264 8.73 30.02 28.41
C PHE A 264 7.81 28.89 28.02
N GLN A 265 7.81 28.55 26.74
CA GLN A 265 6.95 27.48 26.23
C GLN A 265 7.26 26.13 26.85
N GLY A 266 6.21 25.39 27.17
CA GLY A 266 6.30 23.99 27.57
C GLY A 266 6.64 23.68 29.02
N GLU A 267 6.58 24.68 29.89
CA GLU A 267 7.21 24.56 31.19
C GLU A 267 6.71 23.40 32.07
N THR A 268 5.42 23.06 31.98
CA THR A 268 4.85 22.20 33.02
C THR A 268 5.39 20.78 32.97
N PHE A 269 6.00 20.42 31.85
CA PHE A 269 6.71 19.16 31.78
C PHE A 269 8.00 19.21 32.57
N ASP A 270 9.08 19.38 31.85
CA ASP A 270 10.38 19.55 32.46
C ASP A 270 10.43 20.96 33.01
N TYR A 271 11.39 21.72 32.50
CA TYR A 271 11.37 23.17 32.61
C TYR A 271 11.86 23.70 31.28
N ILE A 272 12.06 22.73 30.39
CA ILE A 272 12.21 22.94 28.95
C ILE A 272 12.95 24.23 28.59
N GLY A 273 12.36 25.13 27.82
CA GLY A 273 13.09 26.18 27.15
C GLY A 273 13.79 27.09 28.12
N SER A 274 13.25 27.18 29.32
CA SER A 274 13.85 27.99 30.35
C SER A 274 15.29 27.58 30.55
N SER A 275 15.50 26.29 30.74
CA SER A 275 16.83 25.75 30.95
C SER A 275 17.65 26.00 29.72
N ARG A 276 17.01 25.91 28.56
CA ARG A 276 17.74 26.15 27.34
C ARG A 276 18.27 27.57 27.38
N MET A 277 17.46 28.52 27.83
CA MET A 277 17.98 29.88 27.91
C MET A 277 19.08 29.98 28.95
N VAL A 278 18.93 29.19 30.01
CA VAL A 278 19.97 29.13 31.03
C VAL A 278 21.23 28.80 30.28
N TYR A 279 21.11 27.75 29.48
CA TYR A 279 22.24 27.22 28.77
C TYR A 279 22.77 28.26 27.79
N ASP A 280 21.87 29.04 27.21
CA ASP A 280 22.29 30.04 26.24
C ASP A 280 23.22 31.04 26.88
N MET A 281 22.96 31.35 28.14
CA MET A 281 23.85 32.26 28.82
C MET A 281 24.87 31.48 29.62
N GLU A 282 24.59 30.21 29.87
CA GLU A 282 25.51 29.39 30.64
C GLU A 282 26.79 29.25 29.84
N LYS A 283 26.64 29.19 28.53
CA LYS A 283 27.78 29.26 27.64
C LYS A 283 27.89 30.64 27.03
N GLY A 284 26.91 31.48 27.32
CA GLY A 284 26.93 32.84 26.83
C GLY A 284 26.76 32.86 25.34
N LYS A 285 26.09 31.84 24.81
CA LYS A 285 25.90 31.72 23.38
C LYS A 285 25.01 32.83 22.83
N PHE A 286 24.22 33.46 23.69
CA PHE A 286 23.23 34.42 23.25
C PHE A 286 23.31 35.72 24.04
N PRO A 287 22.85 36.84 23.45
CA PRO A 287 22.90 38.12 24.18
C PRO A 287 21.92 38.17 25.33
N VAL A 288 21.90 37.10 26.11
CA VAL A 288 20.97 36.91 27.19
C VAL A 288 21.83 36.71 28.43
N GLN A 289 22.95 37.42 28.44
CA GLN A 289 24.09 37.09 29.28
C GLN A 289 23.76 37.10 30.76
N LEU A 290 24.16 36.05 31.45
CA LEU A 290 23.83 35.86 32.85
C LEU A 290 24.59 36.80 33.76
N GLU A 291 25.72 37.29 33.26
CA GLU A 291 26.54 38.22 34.02
C GLU A 291 25.78 39.50 34.25
N ASN A 292 24.85 39.79 33.34
CA ASN A 292 23.95 40.91 33.49
C ASN A 292 22.91 40.55 34.52
N VAL A 293 21.73 41.16 34.40
CA VAL A 293 20.57 40.78 35.21
C VAL A 293 20.73 41.14 36.69
N ASP A 294 19.65 41.62 37.30
CA ASP A 294 19.68 41.96 38.71
C ASP A 294 18.63 41.21 39.51
N SER A 295 17.36 41.38 39.13
CA SER A 295 16.27 40.84 39.91
C SER A 295 15.14 40.41 38.99
N PHE A 296 14.20 39.66 39.54
CA PHE A 296 13.20 38.99 38.71
C PHE A 296 11.76 39.23 39.09
N VAL A 297 10.88 38.74 38.22
CA VAL A 297 9.46 38.86 38.36
C VAL A 297 8.88 37.52 37.98
N GLU A 298 7.71 37.21 38.49
CA GLU A 298 7.06 35.97 38.12
C GLU A 298 5.57 35.97 38.35
N LEU A 299 4.83 35.30 37.47
CA LEU A 299 3.40 35.14 37.67
C LEU A 299 3.02 33.67 37.78
N GLY A 300 1.94 33.40 38.49
CA GLY A 300 1.45 32.04 38.59
C GLY A 300 0.06 31.96 39.16
N GLN A 301 -0.86 31.42 38.38
CA GLN A 301 -2.24 31.18 38.82
C GLN A 301 -2.90 32.46 39.32
N VAL A 302 -2.41 33.59 38.83
CA VAL A 302 -2.90 34.87 39.27
C VAL A 302 -4.12 35.25 38.47
N ALA A 303 -5.28 34.76 38.91
CA ALA A 303 -6.51 35.01 38.18
C ALA A 303 -7.71 34.76 39.07
N LEU A 304 -7.69 33.60 39.73
CA LEU A 304 -8.79 33.22 40.60
C LEU A 304 -8.95 34.18 41.77
N ARG A 305 -7.83 34.69 42.27
CA ARG A 305 -7.78 35.53 43.47
C ARG A 305 -8.62 34.99 44.62
N THR A 306 -8.98 35.89 45.53
CA THR A 306 -9.76 35.51 46.70
C THR A 306 -10.39 36.74 47.33
N SER A 307 -10.84 37.65 46.47
CA SER A 307 -11.42 38.93 46.89
C SER A 307 -10.44 39.64 47.82
N LEU A 308 -9.17 39.40 47.57
CA LEU A 308 -8.10 39.81 48.46
C LEU A 308 -6.81 39.52 47.74
N GLU A 309 -6.47 40.41 46.82
CA GLU A 309 -5.48 40.10 45.80
C GLU A 309 -4.09 39.76 46.35
N LEU A 310 -3.46 38.81 45.67
CA LEU A 310 -2.02 38.53 45.78
C LEU A 310 -1.49 37.86 47.03
N TRP A 311 -0.47 37.05 46.79
CA TRP A 311 0.39 36.52 47.83
C TRP A 311 1.81 36.48 47.31
N MET A 312 2.39 37.65 47.16
CA MET A 312 3.75 37.76 46.69
C MET A 312 4.70 37.12 47.68
N HIS A 313 5.71 36.43 47.18
CA HIS A 313 6.67 35.80 48.08
C HIS A 313 7.95 35.38 47.41
N THR A 314 8.94 35.07 48.25
CA THR A 314 10.25 34.68 47.78
C THR A 314 10.69 33.39 48.44
N ASP A 315 12.00 33.19 48.50
CA ASP A 315 12.58 31.91 48.86
C ASP A 315 13.77 32.03 49.79
N PRO A 316 14.08 30.96 50.53
CA PRO A 316 15.21 30.99 51.45
C PRO A 316 16.52 31.22 50.73
N VAL A 317 17.43 31.95 51.39
CA VAL A 317 18.71 32.34 50.84
C VAL A 317 19.51 31.14 50.33
N GLN A 318 17.95 40.10 50.13
CA GLN A 318 18.22 41.23 51.01
C GLN A 318 17.76 42.51 50.34
N LYS A 319 18.15 42.64 49.07
CA LYS A 319 17.65 43.65 48.17
C LYS A 319 16.17 43.41 47.98
N ASN A 320 15.88 42.13 48.08
CA ASN A 320 14.59 41.58 47.76
C ASN A 320 13.54 42.16 48.68
N GLU A 321 13.98 42.49 49.89
CA GLU A 321 13.11 43.12 50.86
C GLU A 321 12.66 44.44 50.30
N SER A 322 13.62 45.20 49.77
CA SER A 322 13.29 46.48 49.19
C SER A 322 12.38 46.30 48.00
N VAL A 323 12.59 45.21 47.26
CA VAL A 323 11.78 44.94 46.09
C VAL A 323 10.32 44.81 46.52
N ARG A 324 10.13 43.96 47.52
CA ARG A 324 8.80 43.65 47.99
C ARG A 324 8.16 44.89 48.56
N ASN A 325 8.98 45.77 49.14
CA ASN A 325 8.45 47.01 49.68
C ASN A 325 7.94 47.90 48.57
N GLN A 326 8.71 47.98 47.50
CA GLN A 326 8.38 48.82 46.38
C GLN A 326 7.05 48.37 45.83
N VAL A 327 6.98 47.07 45.61
CA VAL A 327 5.80 46.47 45.06
C VAL A 327 4.64 46.72 46.00
N GLU A 328 4.93 46.69 47.29
CA GLU A 328 3.89 46.86 48.28
C GLU A 328 3.33 48.26 48.20
N ASP A 329 4.19 49.21 47.85
CA ASP A 329 3.77 50.60 47.76
C ASP A 329 2.90 50.81 46.53
N LEU A 330 3.41 50.39 45.39
CA LEU A 330 2.70 50.65 44.14
C LEU A 330 1.41 49.88 44.10
N GLY A 331 1.38 48.74 44.76
CA GLY A 331 0.15 47.98 44.88
C GLY A 331 -0.77 48.65 45.87
N ALA A 332 -0.19 49.28 46.88
CA ALA A 332 -0.99 49.98 47.88
C ALA A 332 -1.72 51.13 47.23
N GLY A 333 -1.11 51.70 46.20
CA GLY A 333 -1.74 52.81 45.50
C GLY A 333 -3.02 52.37 44.82
N VAL A 334 -3.02 51.14 44.31
CA VAL A 334 -4.18 50.57 43.64
C VAL A 334 -5.10 49.83 44.61
N PRO A 335 -6.41 49.84 44.32
CA PRO A 335 -7.39 48.97 44.99
C PRO A 335 -7.15 47.49 44.69
N ALA A 336 -8.20 46.67 44.83
CA ALA A 336 -8.08 45.22 44.78
C ALA A 336 -6.99 44.78 45.75
N VAL A 337 -7.37 44.62 47.01
CA VAL A 337 -6.42 44.68 48.11
C VAL A 337 -5.27 43.68 48.04
N ILE A 338 -4.08 44.19 48.32
CA ILE A 338 -2.84 43.46 48.15
C ILE A 338 -2.44 42.83 49.48
N LEU A 339 -1.73 41.70 49.45
CA LEU A 339 -1.15 41.16 50.67
C LEU A 339 0.27 40.70 50.44
N ARG A 340 0.85 40.04 51.44
CA ARG A 340 2.14 39.40 51.24
C ARG A 340 2.02 38.35 50.15
N SER A 341 5.51 34.41 56.48
CA SER A 341 5.31 33.20 57.27
C SER A 341 6.26 32.10 56.84
N GLY A 342 5.75 31.16 56.05
CA GLY A 342 6.54 30.05 55.59
C GLY A 342 7.44 30.48 54.46
N VAL A 343 8.15 29.53 53.85
CA VAL A 343 9.17 29.86 52.85
C VAL A 343 9.22 29.05 51.53
N PRO A 344 8.81 27.76 51.53
CA PRO A 344 9.15 26.96 50.35
C PRO A 344 8.50 27.46 49.07
N LEU A 345 9.19 27.33 47.93
CA LEU A 345 8.73 27.88 46.66
C LEU A 345 7.83 26.97 45.83
N PRO A 346 6.60 27.42 45.56
CA PRO A 346 5.70 26.75 44.62
C PRO A 346 6.29 26.78 43.23
N PRO A 347 6.05 25.71 42.44
CA PRO A 347 6.83 25.47 41.23
C PRO A 347 6.70 26.56 40.20
N SER A 348 7.82 26.81 39.55
CA SER A 348 7.88 27.84 38.54
C SER A 348 9.16 27.69 37.79
N SER A 349 9.27 28.43 36.69
CA SER A 349 10.48 28.46 35.92
C SER A 349 11.65 29.04 36.73
N LEU A 350 11.32 29.94 37.65
CA LEU A 350 12.34 30.73 38.31
C LEU A 350 13.33 29.88 39.08
N GLN A 351 12.82 28.81 39.66
CA GLN A 351 13.65 28.00 40.54
C GLN A 351 14.77 27.36 39.75
N ARG A 352 14.57 27.23 38.45
CA ARG A 352 15.66 26.79 37.62
C ARG A 352 16.77 27.85 37.61
N PHE A 353 16.39 29.11 37.61
CA PHE A 353 17.41 30.14 37.72
C PHE A 353 18.05 30.11 39.10
N LEU A 354 17.24 29.97 40.12
CA LEU A 354 17.77 29.99 41.47
C LEU A 354 18.73 28.83 41.68
N ARG A 355 18.46 27.71 41.03
CA ARG A 355 19.36 26.58 41.15
C ARG A 355 20.47 26.74 40.14
N ALA A 356 20.33 27.73 39.27
CA ALA A 356 21.40 28.04 38.33
C ALA A 356 22.39 29.05 38.91
N ARG A 357 21.91 29.92 39.79
CA ARG A 357 22.72 30.99 40.32
C ARG A 357 22.02 31.61 41.53
N ASN A 358 22.77 32.31 42.37
CA ASN A 358 22.25 32.78 43.64
C ASN A 358 20.99 33.64 43.47
N ILE A 359 21.12 34.75 42.74
CA ILE A 359 19.98 35.47 42.16
C ILE A 359 18.94 36.06 43.14
N SER A 360 18.29 37.15 42.73
CA SER A 360 17.13 37.67 43.46
C SER A 360 15.94 36.73 43.31
N GLY A 361 14.75 37.28 43.15
CA GLY A 361 13.58 36.44 42.96
C GLY A 361 12.24 37.15 42.83
N VAL A 362 11.42 37.01 43.87
CA VAL A 362 10.05 37.52 43.92
C VAL A 362 9.11 36.82 42.96
N VAL A 363 8.11 36.17 43.53
CA VAL A 363 7.11 35.46 42.75
C VAL A 363 5.72 35.94 43.12
N LEU A 364 4.84 36.05 42.13
CA LEU A 364 3.47 36.46 42.41
C LEU A 364 2.50 35.34 42.15
N ALA A 365 1.60 35.11 43.09
CA ALA A 365 0.61 34.06 42.94
C ALA A 365 -0.59 34.27 43.82
N ASP A 366 -1.74 33.81 43.36
CA ASP A 366 -2.94 33.84 44.17
C ASP A 366 -2.93 32.87 45.34
N HIS A 367 -2.50 31.64 45.10
CA HIS A 367 -2.65 30.62 46.12
C HIS A 367 -1.81 30.94 47.35
N SER A 368 -2.41 30.78 48.51
CA SER A 368 -1.67 30.86 49.76
C SER A 368 -0.66 29.72 49.80
N GLY A 369 -1.07 28.59 49.24
CA GLY A 369 -0.28 27.39 49.28
C GLY A 369 -0.80 26.40 48.25
N ALA A 370 -1.82 25.65 48.63
CA ALA A 370 -2.50 24.84 47.63
C ALA A 370 -3.17 25.76 46.65
N PHE A 371 -3.14 25.40 45.38
CA PHE A 371 -3.87 26.18 44.39
C PHE A 371 -5.33 26.07 44.75
N HIS A 372 -6.07 27.16 44.61
CA HIS A 372 -7.47 27.17 44.99
C HIS A 372 -8.31 26.72 43.81
N ASN A 373 -7.62 26.31 42.75
CA ASN A 373 -8.22 26.16 41.44
C ASN A 373 -8.92 24.85 41.16
N LYS A 374 -8.85 23.90 42.09
CA LYS A 374 -9.45 22.60 41.87
C LYS A 374 -8.87 21.99 40.62
N TYR A 375 -9.42 22.41 39.50
CA TYR A 375 -8.94 22.04 38.18
C TYR A 375 -7.55 22.59 38.00
N TYR A 376 -6.66 21.82 37.37
CA TYR A 376 -5.30 22.28 37.14
C TYR A 376 -4.65 21.55 35.99
N GLN A 377 -4.49 22.26 34.89
CA GLN A 377 -4.38 21.70 33.54
C GLN A 377 -5.24 20.46 33.40
N SER A 378 -6.41 20.55 34.01
CA SER A 378 -7.46 19.58 33.79
C SER A 378 -8.13 19.92 32.48
N ILE A 379 -8.78 18.93 31.88
CA ILE A 379 -9.55 19.16 30.67
C ILE A 379 -10.67 20.15 30.92
N TYR A 380 -11.21 20.11 32.13
CA TYR A 380 -12.37 20.92 32.49
C TYR A 380 -12.08 22.40 32.45
N ASP A 381 -10.81 22.74 32.61
CA ASP A 381 -10.43 24.13 32.79
C ASP A 381 -10.83 24.94 31.58
N THR A 382 -11.46 26.07 31.83
CA THR A 382 -12.19 26.82 30.82
C THR A 382 -12.44 28.25 31.24
N ALA A 383 -13.01 29.02 30.33
CA ALA A 383 -13.51 30.33 30.68
C ALA A 383 -14.59 30.20 31.73
N GLU A 384 -15.35 29.13 31.65
CA GLU A 384 -16.45 28.94 32.58
C GLU A 384 -15.92 28.81 33.99
N ASN A 385 -14.78 28.16 34.13
CA ASN A 385 -14.17 28.03 35.44
C ASN A 385 -13.77 29.40 35.94
N ILE A 386 -13.25 30.21 35.03
CA ILE A 386 -12.63 31.46 35.42
C ILE A 386 -13.71 32.53 35.47
N ASN A 387 -14.93 32.08 35.19
CA ASN A 387 -16.09 32.95 35.18
C ASN A 387 -15.98 34.04 34.14
N VAL A 388 -16.06 33.63 32.88
CA VAL A 388 -16.21 34.57 31.77
C VAL A 388 -17.30 34.07 30.84
N SER A 389 -18.34 34.87 30.68
CA SER A 389 -19.50 34.45 29.89
C SER A 389 -20.29 35.66 29.40
N TYR A 390 -21.05 35.47 28.32
CA TYR A 390 -21.75 36.58 27.68
C TYR A 390 -23.25 36.40 27.50
N PRO A 391 -24.04 37.00 28.39
CA PRO A 391 -25.49 37.19 28.17
C PRO A 391 -25.73 38.02 26.91
N GLU A 392 -24.79 38.91 26.61
CA GLU A 392 -24.78 39.65 25.37
C GLU A 392 -24.53 38.68 24.23
N TRP A 393 -24.98 39.03 23.03
CA TRP A 393 -25.18 37.99 22.02
C TRP A 393 -24.33 38.02 20.73
N LEU A 394 -24.16 39.17 20.09
CA LEU A 394 -23.43 39.17 18.82
C LEU A 394 -21.99 38.69 18.98
N ALA A 395 -21.63 37.67 18.20
CA ALA A 395 -20.31 37.06 18.29
C ALA A 395 -19.15 38.03 18.02
N PRO A 396 -19.23 38.83 16.95
CA PRO A 396 -18.14 39.81 16.81
C PRO A 396 -18.20 40.92 17.84
N GLU A 397 -18.61 42.10 17.41
CA GLU A 397 -18.36 43.33 18.15
C GLU A 397 -18.94 43.33 19.55
N GLU A 398 -20.11 42.71 19.71
CA GLU A 398 -20.78 42.73 21.00
C GLU A 398 -19.94 41.98 22.01
N ASP A 399 -19.20 40.98 21.54
CA ASP A 399 -18.34 40.24 22.45
C ASP A 399 -16.96 40.86 22.53
N LEU A 400 -16.46 41.33 21.41
CA LEU A 400 -15.10 41.82 21.30
C LEU A 400 -14.89 43.03 22.19
N ASN A 401 -15.97 43.76 22.44
CA ASN A 401 -15.87 45.00 23.16
C ASN A 401 -16.80 45.00 24.37
N PHE A 402 -16.32 44.44 25.47
CA PHE A 402 -17.12 44.36 26.67
C PHE A 402 -16.29 44.23 27.94
N VAL A 403 -16.82 44.75 29.03
CA VAL A 403 -16.08 44.84 30.30
C VAL A 403 -15.75 43.48 30.90
N THR A 404 -16.62 42.51 30.66
CA THR A 404 -16.60 41.23 31.37
C THR A 404 -16.58 41.47 32.87
N ASP A 405 -15.84 40.63 33.58
CA ASP A 405 -15.80 40.70 35.03
C ASP A 405 -14.36 40.82 35.49
N THR A 406 -13.65 39.73 35.31
CA THR A 406 -12.29 39.57 35.78
C THR A 406 -11.35 40.56 35.13
N ALA A 407 -11.74 41.06 33.97
CA ALA A 407 -10.89 41.98 33.23
C ALA A 407 -10.61 43.21 34.06
N LYS A 408 -11.58 43.57 34.90
CA LYS A 408 -11.38 44.64 35.83
C LYS A 408 -10.31 44.28 36.84
N ALA A 409 -10.13 42.99 37.08
CA ALA A 409 -9.15 42.55 38.07
C ALA A 409 -7.76 42.41 37.46
N LEU A 410 -7.69 41.69 36.35
CA LEU A 410 -6.41 41.40 35.74
C LEU A 410 -5.75 42.66 35.24
N ALA A 411 -6.56 43.61 34.81
CA ALA A 411 -6.02 44.89 34.38
C ALA A 411 -5.36 45.56 35.57
N ASP A 412 -5.94 45.34 36.75
CA ASP A 412 -5.41 45.97 37.95
C ASP A 412 -4.08 45.39 38.30
N VAL A 413 -4.02 44.06 38.38
CA VAL A 413 -2.78 43.45 38.80
C VAL A 413 -1.70 43.69 37.77
N ALA A 414 -2.11 43.79 36.51
CA ALA A 414 -1.16 44.12 35.48
C ALA A 414 -0.63 45.52 35.70
N THR A 415 -1.51 46.39 36.18
CA THR A 415 -1.12 47.77 36.37
C THR A 415 -0.10 47.86 37.48
N VAL A 416 -0.39 47.22 38.60
CA VAL A 416 0.51 47.32 39.73
C VAL A 416 1.83 46.69 39.37
N LEU A 417 1.77 45.66 38.53
CA LEU A 417 2.97 44.96 38.17
C LEU A 417 3.85 45.86 37.32
N GLY A 418 3.25 46.44 36.30
CA GLY A 418 4.02 47.21 35.35
C GLY A 418 4.57 48.44 36.03
N ARG A 419 3.76 49.00 36.92
CA ARG A 419 4.19 50.18 37.65
C ARG A 419 5.37 49.78 38.52
N ALA A 420 5.31 48.55 39.02
CA ALA A 420 6.39 48.03 39.85
C ALA A 420 7.65 47.90 39.01
N LEU A 421 7.46 47.60 37.73
CA LEU A 421 8.58 47.51 36.83
C LEU A 421 9.19 48.88 36.66
N TYR A 422 8.32 49.87 36.46
CA TYR A 422 8.77 51.22 36.23
C TYR A 422 9.56 51.75 37.41
N GLU A 423 9.16 51.37 38.61
CA GLU A 423 9.96 51.75 39.75
C GLU A 423 11.27 50.99 39.68
N LEU A 424 11.14 49.69 39.46
CA LEU A 424 12.29 48.82 39.44
C LEU A 424 13.17 49.16 38.25
N ALA A 425 12.57 49.76 37.24
CA ALA A 425 13.32 50.21 36.09
C ALA A 425 14.31 51.27 36.51
N GLY A 426 13.99 51.95 37.61
CA GLY A 426 14.76 53.08 38.06
C GLY A 426 14.04 54.36 37.72
N GLY A 427 12.83 54.22 37.19
CA GLY A 427 12.00 55.36 36.86
C GLY A 427 11.12 55.75 38.03
N ASP A 428 5.74 57.80 37.87
CA ASP A 428 4.81 58.49 36.98
C ASP A 428 3.54 57.66 36.84
N THR A 429 2.48 58.29 36.33
CA THR A 429 1.20 57.59 36.14
C THR A 429 1.28 56.54 35.05
N VAL A 430 0.58 55.44 35.24
CA VAL A 430 0.52 54.40 34.23
C VAL A 430 -0.66 53.47 34.51
N GLN A 431 -1.27 52.95 33.45
CA GLN A 431 -2.39 52.02 33.58
C GLN A 431 -2.66 51.31 32.26
N ALA A 432 -3.54 50.30 32.30
CA ALA A 432 -4.00 49.65 31.08
C ALA A 432 -5.51 49.40 31.15
N ASP A 433 -6.20 49.69 30.05
CA ASP A 433 -7.65 49.61 30.05
C ASP A 433 -8.14 48.18 30.03
N PRO A 434 -9.35 47.95 30.54
CA PRO A 434 -9.98 46.64 30.43
C PRO A 434 -10.14 46.23 28.98
N GLN A 435 -10.36 47.20 28.10
CA GLN A 435 -10.67 46.88 26.71
C GLN A 435 -9.63 45.97 26.10
N THR A 436 -8.36 46.29 26.23
CA THR A 436 -7.37 45.45 25.56
C THR A 436 -7.43 44.02 26.10
N VAL A 437 -7.52 43.92 27.42
CA VAL A 437 -7.48 42.63 28.07
C VAL A 437 -8.65 41.80 27.60
N THR A 438 -9.80 42.42 27.48
CA THR A 438 -10.99 41.66 27.14
C THR A 438 -10.80 41.02 25.77
N ARG A 439 -10.29 41.79 24.82
CA ARG A 439 -10.11 41.26 23.48
C ARG A 439 -9.12 40.11 23.47
N LEU A 440 -8.02 40.31 24.20
CA LEU A 440 -7.01 39.27 24.19
C LEU A 440 -7.65 38.01 24.72
N LEU A 441 -8.38 38.14 25.82
CA LEU A 441 -8.92 36.97 26.48
C LEU A 441 -9.90 36.27 25.55
N TYR A 442 -10.70 37.07 24.87
CA TYR A 442 -11.74 36.55 24.01
C TYR A 442 -11.17 35.72 22.88
N GLY A 443 -10.05 36.16 22.30
CA GLY A 443 -9.51 35.41 21.17
C GLY A 443 -9.17 33.98 21.60
N PHE A 444 -8.65 33.92 22.81
CA PHE A 444 -8.01 32.81 23.49
C PHE A 444 -9.01 31.88 24.10
N LEU A 445 -10.16 32.40 24.46
CA LEU A 445 -11.13 31.50 25.07
C LEU A 445 -12.28 31.14 24.15
N ILE A 446 -12.34 31.73 22.97
CA ILE A 446 -13.43 31.40 22.06
C ILE A 446 -13.04 31.36 20.58
N LYS A 447 -12.62 32.49 20.02
CA LYS A 447 -12.36 32.54 18.59
C LYS A 447 -10.87 32.43 18.30
N LEU A 448 -10.41 38.73 15.36
CA LEU A 448 -9.26 39.46 14.83
C LEU A 448 -8.39 38.61 13.93
N ARG A 449 -8.88 38.26 12.75
CA ARG A 449 -8.04 37.60 11.76
C ARG A 449 -7.17 38.65 11.10
N GLN A 450 -7.49 39.89 11.43
CA GLN A 450 -6.85 41.09 10.92
C GLN A 450 -5.40 41.17 11.36
N ASP A 451 -5.08 40.37 12.36
CA ASP A 451 -3.84 40.48 13.08
C ASP A 451 -2.58 40.23 12.25
N LEU A 452 -2.66 39.37 11.25
CA LEU A 452 -1.45 38.90 10.57
C LEU A 452 -1.62 38.23 9.20
N ARG A 453 -0.56 37.54 8.77
CA ARG A 453 -0.55 36.85 7.47
C ARG A 453 -0.21 35.36 7.58
N SER A 454 -1.23 34.52 7.76
CA SER A 454 -1.02 33.09 7.93
C SER A 454 -2.32 32.27 7.98
N TYR A 455 -2.31 31.33 8.91
CA TYR A 455 -3.38 30.35 9.12
C TYR A 455 -3.35 29.78 10.53
N LEU A 456 -4.50 29.34 11.01
CA LEU A 456 -4.62 28.82 12.36
C LEU A 456 -4.16 27.37 12.45
N GLY A 457 -5.08 26.44 12.17
CA GLY A 457 -4.85 25.03 12.44
C GLY A 457 -5.59 24.63 13.68
N ASP A 458 -6.39 25.56 14.20
CA ASP A 458 -7.13 25.40 15.44
C ASP A 458 -8.13 26.53 15.69
N GLY A 459 -9.12 26.27 16.55
CA GLY A 459 -10.23 27.19 16.81
C GLY A 459 -10.04 28.04 18.06
N PRO A 460 -10.85 27.80 19.10
CA PRO A 460 -10.44 28.39 20.37
C PRO A 460 -9.09 27.80 20.71
N LEU A 461 -8.16 28.59 21.20
CA LEU A 461 -6.79 28.10 21.28
C LEU A 461 -6.58 27.11 22.41
N GLN A 462 -5.64 26.20 22.19
CA GLN A 462 -5.18 25.31 23.23
C GLN A 462 -3.67 25.20 23.17
N HIS A 463 -3.07 24.99 24.33
CA HIS A 463 -1.69 25.39 24.52
C HIS A 463 -0.71 24.26 24.60
N TYR A 464 -1.18 23.07 24.28
CA TYR A 464 -0.31 21.91 24.33
C TYR A 464 0.81 22.10 23.33
N ILE A 465 2.01 21.67 23.68
CA ILE A 465 3.21 22.01 22.91
C ILE A 465 3.21 21.38 21.53
N ALA A 466 2.45 20.29 21.40
CA ALA A 466 2.47 19.47 20.21
C ALA A 466 3.91 19.12 19.92
N VAL A 467 4.32 19.25 18.67
CA VAL A 467 5.70 18.97 18.35
C VAL A 467 6.02 19.72 17.07
N SER A 468 7.30 20.00 16.87
CA SER A 468 7.74 20.71 15.69
C SER A 468 7.09 22.07 15.60
N SER A 469 7.33 22.75 14.49
CA SER A 469 6.55 23.91 14.11
C SER A 469 6.75 25.09 15.04
N PRO A 470 6.34 26.27 14.59
CA PRO A 470 6.15 27.39 15.50
C PRO A 470 5.12 27.03 16.56
N THR A 471 4.16 26.19 16.17
CA THR A 471 2.95 25.87 16.94
C THR A 471 2.07 27.10 17.06
N ASN A 472 0.76 26.89 16.95
CA ASN A 472 -0.14 28.01 16.70
C ASN A 472 -0.08 29.08 17.76
N THR A 473 0.12 28.68 19.00
CA THR A 473 0.12 29.66 20.08
C THR A 473 1.24 30.66 19.95
N THR A 474 2.44 30.15 19.72
CA THR A 474 3.62 30.99 19.80
C THR A 474 3.61 32.08 18.77
N TYR A 475 3.07 31.74 17.61
CA TYR A 475 3.10 32.61 16.46
C TYR A 475 2.19 33.79 16.77
N VAL A 476 1.06 33.44 17.37
CA VAL A 476 0.07 34.41 17.80
C VAL A 476 0.66 35.30 18.85
N VAL A 477 1.44 34.73 19.74
CA VAL A 477 2.05 35.53 20.78
C VAL A 477 2.99 36.54 20.16
N GLN A 478 3.74 36.11 19.16
CA GLN A 478 4.60 37.06 18.47
C GLN A 478 3.79 38.21 17.97
N TYR A 479 2.96 37.95 16.97
CA TYR A 479 2.35 39.08 16.30
C TYR A 479 1.41 39.88 17.18
N ALA A 480 0.81 39.25 18.18
CA ALA A 480 -0.01 40.01 19.10
C ALA A 480 0.87 40.94 19.91
N LEU A 481 2.04 40.44 20.27
CA LEU A 481 3.00 41.28 20.96
C LEU A 481 3.43 42.38 20.02
N ALA A 482 3.48 42.06 18.74
CA ALA A 482 3.93 43.02 17.76
C ALA A 482 2.97 44.18 17.64
N ASN A 483 1.68 43.89 17.50
CA ASN A 483 0.69 44.95 17.45
C ASN A 483 0.73 45.68 18.75
N LEU A 484 1.02 44.92 19.79
CA LEU A 484 1.03 45.51 21.10
C LEU A 484 2.16 46.50 21.14
N THR A 485 3.34 46.05 20.74
CA THR A 485 4.46 46.96 20.60
C THR A 485 4.45 47.51 19.18
N GLY A 486 3.44 48.32 18.88
CA GLY A 486 3.19 48.77 17.52
C GLY A 486 3.80 50.12 17.20
N THR A 487 4.79 50.51 17.98
CA THR A 487 5.30 51.88 17.96
C THR A 487 5.82 52.33 16.60
N VAL A 488 6.41 51.41 15.85
CA VAL A 488 6.97 51.77 14.56
C VAL A 488 6.09 51.25 13.44
N VAL A 489 5.97 52.02 12.37
CA VAL A 489 5.23 51.58 11.20
C VAL A 489 6.03 51.82 9.92
N UNK A 490 5.77 54.35 6.36
CA UNK A 490 6.01 54.22 4.93
C UNK A 490 6.70 52.91 4.62
N UNK A 491 5.92 51.89 4.26
CA UNK A 491 6.47 50.59 3.96
C UNK A 491 7.34 50.60 2.71
N UNK A 492 8.48 49.92 2.77
CA UNK A 492 9.25 49.66 1.57
C UNK A 492 8.61 48.49 0.84
N UNK A 493 7.78 47.75 1.57
CA UNK A 493 7.15 46.53 1.07
C UNK A 493 8.19 45.59 0.49
N UNK A 494 9.42 45.70 0.97
CA UNK A 494 10.52 44.88 0.50
C UNK A 494 10.36 43.46 1.01
N UNK A 495 10.96 42.51 0.31
CA UNK A 495 10.94 41.12 0.74
C UNK A 495 12.31 40.66 1.22
N UNK A 496 11.49 41.76 4.01
CA UNK A 496 11.71 43.18 4.25
C UNK A 496 13.11 43.45 4.76
N UNK A 497 13.94 42.41 4.80
CA UNK A 497 15.34 42.56 5.19
C UNK A 497 16.07 43.41 4.16
N UNK A 498 15.57 43.38 2.92
CA UNK A 498 16.11 44.22 1.88
C UNK A 498 15.84 45.69 2.23
N UNK A 499 14.69 45.93 2.84
CA UNK A 499 14.38 47.25 3.33
C UNK A 499 15.34 47.61 4.45
N UNK A 500 15.73 46.62 5.24
CA UNK A 500 16.70 46.83 6.31
C UNK A 500 18.05 47.22 5.72
N UNK A 501 18.37 46.66 4.56
CA UNK A 501 19.56 47.08 3.83
C UNK A 501 19.38 48.51 3.35
N UNK A 502 18.14 48.89 3.04
CA UNK A 502 17.84 50.25 2.62
C UNK A 502 17.53 51.15 3.81
N UNK A 503 17.39 50.55 4.99
CA UNK A 503 16.87 51.24 6.16
C UNK A 503 17.80 52.33 6.68
N UNK A 504 17.19 53.38 7.21
CA UNK A 504 17.90 54.34 8.01
C UNK A 504 18.37 53.65 9.28
N UNK A 505 17.67 52.59 9.67
CA UNK A 505 18.02 51.82 10.86
C UNK A 505 18.71 50.51 10.47
N UNK A 506 13.21 42.35 14.49
CA UNK A 506 12.98 43.72 14.91
C UNK A 506 12.23 44.51 13.84
N UNK A 507 11.74 43.79 12.84
CA UNK A 507 10.93 44.38 11.78
C UNK A 507 10.18 43.32 10.98
N UNK A 508 8.86 43.46 10.87
CA UNK A 508 8.04 42.49 10.15
C UNK A 508 6.73 43.11 9.69
N UNK A 509 6.16 42.55 8.63
CA UNK A 509 4.94 43.12 8.04
C UNK A 509 3.78 42.14 8.06
N UNK A 510 2.58 42.66 8.28
CA UNK A 510 1.36 41.86 8.25
C UNK A 510 0.18 42.77 7.98
N UNK A 511 -0.60 42.45 6.95
CA UNK A 511 -1.67 43.34 6.52
C UNK A 511 -2.76 43.50 7.55
N UNK A 512 -3.15 44.75 7.79
CA UNK A 512 -4.39 45.04 8.50
C UNK A 512 -5.54 44.68 7.59
N UNK A 513 -6.59 44.08 8.14
CA UNK A 513 -7.73 43.69 7.31
C UNK A 513 -8.94 44.58 7.60
N UNK A 514 -9.05 45.66 6.84
CA UNK A 514 -10.18 46.57 6.98
C UNK A 514 -10.41 47.36 5.68
N UNK A 515 -11.65 47.78 5.47
CA UNK A 515 -12.02 48.48 4.24
C UNK A 515 -12.34 49.94 4.49
N UNK A 516 -13.55 43.47 2.29
CA UNK A 516 -12.69 42.82 1.31
C UNK A 516 -11.34 43.52 1.26
N UNK A 517 -11.36 44.83 1.37
CA UNK A 517 -10.14 45.61 1.39
C UNK A 517 -9.34 45.34 2.65
N UNK A 518 -8.02 45.36 2.52
CA UNK A 518 -7.13 45.15 3.65
C UNK A 518 -5.83 45.94 3.46
N UNK A 519 -5.40 46.63 4.51
CA UNK A 519 -4.25 47.52 4.40
C UNK A 519 -2.98 46.89 4.95
N UNK A 520 -2.01 46.65 4.08
CA UNK A 520 -0.71 46.14 4.51
C UNK A 520 -0.03 47.17 5.40
N UNK A 521 0.74 46.70 6.37
CA UNK A 521 1.45 47.61 7.26
C UNK A 521 2.67 46.93 7.86
N UNK A 522 3.84 47.47 7.55
CA UNK A 522 5.06 47.04 8.21
C UNK A 522 5.12 47.62 9.61
N UNK A 523 5.78 46.91 10.51
CA UNK A 523 6.03 47.41 11.85
C UNK A 523 7.34 46.85 12.39
N UNK A 524 8.14 47.69 13.03
CA UNK A 524 9.42 47.23 13.52
C UNK A 524 9.18 46.26 14.66
N UNK A 525 8.81 46.81 15.82
CA UNK A 525 8.54 46.05 17.03
C UNK A 525 9.76 45.27 17.51
N UNK A 526 10.06 45.42 18.79
CA UNK A 526 11.16 44.71 19.38
C UNK A 526 10.84 43.24 19.46
N UNK A 527 11.89 42.42 19.51
CA UNK A 527 11.83 41.04 19.99
C UNK A 527 11.36 40.02 18.97
N THR A 528 11.83 38.79 19.18
CA THR A 528 11.64 37.73 18.23
C THR A 528 11.84 36.36 18.86
N ALA A 529 11.30 35.33 18.25
CA ALA A 529 11.32 34.00 18.85
C ALA A 529 12.74 33.51 19.03
N ARG A 530 12.93 32.69 20.05
CA ARG A 530 14.25 32.17 20.36
C ARG A 530 14.12 30.65 20.46
N LEU A 531 15.13 29.92 20.02
CA LEU A 531 15.03 28.47 19.91
C LEU A 531 14.85 27.83 21.28
N ALA A 532 14.11 26.74 21.35
CA ALA A 532 13.84 26.13 22.64
C ALA A 532 13.74 24.61 22.58
N ARG A 533 14.71 23.97 21.94
CA ARG A 533 14.79 22.51 21.95
C ARG A 533 15.11 22.10 23.38
N ALA A 534 14.62 20.97 23.82
CA ALA A 534 14.98 20.51 25.16
C ALA A 534 16.47 20.24 25.17
N LEU A 535 17.14 20.58 26.26
CA LEU A 535 18.58 20.32 26.31
C LEU A 535 18.78 18.81 26.39
N SER A 536 19.39 18.26 25.36
CA SER A 536 19.66 16.82 25.32
C SER A 536 20.66 16.43 24.22
N PRO A 537 20.56 17.02 23.02
CA PRO A 537 21.61 16.66 22.06
C PRO A 537 23.00 17.00 22.58
N ALA A 538 23.09 18.10 23.31
CA ALA A 538 24.35 18.59 23.88
C ALA A 538 25.37 18.94 22.81
N GLN A 539 19.12 12.55 21.09
CA GLN A 539 19.61 11.38 21.79
C GLN A 539 19.90 11.66 23.25
N TRP A 540 19.66 10.67 24.09
CA TRP A 540 19.88 10.77 25.51
C TRP A 540 21.30 11.18 25.83
N SER A 541 21.44 12.00 26.87
CA SER A 541 22.77 12.43 27.28
C SER A 541 22.88 12.53 28.80
N SER A 542 21.86 13.09 29.45
CA SER A 542 21.90 13.29 30.91
C SER A 542 20.52 13.40 31.55
N THR A 543 20.47 13.21 32.86
CA THR A 543 19.20 13.20 33.60
C THR A 543 18.75 14.58 34.09
N GLU A 544 19.71 15.38 34.56
CA GLU A 544 19.41 16.63 35.21
C GLU A 544 18.71 17.60 34.27
N TYR A 545 19.03 17.49 32.99
CA TYR A 545 18.49 18.40 32.00
C TYR A 545 17.15 18.00 31.45
N SER A 546 16.67 16.83 31.85
CA SER A 546 15.27 16.46 31.69
C SER A 546 14.82 16.25 30.24
N THR A 547 13.91 15.30 30.07
CA THR A 547 13.46 14.89 28.74
C THR A 547 11.98 14.58 28.66
N TRP A 548 11.39 14.84 27.50
CA TRP A 548 10.11 14.25 27.13
C TRP A 548 10.06 14.12 25.63
N THR A 549 9.30 13.15 25.16
CA THR A 549 9.23 12.83 23.74
C THR A 549 7.86 12.29 23.40
N GLU A 550 7.56 12.26 22.12
CA GLU A 550 6.26 11.81 21.67
C GLU A 550 6.41 10.69 20.66
N SER A 551 5.60 9.65 20.80
CA SER A 551 5.58 8.60 19.81
C SER A 551 4.96 9.09 18.52
N ARG A 552 5.51 8.67 17.41
CA ARG A 552 4.95 9.04 16.13
C ARG A 552 3.64 8.31 15.90
N TRP A 553 2.76 8.90 15.10
CA TRP A 553 1.44 8.34 14.86
C TRP A 553 1.40 7.27 13.81
N LYS A 554 0.20 7.03 13.31
CA LYS A 554 -0.06 6.11 12.22
C LYS A 554 -1.48 6.31 11.74
N ALA A 555 -2.08 7.43 12.11
CA ALA A 555 -3.47 7.72 11.77
C ALA A 555 -4.40 6.89 12.64
N ILE A 556 -4.98 7.52 13.66
CA ILE A 556 -5.80 6.80 14.62
C ILE A 556 -7.29 7.12 14.56
N ARG A 557 -8.10 6.08 14.73
CA ARG A 557 -9.54 6.24 14.80
C ARG A 557 -10.23 5.09 15.51
N ALA A 558 -11.46 5.34 15.90
CA ALA A 558 -12.34 4.29 16.37
C ALA A 558 -13.55 4.29 15.47
N ARG A 559 -14.23 3.16 15.38
CA ARG A 559 -15.44 3.16 14.57
C ARG A 559 -16.42 2.15 15.11
N ILE A 560 -17.69 2.53 15.08
CA ILE A 560 -18.74 1.66 15.54
C ILE A 560 -19.10 0.65 14.46
N PHE A 561 -19.59 -0.52 14.88
CA PHE A 561 -20.16 -1.46 13.93
C PHE A 561 -21.05 -2.47 14.63
N LEU A 562 -22.11 -2.88 13.94
CA LEU A 562 -22.98 -3.93 14.44
C LEU A 562 -22.16 -5.23 14.48
N ILE A 563 -22.23 -5.97 15.57
CA ILE A 563 -21.37 -7.15 15.69
C ILE A 563 -21.91 -8.32 14.89
N ALA A 564 -21.02 -9.19 14.48
CA ALA A 564 -21.40 -10.51 14.00
C ALA A 564 -21.01 -11.53 15.05
N SER A 565 -22.00 -12.22 15.63
CA SER A 565 -21.71 -13.24 16.64
C SER A 565 -20.91 -14.37 16.03
N UNK A 566 -19.88 -14.81 16.75
CA UNK A 566 -18.87 -15.70 16.18
C UNK A 566 -19.40 -17.05 15.73
N UNK A 567 -20.43 -17.52 16.42
CA UNK A 567 -20.96 -18.85 16.14
C UNK A 567 -21.52 -18.94 14.74
N UNK A 568 -22.33 -17.95 14.37
CA UNK A 568 -22.96 -17.97 13.06
C UNK A 568 -21.92 -17.88 11.96
N UNK A 569 -20.86 -17.12 12.20
CA UNK A 569 -19.80 -17.00 11.22
C UNK A 569 -19.10 -18.33 11.04
N UNK A 570 -18.88 -19.02 12.16
CA UNK A 570 -18.24 -20.31 12.08
C UNK A 570 -19.11 -21.24 11.29
N UNK A 571 -20.42 -21.07 11.45
CA UNK A 571 -21.36 -21.88 10.69
C UNK A 571 -21.21 -21.55 9.22
N UNK A 572 -20.88 -20.30 8.94
CA UNK A 572 -20.74 -19.88 7.56
C UNK A 572 -19.54 -20.56 6.92
N UNK A 573 -18.40 -20.53 7.62
CA UNK A 573 -17.21 -21.14 7.08
C UNK A 573 -17.40 -22.64 6.94
N UNK A 574 -18.14 -23.24 7.87
CA UNK A 574 -18.37 -24.68 7.84
C UNK A 574 -19.21 -25.05 6.63
N UNK A 575 -20.28 -24.30 6.42
CA UNK A 575 -21.16 -24.54 5.29
C UNK A 575 -20.38 -24.34 4.01
N UNK A 576 -19.42 -23.43 4.07
CA UNK A 576 -18.61 -23.12 2.91
C UNK A 576 -17.73 -24.30 2.52
N UNK A 577 -17.04 -24.85 3.51
CA UNK A 577 -16.20 -26.01 3.25
C UNK A 577 -17.06 -27.17 2.79
N UNK A 578 -18.29 -27.21 3.30
CA UNK A 578 -19.22 -28.27 2.92
C UNK A 578 -19.60 -28.18 1.45
N UNK A 579 -19.91 -26.97 0.99
CA UNK A 579 -20.26 -26.79 -0.41
C UNK A 579 -19.07 -27.11 -1.27
N UNK A 580 -17.88 -26.79 -0.77
CA UNK A 580 -16.68 -27.11 -1.51
C UNK A 580 -16.56 -28.61 -1.64
N UNK A 581 -17.01 -29.31 -0.60
CA UNK A 581 -16.92 -30.76 -0.58
C UNK A 581 -17.90 -31.39 -1.57
N UNK A 582 -19.14 -30.91 -1.55
CA UNK A 582 -20.13 -31.47 -2.46
C UNK A 582 -19.75 -31.19 -3.90
N UNK A 583 -19.15 -30.03 -4.13
CA UNK A 583 -18.67 -29.70 -5.47
C UNK A 583 -17.52 -30.63 -5.86
N UNK A 584 -16.69 -30.96 -4.86
CA UNK A 584 -15.60 -31.87 -5.10
C UNK A 584 -16.13 -33.26 -5.45
N UNK A 585 -17.25 -33.63 -4.85
CA UNK A 585 -17.92 -34.87 -5.19
C UNK A 585 -18.47 -34.80 -6.61
N UNK A 586 -18.88 -33.61 -7.01
CA UNK A 586 -19.39 -33.41 -8.36
C UNK A 586 -18.28 -33.53 -9.37
N UNK A 587 -17.05 -33.29 -8.93
CA UNK A 587 -15.91 -33.30 -9.84
C UNK A 587 -15.65 -34.67 -10.47
N UNK A 588 -16.09 -35.73 -9.82
CA UNK A 588 -15.91 -37.07 -10.35
C UNK A 588 -16.76 -37.30 -11.59
N UNK B 1 4.16 -22.49 -48.11
CA UNK B 1 4.64 -23.85 -47.83
C UNK B 1 5.36 -23.90 -46.49
N UNK B 2 6.65 -23.55 -46.51
CA UNK B 2 7.47 -23.57 -45.30
C UNK B 2 6.94 -22.58 -44.27
N UNK B 3 6.27 -21.55 -44.76
CA UNK B 3 5.69 -20.55 -43.89
C UNK B 3 4.68 -21.19 -42.95
N UNK B 4 4.02 -22.24 -43.43
CA UNK B 4 3.11 -23.01 -42.59
C UNK B 4 3.86 -23.69 -41.45
N UNK B 5 5.06 -24.16 -41.76
CA UNK B 5 5.92 -24.79 -40.75
C UNK B 5 6.33 -23.76 -39.72
N UNK B 6 6.63 -22.56 -40.19
CA UNK B 6 6.94 -21.46 -39.30
C UNK B 6 5.72 -21.11 -38.46
N UNK B 7 4.54 -21.32 -39.04
CA UNK B 7 3.30 -20.96 -38.39
C UNK B 7 3.00 -21.90 -37.24
N UNK B 8 3.07 -23.19 -37.50
CA UNK B 8 2.85 -24.17 -36.46
C UNK B 8 3.96 -24.03 -35.43
N UNK B 9 5.14 -23.64 -35.89
CA UNK B 9 6.25 -23.40 -34.99
C UNK B 9 5.93 -22.25 -34.05
N UNK B 10 5.20 -21.27 -34.58
CA UNK B 10 4.85 -20.08 -33.81
C UNK B 10 3.79 -20.40 -32.78
N UNK B 11 2.78 -21.15 -33.21
CA UNK B 11 1.72 -21.54 -32.30
C UNK B 11 2.30 -22.36 -31.18
N UNK B 12 3.10 -23.37 -31.54
CA UNK B 12 3.70 -24.25 -30.55
C UNK B 12 4.63 -23.48 -29.63
N HIS B 13 5.23 -22.43 -30.17
CA HIS B 13 6.02 -21.52 -29.36
C HIS B 13 5.18 -20.87 -28.28
N VAL B 14 4.09 -20.23 -28.70
CA VAL B 14 3.29 -19.45 -27.78
C VAL B 14 2.56 -20.34 -26.77
N ILE B 15 2.20 -21.53 -27.20
CA ILE B 15 1.46 -22.45 -26.34
C ILE B 15 2.31 -22.77 -25.13
N MET B 16 3.57 -23.04 -25.39
CA MET B 16 4.53 -23.27 -24.33
C MET B 16 4.70 -21.99 -23.56
N LEU B 17 4.62 -20.87 -24.26
CA LEU B 17 4.87 -19.57 -23.64
C LEU B 17 3.76 -19.13 -22.70
N PHE B 18 2.55 -19.61 -22.92
CA PHE B 18 1.39 -19.04 -22.25
C PHE B 18 1.41 -19.16 -20.74
N VAL B 19 1.29 -20.39 -20.26
CA VAL B 19 1.02 -20.66 -18.85
C VAL B 19 2.00 -20.04 -17.86
N PRO B 20 3.32 -20.18 -18.10
CA PRO B 20 4.23 -19.58 -17.13
C PRO B 20 4.04 -18.08 -16.98
N VAL B 21 3.69 -17.39 -18.05
CA VAL B 21 3.42 -15.96 -17.97
C VAL B 21 2.20 -15.68 -17.11
N THR B 22 1.23 -16.58 -17.21
CA THR B 22 0.02 -16.45 -16.41
C THR B 22 0.37 -16.54 -14.96
N LEU B 23 1.11 -17.59 -14.63
CA LEU B 23 1.50 -17.83 -13.26
C LEU B 23 2.36 -16.67 -12.79
N CYS B 24 3.08 -16.09 -13.73
CA CYS B 24 3.96 -14.96 -13.44
C CYS B 24 3.14 -13.76 -12.99
N MET B 25 2.11 -13.42 -13.75
CA MET B 25 1.27 -12.31 -13.36
C MET B 25 0.63 -12.60 -12.03
N VAL B 26 0.30 -13.87 -11.80
CA VAL B 26 -0.30 -14.25 -10.53
C VAL B 26 0.60 -13.90 -9.36
N VAL B 27 1.82 -14.42 -9.40
CA VAL B 27 2.75 -14.22 -8.30
C VAL B 27 3.09 -12.75 -8.16
N VAL B 28 3.17 -12.05 -9.28
CA VAL B 28 3.53 -10.64 -9.25
C VAL B 28 2.48 -9.82 -8.53
N VAL B 29 1.22 -10.04 -8.88
CA VAL B 29 0.17 -9.32 -8.20
C VAL B 29 0.18 -9.70 -6.74
N ALA B 30 0.49 -10.97 -6.48
CA ALA B 30 0.49 -11.45 -5.11
C ALA B 30 1.57 -10.76 -4.27
N THR B 31 2.65 -10.35 -4.91
CA THR B 31 3.72 -9.71 -4.16
C THR B 31 3.48 -8.20 -4.09
N ILE B 32 2.77 -7.67 -5.08
CA ILE B 32 2.36 -6.28 -5.02
C ILE B 32 1.36 -6.13 -3.89
N UNK B 33 0.69 -7.22 -3.56
CA UNK B 33 -0.34 -7.20 -2.53
C UNK B 33 0.24 -6.76 -1.19
N UNK B 34 1.53 -6.99 -1.00
CA UNK B 34 2.21 -6.54 0.20
C UNK B 34 3.14 -5.36 -0.11
N UNK B 35 12.03 15.80 -17.03
CA UNK B 35 11.32 14.62 -16.54
C UNK B 35 11.67 13.38 -17.35
N UNK B 36 12.09 13.59 -18.59
CA UNK B 36 12.43 12.47 -19.47
C UNK B 36 13.94 12.34 -19.70
N UNK B 37 14.72 13.23 -19.11
CA UNK B 37 16.16 13.25 -19.35
C UNK B 37 16.88 11.98 -18.87
N UNK B 38 16.40 11.41 -17.77
CA UNK B 38 16.96 10.15 -17.29
C UNK B 38 16.66 9.03 -18.27
N UNK B 39 15.48 9.09 -18.89
CA UNK B 39 15.12 8.12 -19.92
C UNK B 39 15.99 8.32 -21.15
N UNK B 40 16.38 9.57 -21.40
CA UNK B 40 17.33 9.84 -22.47
C UNK B 40 18.68 9.21 -22.14
N UNK B 41 19.02 9.20 -20.85
CA UNK B 41 20.23 8.51 -20.42
C UNK B 41 20.09 7.01 -20.67
N UNK B 42 18.87 6.51 -20.51
CA UNK B 42 18.60 5.10 -20.84
C UNK B 42 18.78 4.85 -22.33
N UNK B 43 18.42 5.82 -23.16
CA UNK B 43 18.63 5.70 -24.60
C UNK B 43 20.13 5.70 -24.90
N UNK B 44 20.89 6.45 -24.11
CA UNK B 44 22.33 6.44 -24.23
C UNK B 44 22.85 5.06 -23.86
N UNK B 45 22.18 4.40 -22.92
CA UNK B 45 22.51 3.02 -22.60
C UNK B 45 22.18 2.10 -23.77
N UNK B 46 21.15 2.43 -24.53
CA UNK B 46 20.77 1.63 -25.69
C UNK B 46 21.83 1.73 -26.78
N UNK B 47 22.30 2.95 -27.03
CA UNK B 47 23.38 3.15 -27.99
C UNK B 47 24.68 2.53 -27.49
N UNK B 48 24.86 2.50 -26.18
CA UNK B 48 26.06 1.93 -25.58
C UNK B 48 26.10 0.42 -25.77
N UNK B 49 24.99 -0.24 -25.50
CA UNK B 49 24.88 -1.67 -25.72
C UNK B 49 24.97 -1.98 -27.21
N UNK B 50 24.48 -1.07 -28.03
CA UNK B 50 24.62 -1.23 -29.48
C UNK B 50 26.09 -1.19 -29.88
N UNK B 51 26.85 -0.34 -29.22
CA UNK B 51 28.31 -0.30 -29.42
C UNK B 51 28.96 -1.58 -28.92
N UNK B 52 28.38 -2.16 -27.85
CA UNK B 52 28.90 -3.41 -27.33
C UNK B 52 28.67 -4.53 -28.32
N UNK B 53 27.61 -4.40 -29.11
CA UNK B 53 27.30 -5.37 -30.15
C UNK B 53 28.33 -5.34 -31.27
N UNK B 54 29.01 -4.21 -31.40
CA UNK B 54 30.02 -4.03 -32.44
C UNK B 54 31.40 -4.47 -31.96
N UNK B 55 28.36 -10.46 -15.83
CA UNK B 55 27.53 -11.57 -15.40
C UNK B 55 27.35 -11.57 -13.89
N UNK B 56 28.45 -11.36 -13.17
CA UNK B 56 28.41 -11.32 -11.71
C UNK B 56 27.60 -10.12 -11.22
N UNK B 57 27.53 -9.08 -12.04
CA UNK B 57 26.76 -7.90 -11.71
C UNK B 57 25.28 -8.26 -11.60
N UNK B 58 24.86 -9.25 -12.38
CA UNK B 58 23.49 -9.73 -12.27
C UNK B 58 23.26 -10.31 -10.89
N UNK B 59 24.28 -10.99 -10.37
CA UNK B 59 24.21 -11.51 -9.02
C UNK B 59 24.14 -10.35 -8.03
N LEU B 60 24.82 -9.27 -8.38
CA LEU B 60 24.81 -8.10 -7.52
C LEU B 60 23.40 -7.55 -7.40
N LEU B 61 22.73 -7.42 -8.53
CA LEU B 61 21.35 -6.95 -8.52
C LEU B 61 20.49 -7.93 -7.74
N LEU B 62 20.83 -9.20 -7.88
CA LEU B 62 20.05 -10.25 -7.24
C LEU B 62 20.03 -10.05 -5.75
N PHE B 63 21.21 -9.99 -5.14
CA PHE B 63 21.27 -9.79 -3.69
C PHE B 63 20.67 -8.44 -3.32
N PHE B 64 20.81 -7.48 -4.22
CA PHE B 64 20.37 -6.13 -3.94
C PHE B 64 18.87 -6.07 -3.71
N PHE B 65 18.11 -6.37 -4.76
CA PHE B 65 16.66 -6.36 -4.63
C PHE B 65 16.15 -7.45 -3.72
N SER B 66 16.86 -8.56 -3.60
CA SER B 66 16.39 -9.60 -2.70
C SER B 66 16.36 -9.01 -1.30
N PHE B 67 17.47 -8.40 -0.93
CA PHE B 67 17.58 -7.70 0.34
C PHE B 67 16.47 -6.70 0.53
N ILE B 68 16.35 -5.80 -0.43
CA ILE B 68 15.42 -4.70 -0.24
C ILE B 68 13.99 -5.17 -0.14
N TYR B 69 13.61 -6.06 -1.03
CA TYR B 69 12.23 -6.52 -1.06
C TYR B 69 11.88 -7.27 0.20
N LEU B 70 12.78 -8.14 0.62
CA LEU B 70 12.48 -8.92 1.81
C LEU B 70 12.40 -7.97 2.99
N GLY B 71 13.17 -6.88 2.94
CA GLY B 71 13.12 -5.89 3.99
C GLY B 71 11.75 -5.25 3.99
N GLU B 72 11.19 -5.06 2.80
CA GLU B 72 9.87 -4.49 2.69
C GLU B 72 8.89 -5.45 3.36
N VAL B 73 9.15 -6.74 3.19
CA VAL B 73 8.25 -7.72 3.75
C VAL B 73 8.25 -7.64 5.26
N PHE B 74 9.44 -7.60 5.84
CA PHE B 74 9.55 -7.50 7.28
C PHE B 74 8.98 -6.19 7.83
N LYS B 75 9.06 -5.12 7.06
CA LYS B 75 8.39 -3.91 7.49
C LYS B 75 6.90 -4.18 7.57
N THR B 76 6.36 -4.74 6.51
CA THR B 76 4.91 -4.83 6.36
C THR B 76 4.23 -5.65 7.43
N TYR B 77 4.93 -6.64 7.97
CA TYR B 77 4.36 -7.43 9.05
C TYR B 77 4.94 -7.08 10.40
N UNK B 78 6.12 -6.46 10.38
CA UNK B 78 6.76 -5.96 11.58
C UNK B 78 6.85 -7.02 12.66
N UNK B 79 7.12 -8.27 12.26
CA UNK B 79 7.24 -9.35 13.23
C UNK B 79 8.48 -10.20 12.93
N UNK B 80 14.09 -7.44 11.41
CA UNK B 80 14.39 -8.73 12.00
C UNK B 80 15.89 -8.90 12.22
N UNK B 81 16.27 -10.06 12.76
CA UNK B 81 17.68 -10.34 13.03
C UNK B 81 18.47 -10.37 11.74
N UNK B 82 19.62 -9.70 11.72
CA UNK B 82 20.41 -9.60 10.52
C UNK B 82 21.00 -10.93 10.07
N UNK B 83 21.32 -11.78 11.04
CA UNK B 83 22.07 -13.00 10.72
C UNK B 83 21.26 -13.96 9.88
N UNK B 84 20.05 -14.26 10.34
CA UNK B 84 19.21 -15.22 9.65
C UNK B 84 18.86 -14.70 8.27
N UNK B 85 18.68 -13.39 8.17
CA UNK B 85 18.40 -12.79 6.88
C UNK B 85 19.61 -12.98 6.00
N UNK B 86 20.78 -12.90 6.61
CA UNK B 86 22.01 -13.00 5.85
C UNK B 86 22.13 -14.39 5.26
N UNK B 87 21.91 -15.42 6.07
CA UNK B 87 22.02 -16.78 5.58
C UNK B 87 20.95 -17.04 4.55
N LEU B 88 19.80 -16.42 4.75
CA LEU B 88 18.67 -16.66 3.87
C LEU B 88 18.92 -16.13 2.48
N ILE B 89 19.28 -14.86 2.39
CA ILE B 89 19.60 -14.27 1.10
C ILE B 89 20.83 -14.92 0.49
N TRP B 90 21.76 -15.34 1.33
CA TRP B 90 22.94 -16.05 0.85
C TRP B 90 22.53 -17.31 0.12
N ASN B 91 21.62 -18.04 0.74
CA ASN B 91 21.25 -19.34 0.24
C ASN B 91 20.42 -19.20 -1.02
N PHE B 92 19.45 -18.30 -0.99
CA PHE B 92 18.61 -18.12 -2.16
C PHE B 92 19.42 -17.64 -3.34
N GLY B 93 20.33 -16.72 -3.08
CA GLY B 93 21.11 -16.17 -4.16
C GLY B 93 22.07 -17.19 -4.74
N UNK B 94 22.66 -17.98 -3.86
CA UNK B 94 23.58 -19.01 -4.32
C UNK B 94 22.82 -20.00 -5.18
N UNK B 95 21.58 -20.28 -4.79
CA UNK B 95 20.79 -21.26 -5.50
C UNK B 95 20.40 -20.74 -6.88
N UNK B 96 19.95 -19.50 -6.93
CA UNK B 96 19.57 -18.93 -8.20
C UNK B 96 20.77 -18.89 -9.11
N UNK B 97 21.92 -18.60 -8.53
CA UNK B 97 23.15 -18.51 -9.29
C UNK B 97 23.49 -19.87 -9.88
N UNK B 98 23.24 -20.91 -9.10
CA UNK B 98 23.49 -22.25 -9.60
C UNK B 98 22.57 -22.54 -10.75
N UNK B 99 21.35 -22.01 -10.67
CA UNK B 99 20.43 -22.18 -11.79
C UNK B 99 20.97 -21.43 -13.00
N UNK B 100 21.70 -20.35 -12.75
CA UNK B 100 22.26 -19.56 -13.83
C UNK B 100 23.44 -20.24 -14.52
N UNK B 101 24.25 -20.98 -13.75
CA UNK B 101 25.49 -21.51 -14.30
C UNK B 101 25.53 -23.03 -14.45
N UNK B 102 24.53 -23.74 -13.94
CA UNK B 102 24.62 -25.20 -13.94
C UNK B 102 23.30 -25.88 -14.30
N UNK B 103 22.31 -25.08 -14.69
CA UNK B 103 21.03 -25.59 -15.17
C UNK B 103 20.31 -26.48 -14.15
N UNK B 104 20.80 -27.70 -13.96
CA UNK B 104 20.13 -28.69 -13.11
C UNK B 104 18.69 -28.91 -13.56
N UNK B 105 17.83 -29.31 -12.63
CA UNK B 105 16.43 -29.57 -12.97
C UNK B 105 15.81 -28.29 -13.54
N UNK B 106 15.05 -28.42 -14.61
CA UNK B 106 14.64 -27.26 -15.38
C UNK B 106 13.49 -26.49 -14.74
N ARG B 107 12.50 -27.21 -14.24
CA ARG B 107 11.25 -26.61 -13.82
C ARG B 107 11.49 -25.55 -12.78
N LEU B 108 12.26 -25.97 -11.78
CA LEU B 108 12.62 -25.13 -10.66
C LEU B 108 13.44 -23.95 -11.16
N GLN B 109 14.15 -24.17 -12.25
CA GLN B 109 14.94 -23.10 -12.81
C GLN B 109 14.01 -22.04 -13.40
N GLN B 110 12.96 -22.46 -14.12
CA GLN B 110 11.99 -21.47 -14.60
C GLN B 110 11.33 -20.78 -13.42
N ALA B 111 11.20 -21.49 -12.31
CA ALA B 111 10.66 -20.85 -11.12
C ALA B 111 11.58 -19.72 -10.69
N TYR B 112 12.88 -19.95 -10.77
CA TYR B 112 13.79 -18.85 -10.50
C TYR B 112 13.62 -17.74 -11.50
N LEU B 113 13.32 -18.09 -12.75
CA LEU B 113 13.11 -17.07 -13.75
C LEU B 113 11.98 -16.13 -13.35
N ILE B 114 10.81 -16.72 -13.07
CA ILE B 114 9.66 -15.88 -12.75
C ILE B 114 9.86 -15.12 -11.45
N MET B 115 10.57 -15.72 -10.50
CA MET B 115 10.84 -14.99 -9.27
C MET B 115 11.64 -13.75 -9.62
N ILE B 116 12.58 -13.93 -10.53
CA ILE B 116 13.37 -12.80 -10.98
C ILE B 116 12.49 -11.78 -11.65
N SER B 117 11.47 -12.26 -12.35
CA SER B 117 10.58 -11.33 -13.02
C SER B 117 9.85 -10.49 -11.98
N ALA B 118 9.55 -11.11 -10.85
CA ALA B 118 8.85 -10.39 -9.80
C ALA B 118 9.73 -9.32 -9.20
N LEU B 119 10.96 -9.69 -8.85
CA LEU B 119 11.82 -8.71 -8.22
C LEU B 119 12.16 -7.57 -9.18
N MET B 120 12.33 -7.91 -10.45
CA MET B 120 12.56 -6.91 -11.47
C MET B 120 11.36 -5.99 -11.60
N UNK B 121 10.18 -6.54 -11.32
CA UNK B 121 8.99 -5.73 -11.34
C UNK B 121 9.00 -4.74 -10.17
N UNK B 122 9.41 -5.22 -9.01
CA UNK B 122 9.46 -4.34 -7.84
C UNK B 122 10.46 -3.23 -8.11
N UNK B 123 11.48 -3.55 -8.91
CA UNK B 123 12.49 -2.58 -9.28
C UNK B 123 11.86 -1.32 -9.86
N UNK B 124 11.36 -1.45 -11.09
CA UNK B 124 10.80 -0.30 -11.79
C UNK B 124 9.60 0.25 -11.06
N UNK B 125 8.89 -0.61 -10.34
CA UNK B 125 7.73 -0.14 -9.59
C UNK B 125 8.14 0.84 -8.51
N UNK B 126 9.31 0.64 -7.92
CA UNK B 126 9.71 1.49 -6.80
C UNK B 126 10.63 2.62 -7.22
N UNK B 127 11.36 2.42 -8.31
CA UNK B 127 12.38 3.39 -8.69
C UNK B 127 11.81 4.70 -9.23
N UNK B 128 10.84 4.62 -10.13
CA UNK B 128 10.31 5.81 -10.79
C UNK B 128 8.91 5.59 -11.33
N UNK B 129 2.49 11.26 -12.69
CA UNK B 129 3.15 11.74 -13.90
C UNK B 129 4.44 10.99 -14.17
N UNK B 130 5.27 10.86 -13.15
CA UNK B 130 6.59 10.22 -13.29
C UNK B 130 6.45 8.75 -13.66
N UNK B 131 5.32 8.15 -13.30
CA UNK B 131 5.09 6.74 -13.57
C UNK B 131 5.01 6.44 -15.06
N UNK B 132 4.55 7.40 -15.85
CA UNK B 132 4.41 7.21 -17.28
C UNK B 132 5.79 7.04 -17.91
N UNK B 133 6.81 7.58 -17.26
CA UNK B 133 8.18 7.39 -17.72
C UNK B 133 8.51 5.91 -17.69
N UNK B 134 8.07 5.24 -16.64
CA UNK B 134 8.24 3.80 -16.57
C UNK B 134 7.42 3.15 -17.67
N UNK B 135 6.23 3.69 -17.91
CA UNK B 135 5.42 3.21 -19.02
C UNK B 135 6.14 3.51 -20.31
N UNK B 136 6.84 4.64 -20.34
CA UNK B 136 7.62 4.99 -21.50
C UNK B 136 8.77 3.99 -21.64
N UNK B 137 9.27 3.53 -20.50
CA UNK B 137 10.33 2.54 -20.50
C UNK B 137 9.79 1.27 -21.10
N UNK B 138 8.48 1.08 -20.98
CA UNK B 138 7.82 -0.04 -21.62
C UNK B 138 7.47 0.31 -23.05
N UNK B 139 7.20 1.59 -23.30
CA UNK B 139 6.69 1.99 -24.60
C UNK B 139 7.72 1.71 -25.69
N UNK B 140 8.99 1.90 -25.38
CA UNK B 140 10.05 1.66 -26.36
C UNK B 140 10.05 0.19 -26.72
N ASP B 141 9.78 -0.64 -25.73
CA ASP B 141 9.72 -2.09 -25.93
C ASP B 141 8.63 -2.44 -26.93
N UNK B 142 7.56 -1.65 -26.94
CA UNK B 142 6.48 -1.91 -27.88
C UNK B 142 6.98 -1.64 -29.29
N UNK B 143 7.83 -0.64 -29.42
CA UNK B 143 8.41 -0.33 -30.72
C UNK B 143 9.28 -1.49 -31.17
N UNK B 144 9.94 -2.13 -30.21
CA UNK B 144 10.74 -3.31 -30.51
C UNK B 144 9.84 -4.45 -30.95
N UNK B 145 8.62 -4.49 -30.41
CA UNK B 145 7.64 -5.48 -30.83
C UNK B 145 6.99 -5.01 -32.12
N UNK B 146 7.17 -3.74 -32.42
CA UNK B 146 6.62 -3.17 -33.63
C UNK B 146 7.64 -3.23 -34.75
N UNK B 147 8.77 -2.56 -34.54
CA UNK B 147 9.76 -2.40 -35.59
C UNK B 147 10.33 -3.74 -36.06
N UNK B 148 10.55 -4.66 -35.12
CA UNK B 148 11.03 -5.97 -35.49
C UNK B 148 9.99 -6.69 -36.34
N UNK B 149 8.72 -6.48 -36.01
CA UNK B 149 7.66 -7.05 -36.82
C UNK B 149 7.71 -6.41 -38.20
N UNK B 150 8.08 -5.15 -38.24
CA UNK B 150 8.24 -4.45 -39.51
C UNK B 150 9.44 -5.01 -40.27
N UNK B 151 10.41 -5.55 -39.54
CA UNK B 151 11.51 -6.23 -40.21
C UNK B 151 10.96 -7.45 -40.92
N UNK B 152 9.96 -8.08 -40.31
CA UNK B 152 9.27 -9.19 -40.96
C UNK B 152 8.51 -8.65 -42.16
N UNK B 153 8.09 -7.39 -42.07
CA UNK B 153 7.43 -6.73 -43.19
C UNK B 153 8.42 -6.50 -44.33
N UNK B 154 9.72 -6.43 -43.99
CA UNK B 154 10.74 -6.35 -45.02
C UNK B 154 10.77 -7.66 -45.80
N UNK B 155 10.34 -8.73 -45.15
CA UNK B 155 10.30 -10.05 -45.78
C UNK B 155 8.87 -10.46 -46.12
N UNK B 156 7.97 -9.47 -46.15
CA UNK B 156 6.54 -9.74 -46.34
C UNK B 156 6.22 -10.40 -47.69
N UNK B 157 7.06 -10.15 -48.69
CA UNK B 157 6.86 -10.74 -50.01
C UNK B 157 8.17 -10.83 -50.78
N UNK B 158 12.27 -12.81 -20.30
CA UNK B 158 12.30 -12.00 -21.52
C UNK B 158 11.02 -11.19 -21.66
N UNK B 159 9.97 -11.83 -22.18
CA UNK B 159 8.66 -11.19 -22.33
C UNK B 159 8.10 -10.86 -20.95
N UNK B 160 8.60 -11.57 -19.96
CA UNK B 160 8.15 -11.42 -18.59
C UNK B 160 8.44 -10.00 -18.13
N UNK B 161 9.39 -9.36 -18.77
CA UNK B 161 9.62 -7.94 -18.53
C UNK B 161 8.41 -7.13 -18.96
N ASP B 162 7.85 -7.46 -20.11
CA ASP B 162 6.66 -6.74 -20.56
C ASP B 162 5.53 -7.05 -19.61
N UNK B 163 5.52 -8.27 -19.11
CA UNK B 163 4.54 -8.65 -18.11
C UNK B 163 4.75 -7.85 -16.84
N UNK B 164 5.97 -7.39 -16.64
CA UNK B 164 6.30 -6.60 -15.46
C UNK B 164 5.92 -5.14 -15.66
N UNK B 165 5.90 -4.68 -16.91
CA UNK B 165 5.33 -3.37 -17.17
C UNK B 165 3.85 -3.47 -16.89
N UNK B 166 3.29 -4.63 -17.20
CA UNK B 166 1.91 -4.91 -16.85
C UNK B 166 1.77 -4.92 -15.35
N UNK B 167 2.84 -5.33 -14.68
CA UNK B 167 2.86 -5.33 -13.23
C UNK B 167 2.85 -3.91 -12.68
N UNK B 168 3.60 -3.01 -13.32
CA UNK B 168 3.66 -1.63 -12.87
C UNK B 168 2.32 -0.97 -13.08
N UNK B 169 1.64 -1.36 -14.16
CA UNK B 169 0.28 -0.91 -14.37
C UNK B 169 -0.63 -1.51 -13.30
N UNK B 170 -0.27 -2.69 -12.85
CA UNK B 170 -1.09 -3.40 -11.86
C UNK B 170 -1.03 -2.69 -10.52
N UNK B 171 0.19 -2.40 -10.08
CA UNK B 171 0.40 -1.69 -8.83
C UNK B 171 -0.10 -0.27 -8.94
N UNK B 172 0.01 0.28 -10.14
CA UNK B 172 -0.49 1.63 -10.37
C UNK B 172 -1.98 1.61 -10.20
N UNK B 173 -2.59 0.49 -10.56
CA UNK B 173 -4.01 0.32 -10.33
C UNK B 173 -4.26 0.24 -8.84
N UNK B 174 -3.42 -0.54 -8.17
CA UNK B 174 -3.56 -0.77 -6.74
C UNK B 174 -3.33 0.50 -5.95
N UNK B 175 -2.63 1.43 -6.59
CA UNK B 175 -2.22 2.70 -6.01
C UNK B 175 -3.44 3.48 -5.60
N UNK B 176 -4.51 3.40 -6.41
CA UNK B 176 -5.73 4.07 -6.03
C UNK B 176 -6.16 3.45 -4.71
N UNK B 177 -6.05 2.13 -4.63
CA UNK B 177 -6.21 1.43 -3.37
C UNK B 177 -7.65 1.52 -2.88
N UNK B 178 -7.86 1.22 -1.61
CA UNK B 178 -9.14 1.47 -0.98
C UNK B 178 -10.23 0.82 -1.82
N UNK B 179 -9.94 -0.38 -2.31
CA UNK B 179 -10.66 -1.13 -3.35
C UNK B 179 -9.72 -1.45 -4.51
N UNK B 180 -9.93 -0.82 -5.66
CA UNK B 180 -9.15 -1.15 -6.84
C UNK B 180 -9.39 -2.63 -7.09
N TRP B 181 -8.33 -3.40 -7.30
CA TRP B 181 -8.49 -4.84 -7.47
C TRP B 181 -9.16 -5.03 -8.82
N ASN B 182 -10.31 -4.39 -8.96
CA ASN B 182 -11.11 -4.46 -10.17
C ASN B 182 -10.30 -4.06 -11.37
N THR B 183 -9.62 -2.93 -11.23
CA THR B 183 -8.84 -2.39 -12.31
C THR B 183 -7.69 -3.30 -12.68
N THR B 184 -6.97 -3.81 -11.68
CA THR B 184 -5.82 -4.62 -11.98
C THR B 184 -6.24 -5.91 -12.68
N ILE B 185 -7.41 -6.42 -12.33
CA ILE B 185 -7.95 -7.60 -12.97
C ILE B 185 -8.25 -7.28 -14.42
N ALA B 186 -8.79 -6.09 -14.62
CA ALA B 186 -9.13 -5.67 -15.96
C ALA B 186 -7.89 -5.65 -16.83
N CYS B 187 -6.83 -4.99 -16.35
CA CYS B 187 -5.63 -4.87 -17.16
C CYS B 187 -5.04 -6.25 -17.41
N PHE B 188 -5.18 -7.10 -16.40
CA PHE B 188 -4.73 -8.46 -16.47
C PHE B 188 -5.31 -9.23 -17.65
N VAL B 189 -6.62 -9.47 -17.59
CA VAL B 189 -7.24 -10.23 -18.65
C VAL B 189 -7.09 -9.51 -19.97
N ALA B 190 -7.00 -8.19 -19.91
CA ALA B 190 -6.87 -7.41 -21.13
C ALA B 190 -5.61 -7.82 -21.88
N ILE B 191 -4.48 -7.77 -21.19
CA ILE B 191 -3.23 -8.08 -21.86
C ILE B 191 -3.15 -9.54 -22.27
N LEU B 192 -3.60 -10.42 -21.37
CA LEU B 192 -3.48 -11.83 -21.68
C LEU B 192 -4.32 -12.17 -22.92
N ILE B 193 -5.47 -11.52 -23.03
CA ILE B 193 -6.30 -11.68 -24.21
C ILE B 193 -5.66 -11.02 -25.43
N GLY B 194 -4.85 -9.99 -25.22
CA GLY B 194 -4.16 -9.38 -26.34
C GLY B 194 -3.28 -10.43 -26.97
N LEU B 195 -2.52 -11.12 -26.14
CA LEU B 195 -1.66 -12.17 -26.65
C LEU B 195 -2.48 -13.32 -27.26
N CYS B 196 -3.47 -13.81 -26.53
CA CYS B 196 -4.19 -14.99 -27.02
C CYS B 196 -4.85 -14.70 -28.36
N LEU B 197 -5.29 -13.47 -28.56
CA LEU B 197 -5.81 -13.09 -29.86
C LEU B 197 -4.69 -12.95 -30.88
N THR B 198 -3.46 -12.67 -30.45
CA THR B 198 -2.40 -12.66 -31.46
C THR B 198 -2.22 -14.11 -31.90
N LEU B 199 -2.67 -15.04 -31.08
CA LEU B 199 -2.79 -16.42 -31.58
C LEU B 199 -4.00 -16.64 -32.48
N LEU B 200 -5.16 -16.18 -32.05
CA LEU B 200 -6.35 -16.46 -32.84
C LEU B 200 -6.35 -15.70 -34.16
N UNK B 201 -5.71 -14.54 -34.18
CA UNK B 201 -5.50 -13.85 -35.44
C UNK B 201 -4.54 -14.68 -36.27
N UNK B 202 -3.66 -15.40 -35.60
CA UNK B 202 -2.73 -16.28 -36.28
C UNK B 202 -3.44 -17.55 -36.73
N UNK B 203 -4.60 -17.82 -36.17
CA UNK B 203 -5.42 -18.91 -36.69
C UNK B 203 -5.85 -18.57 -38.11
N UNK B 204 -6.07 -17.29 -38.35
CA UNK B 204 -6.14 -16.74 -39.71
C UNK B 204 -4.73 -16.64 -40.25
N UNK B 205 -4.59 -16.63 -41.58
CA UNK B 205 -3.28 -16.58 -42.20
C UNK B 205 -2.48 -15.32 -41.83
N UNK B 206 -1.31 -15.19 -42.47
CA UNK B 206 -0.39 -14.08 -42.24
C UNK B 206 0.04 -13.99 -40.78
N UNK B 207 0.46 -12.17 -38.28
CA UNK B 207 0.91 -12.77 -37.03
C UNK B 207 2.41 -12.59 -36.86
N UNK B 208 2.79 -11.53 -36.15
CA UNK B 208 4.19 -11.25 -35.85
C UNK B 208 4.31 -10.43 -34.57
N UNK B 209 3.88 -9.18 -34.65
CA UNK B 209 3.84 -8.30 -33.49
C UNK B 209 2.80 -8.81 -32.51
N UNK B 210 2.99 -8.51 -31.22
CA UNK B 210 2.05 -8.99 -30.22
C UNK B 210 1.81 -7.97 -29.10
N UNK B 211 2.89 -7.56 -28.45
CA UNK B 211 2.79 -6.75 -27.25
C UNK B 211 2.10 -5.42 -27.51
N UNK B 212 2.27 -4.92 -28.73
CA UNK B 212 1.73 -3.62 -29.08
C UNK B 212 0.20 -3.59 -29.00
N UNK B 213 -0.44 -4.71 -29.31
CA UNK B 213 -1.90 -4.77 -29.27
C UNK B 213 -2.39 -4.73 -27.82
N UNK B 214 -1.81 -5.60 -27.01
CA UNK B 214 -2.22 -5.73 -25.62
C UNK B 214 -1.93 -4.47 -24.85
N UNK B 215 -0.88 -3.77 -25.25
CA UNK B 215 -0.55 -2.50 -24.61
C UNK B 215 -1.59 -1.46 -24.99
N UNK B 216 -1.87 -1.40 -26.29
CA UNK B 216 -2.75 -0.37 -26.82
C UNK B 216 -4.14 -0.50 -26.24
N UNK B 217 -4.56 -1.73 -25.98
CA UNK B 217 -5.81 -1.90 -25.27
C UNK B 217 -5.62 -1.57 -23.80
N GLY B 218 -4.47 -2.00 -23.27
CA GLY B 218 -4.27 -2.04 -21.83
C GLY B 218 -4.24 -0.69 -21.16
N LEU B 219 -3.64 0.29 -21.82
CA LEU B 219 -3.64 1.63 -21.24
C LEU B 219 -5.08 2.12 -21.16
N VAL B 220 -5.85 1.78 -22.19
CA VAL B 220 -7.22 2.23 -22.28
C VAL B 220 -8.02 1.63 -21.14
N PHE B 221 -7.78 0.36 -20.86
CA PHE B 221 -8.43 -0.26 -19.72
C PHE B 221 -8.01 0.40 -18.43
N TYR B 222 -6.75 0.79 -18.35
CA TYR B 222 -6.25 1.36 -17.12
C TYR B 222 -7.03 2.64 -16.81
N PHE B 223 -7.01 3.55 -17.76
CA PHE B 223 -7.67 4.83 -17.57
C PHE B 223 -9.18 4.70 -17.42
N ALA B 224 -9.81 4.02 -18.37
CA ALA B 224 -11.26 3.97 -18.37
C ALA B 224 -11.79 3.26 -17.13
N THR B 225 -11.11 2.21 -16.71
CA THR B 225 -11.54 1.49 -15.53
C THR B 225 -11.36 2.39 -14.32
N ASP B 226 -10.34 3.24 -14.35
CA ASP B 226 -10.20 4.19 -13.25
C ASP B 226 -11.42 5.10 -13.18
N TYR B 227 -11.74 5.77 -14.28
CA TYR B 227 -12.84 6.74 -14.24
C TYR B 227 -14.20 6.10 -14.11
N LEU B 228 -14.45 5.08 -14.92
CA LEU B 228 -15.81 4.76 -15.30
C LEU B 228 -16.45 3.63 -14.53
N VAL B 229 -15.98 2.42 -14.81
CA VAL B 229 -16.65 1.23 -14.36
C VAL B 229 -16.77 1.11 -12.86
N GLN B 230 -15.67 1.40 -12.18
CA GLN B 230 -15.58 1.10 -10.77
C GLN B 230 -16.67 1.80 -9.93
N PRO B 231 -16.82 3.13 -10.07
CA PRO B 231 -17.90 3.76 -9.30
C PRO B 231 -19.28 3.21 -9.64
N PHE B 232 -19.46 2.87 -10.90
CA PHE B 232 -20.74 2.39 -11.38
C PHE B 232 -21.10 1.04 -10.79
N ALA B 233 -20.17 0.11 -10.89
CA ALA B 233 -20.36 -1.22 -10.35
C ALA B 233 -20.47 -1.14 -8.84
N ASP B 234 -19.83 -0.14 -8.26
CA ASP B 234 -19.93 0.07 -6.83
C ASP B 234 -21.35 0.43 -6.44
N GLN B 235 -21.92 1.40 -7.16
CA GLN B 235 -23.26 1.84 -6.84
C GLN B 235 -24.24 0.71 -7.13
N LEU B 236 -23.88 -0.12 -8.10
CA LEU B 236 -24.60 -1.36 -8.35
C LEU B 236 -24.65 -2.19 -7.09
N ALA B 237 -23.48 -2.66 -6.67
CA ALA B 237 -23.37 -3.65 -5.62
C ALA B 237 -23.92 -3.10 -4.32
N PHE B 238 -23.97 -1.78 -4.24
CA PHE B 238 -24.50 -1.14 -3.05
C PHE B 238 -25.93 -1.61 -2.84
N HIS B 239 -26.59 -1.94 -3.95
CA HIS B 239 -27.83 -2.67 -3.89
C HIS B 239 -27.56 -4.08 -4.39
N UNK B 240 -28.45 -5.02 -4.07
CA UNK B 240 -28.17 -6.41 -4.36
C UNK B 240 -28.09 -6.69 -5.86
N UNK B 241 -28.68 -5.80 -6.66
CA UNK B 241 -28.77 -5.97 -8.10
C UNK B 241 -27.45 -6.37 -8.75
N UNK C 1 -11.39 -12.41 11.82
CA UNK C 1 -12.71 -12.47 11.20
C UNK C 1 -12.60 -12.77 9.72
N UNK C 2 -11.63 -13.59 9.36
CA UNK C 2 -11.41 -13.96 7.97
C UNK C 2 -12.33 -15.10 7.54
N UNK C 3 -13.00 -15.73 8.51
CA UNK C 3 -13.78 -16.92 8.23
C UNK C 3 -14.93 -16.66 7.27
N UNK C 4 -15.51 -15.47 7.37
CA UNK C 4 -16.56 -15.11 6.42
C UNK C 4 -15.94 -14.98 5.05
N UNK C 5 -14.79 -14.31 5.00
CA UNK C 5 -14.10 -14.09 3.75
C UNK C 5 -13.66 -15.41 3.17
N UNK C 6 -13.27 -16.33 4.05
CA UNK C 6 -12.91 -17.66 3.62
C UNK C 6 -14.15 -18.35 3.05
N UNK C 7 -15.31 -17.98 3.57
CA UNK C 7 -16.55 -18.60 3.11
C UNK C 7 -16.91 -18.16 1.71
N UNK C 8 -16.90 -16.86 1.48
CA UNK C 8 -17.25 -16.35 0.17
C UNK C 8 -16.22 -16.86 -0.82
N UNK C 9 -14.99 -16.98 -0.33
CA UNK C 9 -13.92 -17.54 -1.14
C UNK C 9 -14.25 -18.97 -1.49
N UNK C 10 -14.92 -19.67 -0.58
CA UNK C 10 -15.35 -21.03 -0.86
C UNK C 10 -16.46 -21.05 -1.89
N UNK C 11 -17.21 -19.96 -2.02
CA UNK C 11 -18.21 -19.91 -3.07
C UNK C 11 -17.54 -19.75 -4.44
N UNK C 12 -16.66 -18.76 -4.53
CA UNK C 12 -15.97 -18.51 -5.79
C UNK C 12 -15.15 -19.75 -6.16
N UNK C 13 -14.64 -20.42 -5.14
CA UNK C 13 -13.95 -21.68 -5.34
C UNK C 13 -14.92 -22.77 -5.75
N UNK C 14 -16.18 -22.58 -5.36
CA UNK C 14 -17.24 -23.50 -5.76
C UNK C 14 -17.33 -23.41 -7.26
N UNK C 15 -16.99 -22.25 -7.81
CA UNK C 15 -16.79 -22.16 -9.26
C UNK C 15 -15.42 -22.68 -9.73
N UNK C 16 -14.39 -22.48 -8.89
CA UNK C 16 -13.04 -22.87 -9.27
C UNK C 16 -12.93 -24.38 -9.44
N UNK C 17 -13.82 -25.13 -8.82
CA UNK C 17 -13.84 -26.57 -8.98
C UNK C 17 -14.14 -26.90 -10.43
N UNK C 18 -15.14 -26.24 -10.96
CA UNK C 18 -15.48 -26.41 -12.36
C UNK C 18 -14.31 -25.93 -13.20
N UNK C 19 -13.59 -24.93 -12.69
CA UNK C 19 -12.41 -24.45 -13.41
C UNK C 19 -11.32 -25.52 -13.48
N UNK C 20 -11.29 -26.38 -12.46
CA UNK C 20 -10.24 -27.38 -12.36
C UNK C 20 -10.55 -28.63 -13.14
N UNK C 21 -11.78 -29.11 -13.03
CA UNK C 21 -12.12 -30.39 -13.64
C UNK C 21 -12.40 -30.27 -15.13
N UNK C 22 -12.51 -29.04 -15.61
CA UNK C 22 -12.81 -28.84 -17.02
C UNK C 22 -11.52 -28.72 -17.82
N UNK C 23 -11.22 -27.49 -18.25
CA UNK C 23 -10.05 -27.24 -19.08
C UNK C 23 -8.77 -27.57 -18.33
N UNK C 24 -8.80 -27.45 -17.01
CA UNK C 24 -7.63 -27.74 -16.22
C UNK C 24 -7.49 -29.23 -16.01
N UNK C 25 -6.21 -28.84 -21.13
CA UNK C 25 -5.49 -28.56 -22.36
C UNK C 25 -5.22 -27.08 -22.50
N UNK C 26 -4.02 -26.73 -22.95
CA UNK C 26 -3.65 -25.34 -23.09
C UNK C 26 -4.53 -24.65 -24.12
N UNK C 27 -4.93 -25.40 -25.14
CA UNK C 27 -5.80 -24.84 -26.15
C UNK C 27 -7.11 -24.43 -25.52
N UNK C 28 -7.59 -25.25 -24.60
CA UNK C 28 -8.79 -24.92 -23.87
C UNK C 28 -8.53 -23.68 -23.01
N UNK C 29 -7.32 -23.56 -22.50
CA UNK C 29 -7.00 -22.43 -21.64
C UNK C 29 -7.07 -21.15 -22.44
N UNK C 30 -6.64 -21.22 -23.69
CA UNK C 30 -6.80 -20.09 -24.59
C UNK C 30 -8.27 -19.87 -24.86
N UNK C 31 -9.01 -20.97 -24.90
CA UNK C 31 -10.42 -20.91 -25.24
C UNK C 31 -11.24 -20.19 -24.18
N UNK C 32 -10.80 -20.26 -22.93
CA UNK C 32 -11.57 -19.70 -21.84
C UNK C 32 -11.00 -18.37 -21.36
N UNK C 33 -9.68 -18.30 -21.24
CA UNK C 33 -9.04 -17.07 -20.80
C UNK C 33 -9.23 -15.97 -21.83
N UNK C 34 -9.45 -16.36 -23.08
CA UNK C 34 -9.68 -15.38 -24.11
C UNK C 34 -11.15 -15.38 -24.53
N UNK C 35 -12.00 -14.90 -23.62
CA UNK C 35 -13.41 -14.76 -23.91
C UNK C 35 -13.96 -13.70 -22.97
N UNK C 36 -13.17 -13.38 -21.96
CA UNK C 36 -13.53 -12.35 -21.03
C UNK C 36 -13.62 -11.00 -21.72
N UNK C 37 -12.89 -10.85 -22.81
CA UNK C 37 -12.77 -9.55 -23.46
C UNK C 37 -14.13 -9.05 -23.91
N UNK C 38 -15.01 -9.99 -24.23
CA UNK C 38 -16.36 -9.62 -24.57
C UNK C 38 -17.02 -8.97 -23.35
N UNK C 39 -16.87 -9.60 -22.19
CA UNK C 39 -17.46 -9.05 -20.97
C UNK C 39 -16.83 -7.72 -20.66
N UNK C 40 -15.56 -7.56 -20.99
CA UNK C 40 -14.86 -6.32 -20.74
C UNK C 40 -15.46 -5.21 -21.57
N UNK C 41 -15.71 -5.52 -22.84
CA UNK C 41 -16.34 -4.55 -23.71
C UNK C 41 -17.73 -4.22 -23.19
N UNK C 42 -18.37 -5.23 -22.62
CA UNK C 42 -19.74 -5.06 -22.16
C UNK C 42 -19.77 -4.06 -21.02
N UNK C 43 -18.91 -4.29 -20.04
CA UNK C 43 -18.82 -3.41 -18.89
C UNK C 43 -18.39 -2.03 -19.34
N UNK C 44 -17.59 -1.98 -20.41
CA UNK C 44 -17.09 -0.71 -20.91
C UNK C 44 -18.23 0.14 -21.47
N UNK C 45 -18.89 -0.37 -22.50
CA UNK C 45 -19.92 0.41 -23.16
C UNK C 45 -21.06 0.69 -22.19
N UNK C 46 -21.33 -0.27 -21.32
CA UNK C 46 -22.41 -0.09 -20.37
C UNK C 46 -22.08 1.04 -19.38
N UNK C 47 -20.85 1.04 -18.89
CA UNK C 47 -20.45 2.09 -17.96
C UNK C 47 -20.46 3.43 -18.67
N UNK C 48 -20.14 3.43 -19.96
CA UNK C 48 -20.17 4.66 -20.71
C UNK C 48 -21.60 5.16 -20.77
N UNK C 49 -22.54 4.23 -20.82
CA UNK C 49 -23.94 4.60 -20.86
C UNK C 49 -24.40 5.19 -19.54
N UNK C 50 -24.05 4.52 -18.45
CA UNK C 50 -24.46 5.02 -17.14
C UNK C 50 -23.84 6.38 -16.87
N UNK C 51 -22.63 6.58 -17.38
CA UNK C 51 -21.98 7.88 -17.29
C UNK C 51 -22.69 8.91 -18.16
N UNK C 52 -23.21 8.47 -19.30
CA UNK C 52 -23.93 9.38 -20.18
C UNK C 52 -25.18 9.85 -19.48
N UNK C 53 -25.78 8.96 -18.71
CA UNK C 53 -26.88 9.34 -17.83
C UNK C 53 -26.37 10.25 -16.71
N UNK C 54 -25.12 10.05 -16.30
CA UNK C 54 -24.55 10.85 -15.23
C UNK C 54 -24.39 12.29 -15.68
N UNK C 55 -24.26 12.47 -16.99
CA UNK C 55 -24.25 13.81 -17.56
C UNK C 55 -25.58 14.50 -17.29
N UNK C 56 -26.63 13.69 -17.19
CA UNK C 56 -27.97 14.20 -16.91
C UNK C 56 -28.31 14.10 -15.42
N UNK C 57 -36.75 8.54 -9.16
CA UNK C 57 -36.00 9.48 -9.99
C UNK C 57 -34.72 8.84 -10.52
N UNK C 58 -33.58 9.24 -9.96
CA UNK C 58 -32.29 8.77 -10.44
C UNK C 58 -32.08 7.27 -10.26
N UNK C 59 -32.68 6.70 -9.23
CA UNK C 59 -32.50 5.27 -8.97
C UNK C 59 -33.09 4.49 -10.13
N UNK C 60 -34.17 5.03 -10.68
CA UNK C 60 -34.77 4.42 -11.86
C UNK C 60 -33.81 4.54 -13.02
N UNK C 61 -33.04 5.62 -13.06
CA UNK C 61 -32.11 5.83 -14.16
C UNK C 61 -31.03 4.77 -14.11
N UNK C 62 -30.53 4.52 -12.91
CA UNK C 62 -29.52 3.48 -12.74
C UNK C 62 -30.14 2.13 -13.07
N UNK C 63 -31.43 1.99 -12.78
CA UNK C 63 -32.11 0.73 -13.03
C UNK C 63 -32.18 0.43 -14.52
N UNK C 64 -32.61 1.44 -15.28
CA UNK C 64 -32.74 1.29 -16.71
C UNK C 64 -31.37 1.07 -17.32
N UNK C 65 -30.37 1.73 -16.73
CA UNK C 65 -29.01 1.58 -17.22
C UNK C 65 -28.59 0.13 -17.00
N UNK C 66 -29.06 -0.45 -15.91
CA UNK C 66 -28.71 -1.81 -15.57
C UNK C 66 -29.34 -2.78 -16.55
N UNK C 67 -30.63 -2.61 -16.78
CA UNK C 67 -31.33 -3.51 -17.67
C UNK C 67 -30.77 -3.42 -19.08
N UNK C 68 -30.43 -2.21 -19.49
CA UNK C 68 -29.85 -2.02 -20.80
C UNK C 68 -28.48 -2.66 -20.88
N UNK C 69 -27.77 -2.66 -19.75
CA UNK C 69 -26.40 -3.09 -19.76
C UNK C 69 -26.25 -4.57 -20.09
N UNK C 70 -27.00 -5.41 -19.40
CA UNK C 70 -26.82 -6.85 -19.53
C UNK C 70 -27.12 -7.33 -20.93
N UNK C 71 -28.07 -6.65 -21.58
CA UNK C 71 -28.47 -7.02 -22.92
C UNK C 71 -27.30 -6.87 -23.86
N UNK C 72 -26.50 -5.83 -23.62
CA UNK C 72 -25.35 -5.59 -24.48
C UNK C 72 -24.38 -6.73 -24.32
N UNK C 73 -24.26 -7.22 -23.08
CA UNK C 73 -23.37 -8.33 -22.81
C UNK C 73 -23.89 -9.57 -23.51
N UNK C 74 -25.20 -9.67 -23.63
CA UNK C 74 -25.80 -10.83 -24.26
C UNK C 74 -25.50 -10.83 -25.75
N UNK C 75 -25.74 -9.69 -26.40
CA UNK C 75 -25.52 -9.60 -27.83
C UNK C 75 -24.06 -9.78 -28.15
N UNK C 76 -23.21 -9.24 -27.29
CA UNK C 76 -21.77 -9.39 -27.45
C UNK C 76 -21.38 -10.83 -27.25
N UNK C 77 -22.15 -11.53 -26.43
CA UNK C 77 -21.89 -12.94 -26.19
C UNK C 77 -22.22 -13.76 -27.43
N UNK C 78 -23.36 -13.46 -28.03
CA UNK C 78 -23.75 -14.15 -29.25
C UNK C 78 -22.74 -13.86 -30.33
N UNK C 79 -22.21 -12.65 -30.31
CA UNK C 79 -21.16 -12.30 -31.26
C UNK C 79 -19.92 -13.12 -30.98
N UNK C 80 -19.66 -13.39 -29.70
CA UNK C 80 -18.52 -14.21 -29.35
C UNK C 80 -18.72 -15.60 -29.89
N UNK C 81 -19.98 -16.03 -29.93
CA UNK C 81 -20.30 -17.32 -30.50
C UNK C 81 -20.04 -17.30 -32.00
N UNK C 82 -20.35 -16.18 -32.64
CA UNK C 82 -20.09 -16.05 -34.07
C UNK C 82 -18.61 -16.10 -34.36
N UNK C 83 -17.82 -15.54 -33.44
CA UNK C 83 -16.39 -15.49 -33.63
C UNK C 83 -15.78 -16.86 -33.42
N UNK C 84 -16.24 -17.53 -32.37
CA UNK C 84 -15.74 -18.86 -32.07
C UNK C 84 -16.13 -19.81 -33.18
N UNK C 85 -17.29 -19.59 -33.76
CA UNK C 85 -17.71 -20.38 -34.91
C UNK C 85 -16.82 -20.05 -36.10
N UNK C 86 -16.37 -18.80 -36.16
CA UNK C 86 -15.48 -18.37 -37.23
C UNK C 86 -14.11 -19.01 -37.05
N UNK C 87 -13.79 -19.41 -35.83
CA UNK C 87 -12.50 -19.98 -35.52
C UNK C 87 -12.28 -21.29 -36.26
N UNK C 88 -13.38 -21.95 -36.59
CA UNK C 88 -13.33 -23.22 -37.30
C UNK C 88 -12.66 -23.09 -38.66
N UNK C 89 -14.00 -30.62 -28.52
CA UNK C 89 -15.36 -30.59 -29.06
C UNK C 89 -15.86 -29.16 -29.14
N UNK C 90 -16.74 -28.90 -30.10
CA UNK C 90 -17.39 -27.60 -30.18
C UNK C 90 -18.20 -27.43 -28.92
N UNK C 91 -18.73 -28.55 -28.42
CA UNK C 91 -19.44 -28.53 -27.16
C UNK C 91 -18.49 -28.17 -26.04
N UNK C 92 -17.26 -28.67 -26.13
CA UNK C 92 -16.27 -28.34 -25.13
C UNK C 92 -15.97 -26.85 -25.20
N UNK C 93 -16.00 -26.31 -26.41
CA UNK C 93 -15.81 -24.88 -26.59
C UNK C 93 -16.95 -24.13 -25.92
N UNK C 94 -18.13 -24.71 -25.98
CA UNK C 94 -19.29 -24.07 -25.37
C UNK C 94 -19.13 -24.04 -23.86
N UNK C 95 -18.64 -25.14 -23.30
CA UNK C 95 -18.42 -25.20 -21.87
C UNK C 95 -17.34 -24.21 -21.50
N UNK C 96 -16.41 -23.99 -22.42
CA UNK C 96 -15.30 -23.10 -22.14
C UNK C 96 -15.75 -21.65 -22.08
N UNK C 97 -16.39 -21.18 -23.14
CA UNK C 97 -16.82 -19.80 -23.17
C UNK C 97 -17.87 -19.56 -22.10
N UNK C 98 -18.71 -20.56 -21.88
CA UNK C 98 -19.77 -20.44 -20.89
C UNK C 98 -19.16 -20.30 -19.51
N UNK C 99 -18.07 -21.02 -19.27
CA UNK C 99 -17.36 -20.85 -18.03
C UNK C 99 -16.73 -19.48 -17.95
N UNK C 100 -16.30 -18.94 -19.09
CA UNK C 100 -15.62 -17.66 -19.08
C UNK C 100 -16.55 -16.53 -18.68
N UNK C 101 -17.68 -16.45 -19.37
CA UNK C 101 -18.70 -15.46 -19.02
C UNK C 101 -19.26 -15.81 -17.65
N UNK C 102 -19.10 -17.07 -17.27
CA UNK C 102 -19.56 -17.55 -15.98
C UNK C 102 -18.56 -17.18 -14.88
N UNK C 103 -17.42 -16.64 -15.27
CA UNK C 103 -16.38 -16.36 -14.30
C UNK C 103 -16.14 -14.88 -14.15
N UNK C 104 -15.81 -14.23 -15.26
CA UNK C 104 -15.24 -12.90 -15.22
C UNK C 104 -16.07 -11.88 -14.45
N UNK C 105 -17.19 -11.45 -15.03
CA UNK C 105 -17.93 -10.33 -14.48
C UNK C 105 -18.46 -10.64 -13.08
N UNK C 106 -18.85 -11.89 -12.89
CA UNK C 106 -19.35 -12.30 -11.59
C UNK C 106 -18.22 -12.14 -10.57
N UNK C 107 -17.01 -12.48 -10.99
CA UNK C 107 -15.87 -12.35 -10.10
C UNK C 107 -15.61 -10.89 -9.81
N UNK C 108 -15.92 -10.03 -10.77
CA UNK C 108 -15.72 -8.61 -10.55
C UNK C 108 -16.65 -8.16 -9.44
N UNK C 109 -17.91 -8.55 -9.52
CA UNK C 109 -18.87 -8.12 -8.51
C UNK C 109 -18.53 -8.71 -7.14
N UNK C 110 -18.28 -10.00 -7.12
CA UNK C 110 -18.04 -10.70 -5.87
C UNK C 110 -16.78 -10.20 -5.19
N UNK C 111 -15.79 -9.80 -5.99
CA UNK C 111 -14.61 -9.18 -5.43
C UNK C 111 -15.00 -7.84 -4.84
N UNK C 112 -15.88 -7.14 -5.56
CA UNK C 112 -16.24 -5.80 -5.16
C UNK C 112 -16.94 -5.80 -3.81
N UNK C 113 -17.66 -6.87 -3.48
CA UNK C 113 -18.28 -6.95 -2.16
C UNK C 113 -17.37 -7.60 -1.12
N UNK C 114 -16.64 -8.62 -1.55
CA UNK C 114 -15.83 -9.41 -0.63
C UNK C 114 -14.72 -8.56 -0.07
N UNK C 115 -14.31 -7.55 -0.82
CA UNK C 115 -13.31 -6.63 -0.31
C UNK C 115 -13.86 -5.93 0.92
N UNK C 116 -15.16 -5.69 0.92
CA UNK C 116 -15.82 -5.06 2.04
C UNK C 116 -16.24 -6.10 3.06
N UNK C 117 -16.06 -7.38 2.73
CA UNK C 117 -16.51 -8.45 3.60
C UNK C 117 -15.60 -8.63 4.81
N UNK C 118 -14.48 -7.92 4.83
CA UNK C 118 -13.52 -8.04 5.91
C UNK C 118 -14.12 -7.63 7.24
N UNK C 119 -13.60 -8.20 8.32
CA UNK C 119 -14.17 -8.09 9.66
C UNK C 119 -14.34 -6.64 10.15
N UNK C 120 -15.41 -6.38 10.90
CA UNK C 120 -16.33 -7.41 11.36
C UNK C 120 -17.78 -6.97 11.30
N UNK C 121 -18.11 -6.08 10.36
CA UNK C 121 -19.46 -5.56 10.25
C UNK C 121 -20.47 -6.63 9.92
N UNK C 122 -21.67 -6.52 10.48
CA UNK C 122 -22.73 -7.47 10.18
C UNK C 122 -23.89 -6.81 9.46
N UNK C 123 -23.69 -5.55 9.08
CA UNK C 123 -24.73 -4.75 8.45
C UNK C 123 -25.99 -4.72 9.30
N UNK C 124 -26.53 -11.75 7.05
CA UNK C 124 -27.36 -10.92 6.20
C UNK C 124 -26.68 -10.65 4.86
N UNK C 125 -25.44 -10.19 4.88
CA UNK C 125 -24.72 -9.90 3.65
C UNK C 125 -24.28 -11.18 2.97
N UNK C 126 -24.37 -12.28 3.71
CA UNK C 126 -23.86 -13.57 3.24
C UNK C 126 -24.56 -14.05 1.98
N UNK C 127 -25.77 -13.57 1.76
CA UNK C 127 -26.59 -14.03 0.66
C UNK C 127 -25.92 -13.76 -0.68
N UNK C 128 -25.08 -12.75 -0.70
CA UNK C 128 -24.46 -12.32 -1.93
C UNK C 128 -23.65 -13.46 -2.53
N UNK C 129 -23.12 -14.32 -1.68
CA UNK C 129 -22.33 -15.44 -2.16
C UNK C 129 -23.20 -16.44 -2.91
N UNK C 130 -24.28 -16.86 -2.26
CA UNK C 130 -25.15 -17.87 -2.84
C UNK C 130 -25.72 -17.33 -4.13
N UNK C 131 -25.98 -16.03 -4.17
CA UNK C 131 -26.41 -15.42 -5.40
C UNK C 131 -25.28 -15.48 -6.42
N UNK C 132 -24.05 -15.34 -5.96
CA UNK C 132 -22.93 -15.15 -6.87
C UNK C 132 -22.64 -16.42 -7.63
N UNK C 133 -22.50 -17.52 -6.90
CA UNK C 133 -22.17 -18.78 -7.53
C UNK C 133 -23.28 -19.18 -8.49
N UNK C 134 -24.50 -18.83 -8.11
CA UNK C 134 -25.64 -19.11 -8.95
C UNK C 134 -25.52 -18.30 -10.24
N UNK C 135 -24.99 -17.10 -10.14
CA UNK C 135 -24.76 -16.31 -11.34
C UNK C 135 -23.72 -16.99 -12.22
N UNK C 136 -22.76 -17.64 -11.57
CA UNK C 136 -21.72 -18.33 -12.33
C UNK C 136 -22.31 -19.48 -13.13
N UNK C 137 -23.05 -20.34 -12.44
CA UNK C 137 -23.65 -21.49 -13.09
C UNK C 137 -24.64 -21.05 -14.15
N UNK C 138 -25.34 -19.95 -13.88
CA UNK C 138 -26.36 -19.50 -14.80
C UNK C 138 -25.72 -19.02 -16.08
N UNK C 139 -24.70 -18.19 -15.97
CA UNK C 139 -24.05 -17.69 -17.16
C UNK C 139 -23.43 -18.86 -17.91
N UNK C 140 -22.98 -19.85 -17.15
CA UNK C 140 -22.36 -21.02 -17.74
C UNK C 140 -23.36 -21.77 -18.62
N UNK C 141 -24.35 -22.38 -17.98
CA UNK C 141 -25.26 -23.24 -18.68
C UNK C 141 -26.02 -22.47 -19.77
N UNK C 142 -26.32 -21.20 -19.50
CA UNK C 142 -27.00 -20.41 -20.51
C UNK C 142 -26.09 -20.24 -21.70
N UNK C 143 -24.80 -20.10 -21.44
CA UNK C 143 -23.84 -19.95 -22.52
C UNK C 143 -23.79 -21.22 -23.36
N UNK C 144 -23.86 -22.36 -22.68
CA UNK C 144 -23.76 -23.63 -23.37
C UNK C 144 -24.97 -23.82 -24.26
N UNK C 145 -26.15 -23.68 -23.67
CA UNK C 145 -27.37 -23.94 -24.40
C UNK C 145 -27.52 -22.96 -25.55
N UNK C 146 -27.05 -21.73 -25.36
CA UNK C 146 -27.13 -20.77 -26.44
C UNK C 146 -26.21 -21.21 -27.57
N UNK C 147 -25.03 -21.70 -27.20
CA UNK C 147 -24.08 -22.12 -28.20
C UNK C 147 -24.64 -23.27 -29.02
N UNK C 148 -25.32 -24.19 -28.34
CA UNK C 148 -25.96 -25.30 -29.04
C UNK C 148 -27.11 -24.81 -29.91
N UNK C 149 -27.79 -23.78 -29.43
CA UNK C 149 -28.93 -23.24 -30.14
C UNK C 149 -28.47 -22.61 -31.44
N UNK C 150 -27.24 -22.12 -31.43
CA UNK C 150 -26.68 -21.51 -32.63
C UNK C 150 -26.57 -22.54 -33.75
N UNK C 151 -26.39 -23.80 -33.37
CA UNK C 151 -26.18 -24.87 -34.34
C UNK C 151 -27.39 -25.15 -35.22
N UNK C 152 -28.59 -24.90 -34.71
CA UNK C 152 -29.79 -25.30 -35.43
C UNK C 152 -30.95 -24.32 -35.25
N UNK C 153 -31.92 -24.71 -34.44
CA UNK C 153 -33.19 -24.00 -34.33
C UNK C 153 -33.00 -22.60 -33.78
N UNK C 154 -32.69 -21.67 -34.69
CA UNK C 154 -32.42 -20.29 -34.32
C UNK C 154 -33.63 -19.59 -33.70
N UNK C 155 -34.83 -19.99 -34.08
CA UNK C 155 -36.03 -19.29 -33.64
C UNK C 155 -36.23 -19.39 -32.13
N UNK C 156 -35.87 -20.52 -31.56
CA UNK C 156 -36.05 -20.74 -30.12
C UNK C 156 -34.92 -20.14 -29.30
N UNK C 157 -33.84 -19.77 -29.98
CA UNK C 157 -32.61 -19.34 -29.31
C UNK C 157 -32.73 -18.03 -28.54
N UNK C 158 -33.65 -17.18 -28.98
CA UNK C 158 -33.75 -15.83 -28.41
C UNK C 158 -34.16 -15.86 -26.95
N UNK C 159 -34.80 -16.95 -26.55
CA UNK C 159 -35.41 -17.05 -25.24
C UNK C 159 -34.40 -16.95 -24.09
N UNK C 160 -33.18 -17.41 -24.32
CA UNK C 160 -32.19 -17.44 -23.25
C UNK C 160 -31.84 -16.05 -22.77
N UNK C 161 -31.81 -15.09 -23.69
CA UNK C 161 -31.53 -13.71 -23.32
C UNK C 161 -32.67 -13.19 -22.46
N UNK C 162 -33.87 -13.64 -22.79
CA UNK C 162 -35.04 -13.28 -22.02
C UNK C 162 -34.89 -13.89 -20.64
N UNK C 163 -34.17 -15.02 -20.59
CA UNK C 163 -34.00 -15.72 -19.33
C UNK C 163 -33.00 -15.01 -18.43
N UNK C 164 -31.84 -14.65 -18.98
CA UNK C 164 -30.84 -13.96 -18.19
C UNK C 164 -31.34 -12.59 -17.76
N UNK C 165 -32.10 -11.95 -18.66
CA UNK C 165 -32.71 -10.67 -18.33
C UNK C 165 -33.75 -10.87 -17.25
N UNK C 166 -34.41 -12.02 -17.31
CA UNK C 166 -35.37 -12.37 -16.28
C UNK C 166 -34.64 -12.53 -14.96
N UNK C 167 -33.39 -12.98 -15.07
CA UNK C 167 -32.60 -13.26 -13.88
C UNK C 167 -32.20 -11.98 -13.21
N UNK C 168 -31.62 -11.06 -13.96
CA UNK C 168 -31.20 -9.79 -13.38
C UNK C 168 -32.42 -9.02 -12.91
N UNK C 169 -33.53 -9.16 -13.63
CA UNK C 169 -34.75 -8.49 -13.23
C UNK C 169 -35.21 -9.07 -11.90
N UNK C 170 -34.99 -10.36 -11.71
CA UNK C 170 -35.29 -11.00 -10.44
C UNK C 170 -34.37 -10.49 -9.35
N UNK C 171 -33.14 -10.22 -9.72
CA UNK C 171 -32.14 -9.75 -8.77
C UNK C 171 -32.46 -8.35 -8.32
N UNK C 172 -33.20 -7.62 -9.15
CA UNK C 172 -33.49 -6.22 -8.89
C UNK C 172 -34.26 -6.05 -7.59
N UNK C 173 -35.01 -7.09 -7.21
CA UNK C 173 -35.89 -6.98 -6.05
C UNK C 173 -35.16 -6.78 -4.73
N UNK C 174 -34.03 -7.47 -4.56
CA UNK C 174 -33.23 -7.40 -3.33
C UNK C 174 -34.06 -7.62 -2.07
N UNK C 175 -35.14 -8.38 -2.19
CA UNK C 175 -36.01 -8.66 -1.06
C UNK C 175 -35.41 -9.79 -0.23
N UNK C 176 -34.38 -10.41 -0.78
CA UNK C 176 -33.65 -11.49 -0.11
C UNK C 176 -34.57 -12.65 0.27
N UNK C 177 -35.47 -12.38 1.20
CA UNK C 177 -36.33 -13.42 1.77
C UNK C 177 -37.24 -14.06 0.72
N UNK C 178 -37.55 -13.31 -0.32
CA UNK C 178 -38.45 -13.81 -1.34
C UNK C 178 -37.71 -14.25 -2.60
N UNK C 179 -37.12 -13.27 -3.28
CA UNK C 179 -36.59 -13.47 -4.63
C UNK C 179 -35.43 -14.46 -4.76
N UNK C 180 -34.62 -14.56 -3.72
CA UNK C 180 -33.36 -15.31 -3.82
C UNK C 180 -33.57 -16.76 -4.19
N UNK C 181 -34.47 -17.43 -3.48
CA UNK C 181 -34.70 -18.85 -3.70
C UNK C 181 -35.26 -19.11 -5.08
N UNK C 182 -36.09 -18.19 -5.56
CA UNK C 182 -36.64 -18.33 -6.90
C UNK C 182 -35.52 -18.18 -7.91
N UNK C 183 -34.61 -17.26 -7.61
CA UNK C 183 -33.51 -16.97 -8.51
C UNK C 183 -32.63 -18.19 -8.63
N UNK C 184 -32.42 -18.88 -7.51
CA UNK C 184 -31.67 -20.12 -7.54
C UNK C 184 -32.47 -21.17 -8.29
N UNK C 185 -33.78 -21.12 -8.15
CA UNK C 185 -34.64 -22.14 -8.72
C UNK C 185 -34.65 -22.12 -10.24
N UNK C 186 -34.51 -20.93 -10.81
CA UNK C 186 -34.54 -20.83 -12.26
C UNK C 186 -33.34 -21.54 -12.88
N UNK C 187 -32.25 -21.55 -12.13
CA UNK C 187 -31.01 -22.13 -12.61
C UNK C 187 -31.15 -23.61 -12.86
N UNK C 188 -31.95 -24.28 -12.04
CA UNK C 188 -32.21 -25.69 -12.26
C UNK C 188 -32.98 -25.88 -13.56
N UNK C 189 -33.86 -24.93 -13.86
CA UNK C 189 -34.64 -25.00 -15.08
C UNK C 189 -33.74 -24.85 -16.29
N UNK C 190 -32.74 -23.99 -16.16
CA UNK C 190 -31.76 -23.85 -17.22
C UNK C 190 -30.92 -25.12 -17.35
N UNK C 191 -30.60 -25.73 -16.22
CA UNK C 191 -29.78 -26.93 -16.21
C UNK C 191 -30.51 -28.07 -16.89
N UNK C 192 -31.82 -28.10 -16.72
CA UNK C 192 -32.64 -29.06 -17.41
C UNK C 192 -32.66 -28.73 -18.89
N UNK C 193 -32.80 -27.45 -19.19
CA UNK C 193 -32.96 -27.00 -20.57
C UNK C 193 -31.73 -27.33 -21.39
N UNK C 194 -30.57 -27.38 -20.73
CA UNK C 194 -29.33 -27.68 -21.42
C UNK C 194 -28.78 -29.06 -21.07
N UNK C 195 -29.54 -29.83 -20.29
CA UNK C 195 -29.07 -31.15 -19.86
C UNK C 195 -28.83 -32.05 -21.06
N UNK C 196 -29.58 -31.82 -22.13
CA UNK C 196 -29.43 -32.61 -23.34
C UNK C 196 -28.43 -31.96 -24.29
N UNK D 1 23.59 -42.53 -17.01
CA UNK D 1 24.26 -42.49 -15.71
C UNK D 1 25.32 -41.39 -15.68
N UNK D 2 25.26 -40.49 -16.66
CA UNK D 2 26.19 -39.38 -16.74
C UNK D 2 25.94 -38.37 -15.62
N UNK D 3 24.74 -38.42 -15.05
CA UNK D 3 24.28 -37.38 -14.12
C UNK D 3 25.09 -37.29 -12.84
N UNK D 4 25.63 -38.41 -12.37
CA UNK D 4 26.22 -38.47 -11.04
C UNK D 4 27.42 -37.53 -10.92
N UNK D 5 28.11 -37.34 -12.04
CA UNK D 5 29.28 -36.47 -12.06
C UNK D 5 28.90 -35.06 -11.64
N UNK D 6 27.68 -34.67 -11.98
CA UNK D 6 27.14 -33.39 -11.53
C UNK D 6 26.60 -33.51 -10.12
N UNK D 7 25.91 -34.61 -9.83
CA UNK D 7 25.25 -34.76 -8.55
C UNK D 7 26.27 -34.82 -7.43
N UNK D 8 27.45 -35.35 -7.75
CA UNK D 8 28.51 -35.43 -6.76
C UNK D 8 28.92 -34.03 -6.32
N UNK D 9 28.84 -33.09 -7.26
CA UNK D 9 29.14 -31.70 -6.94
C UNK D 9 28.10 -31.13 -5.99
N UNK D 10 26.86 -31.59 -6.12
CA UNK D 10 25.78 -31.11 -5.26
C UNK D 10 26.03 -31.54 -3.84
N UNK D 11 26.70 -32.67 -3.66
CA UNK D 11 27.08 -33.12 -2.33
C UNK D 11 28.06 -32.13 -1.71
N UNK D 12 28.87 -31.50 -2.55
CA UNK D 12 29.76 -30.44 -2.09
C UNK D 12 28.96 -29.19 -1.73
N UNK D 13 27.77 -29.08 -2.31
CA UNK D 13 26.92 -27.90 -2.13
C UNK D 13 26.39 -27.77 -0.70
N UNK D 14 26.38 -28.88 0.03
CA UNK D 14 25.89 -28.90 1.40
C UNK D 14 26.75 -28.05 2.32
N UNK D 15 27.98 -27.76 1.88
CA UNK D 15 28.93 -27.02 2.70
C UNK D 15 28.50 -25.58 3.00
N UNK D 16 27.73 -24.97 2.10
CA UNK D 16 27.43 -23.54 2.22
C UNK D 16 25.94 -23.18 2.27
N UNK D 17 25.11 -23.96 1.57
CA UNK D 17 23.68 -23.65 1.49
C UNK D 17 22.80 -24.88 1.46
N UNK D 18 21.91 -25.00 2.43
CA UNK D 18 21.06 -26.18 2.58
C UNK D 18 20.07 -26.40 1.43
N UNK D 19 19.63 -25.30 0.82
CA UNK D 19 18.66 -25.40 -0.25
C UNK D 19 19.25 -26.12 -1.44
N UNK D 20 20.55 -26.00 -1.64
CA UNK D 20 21.20 -26.71 -2.73
C UNK D 20 21.12 -28.21 -2.47
N UNK D 21 21.26 -28.58 -1.20
CA UNK D 21 21.11 -29.97 -0.83
C UNK D 21 19.68 -30.42 -1.08
N UNK D 22 18.74 -29.51 -0.86
CA UNK D 22 17.34 -29.82 -1.14
C UNK D 22 17.15 -30.03 -2.64
N UNK D 23 17.89 -29.27 -3.43
CA UNK D 23 17.84 -29.40 -4.87
C UNK D 23 18.40 -30.74 -5.27
N UNK D 24 19.37 -31.22 -4.51
CA UNK D 24 19.90 -32.55 -4.73
C UNK D 24 18.83 -33.58 -4.41
N UNK D 25 18.04 -33.30 -3.38
CA UNK D 25 16.98 -34.22 -3.01
C UNK D 25 15.96 -34.29 -4.12
N UNK D 26 15.77 -33.18 -4.81
CA UNK D 26 14.79 -33.12 -5.88
C UNK D 26 15.26 -33.85 -7.13
N UNK D 27 16.56 -34.16 -7.21
CA UNK D 27 17.08 -34.88 -8.36
C UNK D 27 17.37 -36.34 -8.00
N UNK D 28 19.65 -49.72 -9.43
CA UNK D 28 19.79 -50.76 -10.44
C UNK D 28 21.03 -50.54 -11.30
N UNK D 29 21.02 -49.47 -12.08
CA UNK D 29 22.14 -49.14 -12.95
C UNK D 29 23.30 -48.57 -12.14
N UNK D 30 24.09 -49.45 -11.52
CA UNK D 30 25.24 -49.01 -10.74
C UNK D 30 24.98 -47.65 -10.11
N UNK D 31 24.06 -46.92 -10.71
CA UNK D 31 23.67 -45.61 -10.22
C UNK D 31 23.11 -45.70 -8.80
N UNK D 32 22.62 -46.88 -8.45
CA UNK D 32 22.10 -47.10 -7.10
C UNK D 32 23.18 -46.88 -6.05
N UNK D 33 24.44 -47.09 -6.42
CA UNK D 33 25.54 -46.79 -5.50
C UNK D 33 25.60 -45.30 -5.19
N UNK D 34 25.34 -44.49 -6.21
CA UNK D 34 25.37 -43.04 -6.08
C UNK D 34 24.29 -42.57 -5.13
N UNK D 35 23.23 -43.37 -5.01
CA UNK D 35 22.13 -43.05 -4.14
C UNK D 35 22.60 -43.02 -2.69
N UNK D 36 23.74 -43.64 -2.42
CA UNK D 36 24.30 -43.62 -1.08
C UNK D 36 24.60 -42.17 -0.68
N UNK D 37 24.97 -41.35 -1.65
CA UNK D 37 25.22 -39.93 -1.40
C UNK D 37 23.94 -39.22 -0.97
N UNK D 38 22.81 -39.69 -1.47
CA UNK D 38 21.52 -39.08 -1.13
C UNK D 38 21.18 -39.28 0.34
N UNK D 39 21.62 -40.41 0.90
CA UNK D 39 21.45 -40.65 2.31
C UNK D 39 22.55 -39.94 3.08
N UNK D 40 23.55 -39.48 2.35
CA UNK D 40 24.70 -38.85 2.98
C UNK D 40 24.45 -37.39 3.30
N UNK D 41 24.82 -36.52 2.38
CA UNK D 41 24.89 -35.08 2.67
C UNK D 41 23.54 -34.45 3.02
N UNK D 42 22.47 -34.92 2.41
CA UNK D 42 21.17 -34.28 2.55
C UNK D 42 20.63 -34.34 3.97
N UNK D 43 20.90 -35.43 4.66
CA UNK D 43 20.36 -35.64 5.99
C UNK D 43 21.03 -34.73 7.01
N UNK D 44 22.35 -34.75 7.01
CA UNK D 44 23.11 -33.90 7.91
C UNK D 44 22.86 -32.45 7.58
N UNK D 45 22.66 -32.16 6.31
CA UNK D 45 22.34 -30.80 5.90
C UNK D 45 21.00 -30.41 6.48
N UNK D 46 20.07 -31.36 6.53
CA UNK D 46 18.78 -31.09 7.13
C UNK D 46 18.96 -30.80 8.60
N UNK D 47 19.91 -31.48 9.21
CA UNK D 47 20.20 -31.23 10.60
C UNK D 47 20.75 -29.82 10.76
N UNK D 48 21.51 -29.38 9.77
CA UNK D 48 22.06 -28.03 9.76
C UNK D 48 20.96 -27.00 9.62
N UNK D 49 19.90 -27.39 8.92
CA UNK D 49 18.78 -26.49 8.68
C UNK D 49 17.95 -26.34 9.93
N UNK D 50 17.66 -27.45 10.59
CA UNK D 50 16.87 -27.40 11.80
C UNK D 50 17.72 -26.90 12.95
N UNK D 51 19.03 -26.85 12.73
CA UNK D 51 19.96 -26.41 13.75
C UNK D 51 19.69 -24.98 14.21
N UNK D 52 20.10 -24.02 13.38
CA UNK D 52 20.13 -22.62 13.77
C UNK D 52 18.76 -22.08 14.09
N UNK D 53 17.74 -22.75 13.55
CA UNK D 53 16.36 -22.32 13.64
C UNK D 53 15.96 -21.79 15.02
N UNK D 54 15.66 -22.70 15.93
CA UNK D 54 15.06 -22.34 17.21
C UNK D 54 15.97 -21.45 18.05
N UNK D 55 17.28 -21.60 17.87
CA UNK D 55 18.23 -20.81 18.63
C UNK D 55 18.19 -19.35 18.22
N UNK D 56 18.50 -19.10 16.94
CA UNK D 56 18.52 -17.76 16.43
C UNK D 56 17.14 -17.13 16.55
N UNK D 57 16.12 -17.96 16.53
CA UNK D 57 14.76 -17.48 16.72
C UNK D 57 14.54 -16.99 18.14
N UNK D 58 14.57 -17.92 19.08
CA UNK D 58 14.19 -17.67 20.46
C UNK D 58 15.11 -16.66 21.12
N UNK D 59 16.33 -16.56 20.60
CA UNK D 59 17.34 -15.67 21.16
C UNK D 59 16.89 -14.23 21.06
N UNK D 60 15.91 -13.98 20.19
CA UNK D 60 15.43 -12.64 19.94
C UNK D 60 14.61 -12.10 21.11
N UNK D 61 14.65 -12.82 22.24
CA UNK D 61 13.89 -12.46 23.41
C UNK D 61 14.23 -11.07 23.97
N UNK D 62 15.47 -10.64 23.81
CA UNK D 62 15.86 -9.32 24.28
C UNK D 62 16.80 -8.65 23.30
N MET E 1 6.31 -26.27 -58.86
CA MET E 1 6.32 -27.19 -57.73
C MET E 1 6.59 -28.60 -58.26
N ASN E 2 7.79 -29.12 -58.02
CA ASN E 2 8.18 -30.41 -58.59
C ASN E 2 9.16 -31.24 -57.74
N ILE E 3 10.18 -31.80 -58.39
CA ILE E 3 11.05 -32.80 -57.79
C ILE E 3 11.90 -32.33 -56.60
N PHE E 4 12.27 -31.05 -56.58
CA PHE E 4 13.26 -30.59 -55.61
C PHE E 4 12.71 -30.58 -54.19
N GLU E 5 11.27 -26.44 -57.18
N GLU E 5 11.36 -26.42 -56.99
CA GLU E 5 10.91 -27.07 -55.91
CA GLU E 5 10.66 -27.02 -55.86
C GLU E 5 10.32 -28.46 -56.13
C GLU E 5 10.34 -28.48 -56.12
N MET E 6 10.14 -32.63 -54.25
CA MET E 6 9.60 -33.93 -53.87
C MET E 6 10.55 -34.64 -52.92
N LEU E 7 11.80 -34.79 -53.34
CA LEU E 7 12.79 -35.47 -52.53
C LEU E 7 13.05 -34.76 -51.20
N ARG E 8 12.95 -33.43 -51.23
CA ARG E 8 13.22 -32.64 -50.02
C ARG E 8 12.14 -32.94 -48.99
N ILE E 9 10.94 -33.26 -49.47
CA ILE E 9 9.90 -33.81 -48.62
C ILE E 9 10.25 -35.23 -48.20
N ASP E 10 10.82 -35.98 -49.14
CA ASP E 10 11.05 -37.41 -48.97
C ASP E 10 12.07 -37.76 -47.90
N GLU E 11 13.06 -36.90 -47.70
CA GLU E 11 14.21 -37.28 -46.87
C GLU E 11 14.63 -36.26 -45.81
N GLY E 12 13.88 -35.17 -45.68
CA GLY E 12 14.30 -34.11 -44.77
C GLY E 12 15.47 -33.34 -45.37
N LEU E 13 16.25 -32.65 -44.52
CA LEU E 13 17.36 -31.83 -44.99
C LEU E 13 18.41 -31.51 -43.92
N ARG E 14 19.53 -32.23 -43.94
CA ARG E 14 20.67 -31.88 -43.11
C ARG E 14 21.93 -31.54 -43.90
N LEU E 15 22.53 -30.40 -43.58
CA LEU E 15 23.82 -30.03 -44.14
C LEU E 15 24.89 -31.01 -43.67
N LYS E 16 24.70 -31.53 -42.46
CA LYS E 16 25.63 -32.50 -41.88
C LYS E 16 25.49 -33.88 -42.50
N ILE E 17 26.58 -34.64 -42.51
CA ILE E 17 26.54 -36.05 -42.88
C ILE E 17 25.70 -36.79 -41.83
N TYR E 18 24.92 -37.78 -42.24
CA TYR E 18 24.13 -38.55 -41.29
C TYR E 18 23.72 -39.94 -41.80
N LYS E 19 23.46 -40.84 -40.87
CA LYS E 19 22.95 -42.17 -41.19
C LYS E 19 21.57 -42.11 -41.82
N ASP E 20 21.34 -42.93 -42.85
CA ASP E 20 19.98 -43.08 -43.38
C ASP E 20 19.25 -44.10 -42.54
N THR E 21 17.95 -44.24 -42.75
CA THR E 21 17.15 -45.18 -41.98
C THR E 21 17.61 -46.62 -42.14
N GLU E 22 18.22 -46.93 -43.28
CA GLU E 22 18.83 -48.24 -43.51
C GLU E 22 20.24 -48.32 -42.92
N GLY E 23 20.74 -47.20 -42.40
CA GLY E 23 22.02 -47.16 -41.72
C GLY E 23 23.22 -46.94 -42.62
N TYR E 24 22.99 -46.82 -43.92
CA TYR E 24 24.05 -46.37 -44.81
C TYR E 24 24.37 -44.89 -44.55
N TYR E 25 25.66 -44.56 -44.57
CA TYR E 25 26.10 -43.18 -44.34
C TYR E 25 25.68 -42.25 -45.48
N THR E 26 25.32 -41.02 -45.13
CA THR E 26 24.69 -40.10 -46.08
C THR E 26 24.86 -38.64 -45.67
N ILE E 27 24.88 -37.73 -46.65
CA ILE E 27 24.82 -36.30 -46.40
C ILE E 27 23.81 -35.72 -47.39
N GLY E 28 23.16 -34.62 -47.02
CA GLY E 28 22.24 -33.97 -47.93
C GLY E 28 20.93 -34.73 -48.03
N ILE E 29 20.13 -34.40 -49.05
CA ILE E 29 18.82 -35.04 -49.23
C ILE E 29 18.93 -36.31 -50.08
N GLY E 30 19.10 -37.45 -49.42
CA GLY E 30 19.06 -38.73 -50.10
C GLY E 30 20.36 -39.09 -50.79
N HIS E 31 21.37 -38.23 -50.59
CA HIS E 31 22.66 -38.41 -51.23
C HIS E 31 23.57 -39.38 -50.51
N LEU E 32 23.51 -40.64 -50.92
CA LEU E 32 24.39 -41.66 -50.36
C LEU E 32 25.84 -41.31 -50.69
N LEU E 33 26.72 -41.50 -49.71
CA LEU E 33 28.14 -41.27 -49.89
C LEU E 33 28.86 -42.61 -49.99
N THR E 34 28.62 -43.47 -49.01
CA THR E 34 29.12 -44.85 -49.04
C THR E 34 28.28 -45.75 -48.14
N LYS E 35 28.21 -47.02 -48.50
CA LYS E 35 27.59 -48.03 -47.65
C LYS E 35 28.59 -48.51 -46.61
N SER E 36 29.83 -48.08 -46.75
CA SER E 36 30.93 -48.53 -45.91
C SER E 36 30.77 -48.06 -44.47
N PRO E 37 31.13 -48.91 -43.51
CA PRO E 37 31.05 -48.59 -42.08
C PRO E 37 31.89 -47.37 -41.73
N SER E 38 33.00 -47.19 -42.42
CA SER E 38 33.85 -46.03 -42.20
C SER E 38 33.16 -44.76 -42.67
N LEU E 39 32.93 -43.84 -41.73
CA LEU E 39 32.38 -42.55 -42.06
C LEU E 39 33.37 -41.73 -42.89
N ASN E 40 34.65 -41.99 -42.69
CA ASN E 40 35.69 -41.25 -43.39
C ASN E 40 35.62 -41.45 -44.89
N ALA E 41 35.14 -42.62 -45.31
CA ALA E 41 34.91 -42.85 -46.74
C ALA E 41 33.80 -41.93 -47.24
N ALA E 42 32.82 -41.67 -46.38
CA ALA E 42 31.74 -40.77 -46.74
C ALA E 42 32.24 -39.34 -46.83
N LYS E 43 33.09 -38.96 -45.87
CA LYS E 43 33.71 -37.63 -45.90
C LYS E 43 34.64 -37.45 -47.08
N SER E 44 35.27 -38.53 -47.54
CA SER E 44 36.22 -38.47 -48.65
C SER E 44 35.53 -38.40 -50.00
N GLU E 45 34.49 -39.22 -50.15
CA GLU E 45 33.67 -39.15 -51.36
C GLU E 45 32.99 -37.79 -51.40
N LEU E 46 32.67 -37.27 -50.22
CA LEU E 46 32.20 -35.90 -50.12
C LEU E 46 33.30 -34.91 -50.51
N ASP E 47 34.55 -35.27 -50.20
CA ASP E 47 35.69 -34.41 -50.53
C ASP E 47 35.88 -34.31 -52.04
N LYS E 48 35.56 -35.39 -52.74
CA LYS E 48 35.65 -35.33 -54.20
C LYS E 48 34.41 -34.65 -54.78
N ALA E 49 33.25 -34.96 -54.22
CA ALA E 49 31.99 -34.41 -54.72
C ALA E 49 31.90 -32.90 -54.56
N ILE E 50 32.52 -32.37 -53.51
CA ILE E 50 32.50 -30.93 -53.24
C ILE E 50 33.78 -30.26 -53.68
N GLY E 51 34.87 -31.02 -53.77
CA GLY E 51 36.16 -30.46 -54.11
C GLY E 51 36.87 -29.82 -52.94
N ARG E 52 36.36 -30.03 -51.73
CA ARG E 52 37.04 -29.53 -50.53
C ARG E 52 36.81 -30.43 -49.32
N ASN E 53 37.66 -30.25 -48.30
CA ASN E 53 37.64 -31.09 -47.11
C ASN E 53 36.55 -30.65 -46.16
N CYS E 54 35.32 -31.04 -46.48
CA CYS E 54 34.12 -30.52 -45.81
C CYS E 54 34.03 -30.88 -44.33
N ASN E 55 34.58 -32.03 -43.97
CA ASN E 55 34.57 -32.52 -42.59
C ASN E 55 33.17 -32.51 -41.97
N GLY E 56 32.18 -32.91 -42.77
CA GLY E 56 30.82 -33.06 -42.28
C GLY E 56 29.95 -31.82 -42.26
N VAL E 57 30.49 -30.68 -42.71
CA VAL E 57 29.71 -29.45 -42.79
C VAL E 57 30.00 -28.72 -44.10
N ILE E 58 28.96 -28.17 -44.72
CA ILE E 58 29.10 -27.46 -45.98
C ILE E 58 28.20 -26.23 -46.00
N THR E 59 28.57 -25.26 -46.83
CA THR E 59 27.71 -24.10 -47.08
C THR E 59 26.45 -24.60 -47.77
N LYS E 60 25.32 -23.99 -47.43
CA LYS E 60 24.02 -24.50 -47.85
C LYS E 60 23.92 -24.51 -49.36
N ASP E 61 24.61 -23.57 -49.99
CA ASP E 61 24.63 -23.50 -51.44
C ASP E 61 25.30 -24.72 -52.03
N GLU E 62 26.30 -25.27 -51.34
CA GLU E 62 26.88 -26.54 -51.76
C GLU E 62 25.93 -27.70 -51.57
N ALA E 63 25.03 -27.60 -50.58
CA ALA E 63 24.05 -28.65 -50.38
C ALA E 63 23.07 -28.64 -51.54
N GLU E 64 22.65 -27.43 -51.92
CA GLU E 64 21.76 -27.28 -53.05
C GLU E 64 22.45 -27.71 -54.35
N LYS E 65 23.75 -27.48 -54.41
CA LYS E 65 24.50 -27.79 -55.62
C LYS E 65 24.68 -29.29 -55.80
N LEU E 66 25.06 -29.95 -54.71
CA LEU E 66 25.22 -31.39 -54.73
C LEU E 66 23.87 -32.09 -54.92
N PHE E 67 22.83 -31.46 -54.39
CA PHE E 67 21.47 -31.96 -54.54
C PHE E 67 21.10 -31.90 -56.01
N ASN E 68 21.46 -30.79 -56.66
CA ASN E 68 21.28 -30.66 -58.09
C ASN E 68 22.14 -31.62 -58.91
N GLN E 69 23.35 -31.92 -58.42
CA GLN E 69 24.23 -32.88 -59.11
C GLN E 69 23.66 -34.29 -59.06
N ASP E 70 22.97 -34.59 -57.97
CA ASP E 70 22.36 -35.91 -57.83
C ASP E 70 21.07 -36.01 -58.63
N VAL E 71 20.26 -34.97 -58.59
CA VAL E 71 19.04 -34.97 -59.39
C VAL E 71 19.37 -34.97 -60.88
N ASP E 72 20.44 -34.29 -61.26
CA ASP E 72 20.95 -34.35 -62.63
C ASP E 72 21.55 -35.72 -62.95
N ALA E 73 22.10 -36.39 -61.94
CA ALA E 73 22.53 -37.77 -62.13
C ALA E 73 21.32 -38.65 -62.43
N ALA E 74 20.18 -38.29 -61.83
CA ALA E 74 18.93 -38.99 -62.12
C ALA E 74 18.38 -38.68 -63.51
N VAL E 75 18.49 -37.41 -63.92
CA VAL E 75 18.04 -36.99 -65.24
C VAL E 75 19.09 -37.24 -66.31
N ARG E 76 21.47 -37.82 -68.50
N ARG E 76 22.10 -38.06 -67.80
CA ARG E 76 22.35 -38.12 -69.63
CA ARG E 76 22.37 -38.14 -69.22
C ARG E 76 22.21 -39.57 -70.07
C ARG E 76 22.20 -39.56 -69.75
N GLY E 77 20.02 -40.17 -65.66
CA GLY E 77 20.30 -41.59 -65.61
C GLY E 77 19.13 -42.45 -66.05
N ILE E 78 17.93 -41.94 -65.87
CA ILE E 78 16.71 -42.65 -66.26
C ILE E 78 16.67 -42.90 -67.77
N LEU E 79 17.22 -41.95 -68.52
CA LEU E 79 17.16 -41.97 -69.98
C LEU E 79 17.90 -43.15 -70.61
N ARG E 80 19.01 -43.58 -70.01
CA ARG E 80 19.78 -44.68 -70.60
C ARG E 80 19.02 -46.00 -70.59
N ASN E 81 18.15 -46.19 -69.60
CA ASN E 81 17.48 -47.48 -69.43
C ASN E 81 16.51 -47.76 -70.58
N ALA E 82 16.50 -49.01 -71.03
CA ALA E 82 15.60 -49.41 -72.10
C ALA E 82 14.13 -49.36 -71.69
N LYS E 83 13.86 -49.64 -70.41
CA LYS E 83 12.48 -49.72 -69.95
C LYS E 83 11.91 -48.40 -69.45
N LEU E 84 12.71 -47.64 -68.72
CA LEU E 84 12.20 -46.46 -68.06
C LEU E 84 11.77 -45.33 -68.98
N LYS E 85 12.43 -45.17 -70.11
CA LYS E 85 12.18 -44.02 -70.97
C LYS E 85 10.73 -43.92 -71.50
N PRO E 86 10.19 -45.01 -72.09
CA PRO E 86 8.77 -44.92 -72.46
C PRO E 86 7.82 -44.66 -71.28
N VAL E 87 8.15 -45.19 -70.12
CA VAL E 87 7.34 -44.97 -68.92
C VAL E 87 7.45 -43.52 -68.43
N TYR E 88 8.65 -42.97 -68.56
CA TYR E 88 8.92 -41.58 -68.22
C TYR E 88 8.16 -40.69 -69.18
N ASP E 89 7.93 -41.20 -70.39
CA ASP E 89 7.11 -40.50 -71.37
C ASP E 89 5.63 -40.55 -71.00
N SER E 90 5.15 -41.74 -70.60
CA SER E 90 3.74 -41.95 -70.27
C SER E 90 3.26 -41.20 -69.04
N LEU E 91 4.16 -40.99 -68.09
CA LEU E 91 3.83 -40.28 -66.87
C LEU E 91 3.55 -38.81 -67.14
N ASP E 92 2.62 -38.22 -66.39
CA ASP E 92 2.50 -36.77 -66.36
C ASP E 92 3.72 -36.31 -65.58
N ALA E 93 4.17 -35.07 -65.80
CA ALA E 93 5.43 -34.62 -65.22
C ALA E 93 5.39 -34.71 -63.70
N VAL E 94 4.19 -34.56 -63.16
CA VAL E 94 3.95 -34.71 -61.74
C VAL E 94 4.25 -36.15 -61.28
N ARG E 95 4.05 -37.12 -62.17
CA ARG E 95 4.49 -38.49 -61.89
C ARG E 95 5.92 -38.74 -62.35
N ARG E 96 6.37 -37.97 -63.33
CA ARG E 96 7.73 -38.13 -63.84
C ARG E 96 8.76 -37.78 -62.77
N CYS E 97 8.41 -36.80 -61.94
CA CYS E 97 9.24 -36.49 -60.78
C CYS E 97 9.20 -37.64 -59.78
N ALA E 98 8.08 -38.37 -59.75
CA ALA E 98 8.00 -39.55 -58.92
C ALA E 98 8.91 -40.67 -59.40
N LEU E 99 8.97 -40.84 -60.72
CA LEU E 99 9.89 -41.82 -61.29
C LEU E 99 11.33 -41.40 -61.00
N ILE E 100 11.57 -40.09 -61.01
CA ILE E 100 12.88 -39.58 -60.65
C ILE E 100 13.17 -39.87 -59.19
N ASN E 101 12.14 -39.83 -58.35
CA ASN E 101 12.28 -40.19 -56.95
C ASN E 101 12.63 -41.66 -56.82
N MET E 102 12.09 -42.47 -57.73
CA MET E 102 12.31 -43.90 -57.64
C MET E 102 13.74 -44.24 -58.02
N VAL E 103 14.17 -43.72 -59.17
CA VAL E 103 15.51 -43.99 -59.66
C VAL E 103 16.57 -43.37 -58.75
N PHE E 104 16.24 -42.24 -58.15
CA PHE E 104 17.10 -41.65 -57.13
C PHE E 104 17.15 -42.46 -55.84
N GLN E 105 16.07 -43.19 -55.55
CA GLN E 105 15.97 -43.90 -54.29
C GLN E 105 16.56 -45.30 -54.36
N MET E 106 15.87 -46.20 -55.04
CA MET E 106 16.25 -47.62 -55.03
C MET E 106 17.40 -47.85 -56.00
N GLY E 107 17.71 -46.84 -56.79
CA GLY E 107 18.68 -46.94 -57.87
C GLY E 107 17.97 -47.30 -59.15
N GLU E 108 18.63 -47.09 -60.29
CA GLU E 108 18.00 -47.34 -61.58
C GLU E 108 17.66 -48.81 -61.81
N THR E 109 18.47 -49.71 -61.27
CA THR E 109 18.27 -51.15 -61.47
C THR E 109 17.00 -51.68 -60.81
N GLY E 110 16.67 -51.13 -59.65
CA GLY E 110 15.48 -51.57 -58.94
C GLY E 110 14.22 -51.03 -59.58
N VAL E 111 14.31 -49.81 -60.10
CA VAL E 111 13.19 -49.21 -60.81
C VAL E 111 12.98 -50.00 -62.10
N ALA E 112 14.09 -50.51 -62.63
CA ALA E 112 14.04 -51.44 -63.75
C ALA E 112 13.44 -52.77 -63.31
N GLY E 113 13.51 -53.06 -62.02
CA GLY E 113 13.08 -54.34 -61.51
C GLY E 113 11.57 -54.50 -61.33
N PHE E 114 10.85 -53.39 -61.40
CA PHE E 114 9.38 -53.43 -61.35
C PHE E 114 8.77 -53.32 -62.75
N THR E 115 9.10 -54.28 -63.61
CA THR E 115 8.71 -54.19 -65.01
C THR E 115 7.20 -54.20 -65.25
N ASN E 116 6.48 -54.95 -64.43
CA ASN E 116 5.03 -55.04 -64.60
C ASN E 116 4.32 -53.75 -64.19
N SER E 117 4.80 -53.14 -63.12
CA SER E 117 4.19 -51.91 -62.64
C SER E 117 4.38 -50.82 -63.67
N LEU E 118 5.58 -50.78 -64.24
CA LEU E 118 5.90 -49.83 -65.29
C LEU E 118 5.10 -50.09 -66.55
N ARG E 119 4.89 -51.36 -66.85
CA ARG E 119 4.12 -51.72 -68.03
C ARG E 119 2.68 -51.26 -67.87
N MET E 120 2.19 -51.35 -66.65
CA MET E 120 0.88 -50.84 -66.30
C MET E 120 0.83 -49.30 -66.29
N LEU E 121 1.98 -48.68 -66.02
CA LEU E 121 2.05 -47.22 -66.03
C LEU E 121 2.00 -46.66 -67.44
N GLN E 122 2.77 -47.25 -68.35
CA GLN E 122 2.74 -46.82 -69.74
C GLN E 122 1.39 -47.11 -70.39
N GLN E 123 0.76 -48.19 -69.94
CA GLN E 123 -0.59 -48.53 -70.36
C GLN E 123 -1.60 -47.76 -69.54
N LYS E 124 -1.09 -47.06 -68.52
CA LYS E 124 -1.89 -46.22 -67.66
C LYS E 124 -3.02 -46.98 -66.96
N ARG E 125 -2.77 -48.24 -66.64
CA ARG E 125 -3.59 -48.94 -65.66
C ARG E 125 -3.08 -48.55 -64.29
N TRP E 126 -3.34 -47.29 -63.93
CA TRP E 126 -2.64 -46.67 -62.81
C TRP E 126 -2.94 -47.40 -61.51
N ASP E 127 -4.15 -47.97 -61.42
CA ASP E 127 -4.57 -48.61 -60.18
C ASP E 127 -3.79 -49.88 -59.89
N GLU E 128 -3.75 -50.80 -60.85
CA GLU E 128 -2.93 -52.00 -60.70
C GLU E 128 -1.45 -51.70 -60.78
N ALA E 129 -1.08 -50.61 -61.45
CA ALA E 129 0.31 -50.18 -61.46
C ALA E 129 0.72 -49.80 -60.06
N ALA E 130 -0.24 -49.23 -59.33
CA ALA E 130 -0.05 -48.82 -57.95
C ALA E 130 -0.06 -50.02 -57.00
N VAL E 131 -0.94 -50.97 -57.27
CA VAL E 131 -1.02 -52.20 -56.49
C VAL E 131 0.26 -53.02 -56.65
N ASN E 132 0.88 -52.92 -57.82
CA ASN E 132 2.11 -53.65 -58.09
C ASN E 132 3.38 -52.92 -57.65
N LEU E 133 3.36 -51.60 -57.69
CA LEU E 133 4.41 -50.81 -57.05
C LEU E 133 4.37 -51.00 -55.54
N ALA E 134 3.18 -51.33 -55.03
CA ALA E 134 2.96 -51.52 -53.61
C ALA E 134 3.73 -52.72 -53.06
N LYS E 135 4.39 -54.97 -55.05
N LYS E 135 4.38 -55.02 -55.06
CA LYS E 135 4.26 -56.02 -54.04
CA LYS E 135 4.33 -56.12 -54.12
C LYS E 135 5.61 -56.33 -53.40
C LYS E 135 5.68 -56.33 -53.44
N SER E 136 6.11 -55.35 -52.65
CA SER E 136 7.38 -55.47 -51.94
C SER E 136 7.33 -54.69 -50.62
N ARG E 137 12.47 -54.08 -55.03
N ARG E 137 12.95 -53.96 -55.13
CA ARG E 137 13.35 -53.62 -53.97
CA ARG E 137 13.50 -53.58 -53.83
C ARG E 137 13.15 -52.13 -53.71
C ARG E 137 13.23 -52.11 -53.54
N TRP E 138 12.04 -51.81 -53.05
CA TRP E 138 11.65 -50.43 -52.79
C TRP E 138 10.54 -50.21 -51.78
N TYR E 139 9.34 -50.74 -52.06
CA TYR E 139 8.19 -50.39 -51.23
C TYR E 139 8.36 -50.83 -49.78
N ASN E 140 9.00 -51.97 -49.56
N ASN E 140 9.01 -51.97 -49.56
CA ASN E 140 9.27 -52.45 -48.21
CA ASN E 140 9.26 -52.44 -48.21
C ASN E 140 10.30 -51.59 -47.49
C ASN E 140 10.31 -51.59 -47.50
N GLN E 141 11.21 -50.98 -48.26
N GLN E 141 11.20 -50.98 -48.28
CA GLN E 141 12.30 -50.22 -47.68
CA GLN E 141 12.31 -50.22 -47.73
C GLN E 141 11.79 -48.97 -46.97
C GLN E 141 11.82 -48.97 -47.01
N THR E 142 10.96 -48.21 -47.67
CA THR E 142 10.40 -46.98 -47.13
C THR E 142 8.90 -46.97 -47.36
N PRO E 143 8.16 -47.77 -46.58
CA PRO E 143 6.74 -47.94 -46.86
C PRO E 143 5.93 -46.65 -46.85
N ASN E 144 6.25 -45.68 -45.99
CA ASN E 144 5.50 -44.44 -45.99
C ASN E 144 5.85 -43.59 -47.21
N ARG E 145 7.15 -43.46 -47.47
CA ARG E 145 7.59 -42.72 -48.66
C ARG E 145 7.12 -43.39 -49.94
N ALA E 146 7.20 -44.71 -49.97
CA ALA E 146 6.74 -45.45 -51.12
C ALA E 146 5.24 -45.31 -51.32
N LYS E 147 4.50 -45.23 -50.22
CA LYS E 147 3.08 -44.94 -50.32
C LYS E 147 2.83 -43.55 -50.86
N ARG E 148 3.68 -42.60 -50.48
CA ARG E 148 3.50 -41.24 -50.96
C ARG E 148 3.78 -41.15 -52.46
N VAL E 149 4.74 -41.93 -52.92
CA VAL E 149 5.14 -41.88 -54.33
C VAL E 149 4.14 -42.65 -55.21
N ILE E 150 3.73 -43.82 -54.73
CA ILE E 150 2.71 -44.60 -55.42
C ILE E 150 1.38 -43.86 -55.46
N THR E 151 1.09 -43.12 -54.39
CA THR E 151 -0.07 -42.25 -54.40
C THR E 151 0.15 -41.12 -55.40
N THR E 152 1.41 -40.70 -55.54
CA THR E 152 1.74 -39.66 -56.50
C THR E 152 1.47 -40.14 -57.93
N PHE E 153 1.68 -41.43 -58.17
CA PHE E 153 1.26 -42.03 -59.43
C PHE E 153 -0.24 -42.16 -59.55
N ARG E 154 -0.89 -42.50 -58.45
CA ARG E 154 -2.33 -42.71 -58.44
C ARG E 154 -3.10 -41.43 -58.74
N THR E 155 -2.55 -40.31 -58.28
CA THR E 155 -3.28 -39.04 -58.29
C THR E 155 -2.97 -38.15 -59.47
N GLY E 156 -1.73 -38.16 -59.92
CA GLY E 156 -1.27 -37.21 -60.92
C GLY E 156 -0.97 -35.87 -60.27
N THR E 157 -0.97 -35.87 -58.94
CA THR E 157 -0.78 -34.64 -58.15
C THR E 157 0.01 -34.98 -56.89
N TRP E 158 0.40 -33.93 -56.18
CA TRP E 158 1.36 -34.04 -55.08
C TRP E 158 0.64 -34.31 -53.76
N ASP E 159 -0.63 -34.70 -53.86
CA ASP E 159 -1.55 -34.73 -52.71
C ASP E 159 -1.08 -35.61 -51.56
N ALA E 160 -0.35 -36.67 -51.87
CA ALA E 160 0.16 -37.55 -50.82
C ALA E 160 1.13 -36.79 -49.92
N TYR E 161 1.84 -35.84 -50.52
CA TYR E 161 2.73 -34.97 -49.77
C TYR E 161 1.95 -33.86 -49.10
N LYS E 162 0.69 -33.74 -49.47
CA LYS E 162 -0.24 -32.71 -48.98
C LYS E 162 0.43 -31.35 -48.74
#